data_2BUG
#
_entry.id   2BUG
#
_cell.length_a   1.000
_cell.length_b   1.000
_cell.length_c   1.000
_cell.angle_alpha   90.00
_cell.angle_beta   90.00
_cell.angle_gamma   90.00
#
_symmetry.space_group_name_H-M   'P 1'
#
loop_
_entity.id
_entity.type
_entity.pdbx_description
1 polymer 'SERINE/THREONINE PROTEIN PHOSPHATASE 5'
2 polymer HSP90
#
loop_
_entity_poly.entity_id
_entity_poly.type
_entity_poly.pdbx_seq_one_letter_code
_entity_poly.pdbx_strand_id
1 'polypeptide(L)'
;MSGHHHHHHTDPPADGALKRAEELKTQANDYFKAKDYENAIKFYSQAIELNPSNAIYYGNRSLAYLRTECYGYALNDATR
AIELDKKYIKGYYRRAASNMALGKFRAALRDYETVVKVKPHDKDAKMKYQECNKIVKQKA
;
A
2 'polypeptide(L)' (ACE)MEEVD B
#
# COMPACT_ATOMS: atom_id res chain seq x y z
N THR A 10 -14.43 21.16 6.84
CA THR A 10 -15.46 20.46 6.09
C THR A 10 -15.58 19.01 6.56
N ASP A 11 -16.80 18.48 6.52
CA ASP A 11 -17.05 17.07 6.79
C ASP A 11 -16.50 16.23 5.65
N PRO A 12 -16.63 14.89 5.68
CA PRO A 12 -16.34 14.08 4.52
C PRO A 12 -17.02 14.65 3.30
N PRO A 13 -16.30 14.81 2.19
CA PRO A 13 -16.90 15.27 0.96
C PRO A 13 -18.09 14.41 0.61
N ALA A 14 -18.99 14.95 -0.16
CA ALA A 14 -20.24 14.28 -0.41
C ALA A 14 -20.09 13.10 -1.37
N ASP A 15 -21.22 12.46 -1.60
CA ASP A 15 -21.39 11.32 -2.51
C ASP A 15 -20.58 11.48 -3.80
N GLY A 16 -21.23 11.88 -4.90
CA GLY A 16 -20.56 12.08 -6.19
C GLY A 16 -19.05 12.34 -6.08
N ALA A 17 -18.64 13.27 -5.22
CA ALA A 17 -17.21 13.54 -4.99
C ALA A 17 -16.49 12.30 -4.45
N LEU A 18 -17.00 11.75 -3.36
CA LEU A 18 -16.43 10.56 -2.74
C LEU A 18 -16.47 9.35 -3.65
N LYS A 19 -17.60 9.15 -4.31
CA LYS A 19 -17.76 8.00 -5.19
C LYS A 19 -16.87 8.15 -6.42
N ARG A 20 -16.55 9.40 -6.76
CA ARG A 20 -15.63 9.66 -7.85
C ARG A 20 -14.21 9.40 -7.39
N ALA A 21 -13.95 9.64 -6.12
CA ALA A 21 -12.68 9.24 -5.54
C ALA A 21 -12.60 7.73 -5.57
N GLU A 22 -13.73 7.11 -5.25
CA GLU A 22 -13.92 5.68 -5.39
C GLU A 22 -13.73 5.26 -6.84
N GLU A 23 -14.11 6.14 -7.75
CA GLU A 23 -13.98 5.90 -9.18
C GLU A 23 -12.52 5.87 -9.56
N LEU A 24 -11.81 6.91 -9.15
CA LEU A 24 -10.40 7.05 -9.46
C LEU A 24 -9.61 5.90 -8.84
N LYS A 25 -10.11 5.37 -7.73
CA LYS A 25 -9.59 4.15 -7.14
C LYS A 25 -9.67 3.01 -8.15
N THR A 26 -10.83 2.91 -8.79
CA THR A 26 -11.10 1.89 -9.77
C THR A 26 -10.34 2.17 -11.08
N GLN A 27 -10.33 3.43 -11.49
CA GLN A 27 -9.62 3.86 -12.68
C GLN A 27 -8.12 3.64 -12.54
N ALA A 28 -7.58 3.99 -11.39
CA ALA A 28 -6.17 3.78 -11.12
C ALA A 28 -5.84 2.29 -11.06
N ASN A 29 -6.79 1.52 -10.54
CA ASN A 29 -6.69 0.06 -10.58
C ASN A 29 -6.63 -0.40 -12.03
N ASP A 30 -7.42 0.25 -12.87
CA ASP A 30 -7.48 -0.05 -14.30
C ASP A 30 -6.17 0.36 -14.98
N TYR A 31 -5.48 1.34 -14.41
CA TYR A 31 -4.17 1.74 -14.89
C TYR A 31 -3.09 0.81 -14.38
N PHE A 32 -3.25 0.29 -13.17
CA PHE A 32 -2.35 -0.74 -12.66
C PHE A 32 -2.51 -2.00 -13.52
N LYS A 33 -3.75 -2.30 -13.88
CA LYS A 33 -4.06 -3.39 -14.81
C LYS A 33 -3.53 -3.07 -16.20
N ALA A 34 -3.41 -1.78 -16.49
CA ALA A 34 -2.86 -1.32 -17.77
C ALA A 34 -1.34 -1.26 -17.70
N LYS A 35 -0.82 -1.47 -16.48
CA LYS A 35 0.60 -1.53 -16.22
C LYS A 35 1.22 -0.13 -16.20
N ASP A 36 0.38 0.88 -16.02
CA ASP A 36 0.86 2.25 -15.88
C ASP A 36 0.70 2.70 -14.44
N TYR A 37 1.78 2.65 -13.68
CA TYR A 37 1.71 2.90 -12.25
C TYR A 37 1.65 4.40 -11.95
N GLU A 38 2.19 5.22 -12.85
CA GLU A 38 2.22 6.66 -12.61
C GLU A 38 0.86 7.32 -12.86
N ASN A 39 0.13 6.83 -13.84
CA ASN A 39 -1.26 7.26 -14.03
C ASN A 39 -2.10 6.77 -12.87
N ALA A 40 -1.81 5.55 -12.43
CA ALA A 40 -2.44 5.01 -11.23
C ALA A 40 -2.13 5.93 -10.05
N ILE A 41 -0.85 6.29 -9.94
CA ILE A 41 -0.38 7.27 -8.97
C ILE A 41 -1.17 8.57 -9.08
N LYS A 42 -1.31 9.05 -10.31
CA LYS A 42 -2.02 10.28 -10.61
C LYS A 42 -3.48 10.21 -10.20
N PHE A 43 -4.19 9.20 -10.67
CA PHE A 43 -5.61 9.06 -10.39
C PHE A 43 -5.85 8.85 -8.90
N TYR A 44 -4.94 8.16 -8.23
CA TYR A 44 -5.02 8.02 -6.79
C TYR A 44 -4.80 9.37 -6.11
N SER A 45 -3.92 10.18 -6.66
CA SER A 45 -3.69 11.52 -6.13
C SER A 45 -4.94 12.37 -6.32
N GLN A 46 -5.53 12.25 -7.51
CA GLN A 46 -6.79 12.91 -7.83
C GLN A 46 -7.88 12.48 -6.84
N ALA A 47 -7.82 11.23 -6.40
CA ALA A 47 -8.76 10.72 -5.40
C ALA A 47 -8.49 11.35 -4.03
N ILE A 48 -7.24 11.73 -3.79
CA ILE A 48 -6.85 12.40 -2.55
C ILE A 48 -7.28 13.86 -2.58
N GLU A 49 -7.51 14.34 -3.79
CA GLU A 49 -8.04 15.66 -3.98
C GLU A 49 -9.54 15.66 -3.66
N LEU A 50 -10.16 14.52 -3.95
CA LEU A 50 -11.59 14.34 -3.71
C LEU A 50 -11.87 14.01 -2.25
N ASN A 51 -11.32 12.90 -1.75
CA ASN A 51 -11.39 12.62 -0.33
C ASN A 51 -9.96 12.68 0.21
N PRO A 52 -9.73 12.69 1.53
CA PRO A 52 -8.38 12.61 2.06
C PRO A 52 -8.01 11.28 2.73
N SER A 53 -8.71 10.98 3.83
CA SER A 53 -8.33 9.89 4.72
C SER A 53 -8.69 8.50 4.18
N ASN A 54 -8.05 8.11 3.10
CA ASN A 54 -8.20 6.76 2.57
C ASN A 54 -6.86 6.08 2.40
N ALA A 55 -6.58 5.11 3.25
CA ALA A 55 -5.36 4.32 3.17
C ALA A 55 -5.32 3.55 1.86
N ILE A 56 -6.48 3.35 1.27
CA ILE A 56 -6.60 2.72 -0.02
C ILE A 56 -5.85 3.50 -1.09
N TYR A 57 -6.06 4.81 -1.10
CA TYR A 57 -5.47 5.67 -2.11
C TYR A 57 -3.97 5.77 -1.92
N TYR A 58 -3.55 6.10 -0.70
CA TYR A 58 -2.13 6.21 -0.40
C TYR A 58 -1.44 4.85 -0.47
N GLY A 59 -2.16 3.81 -0.08
CA GLY A 59 -1.61 2.47 -0.06
C GLY A 59 -1.25 1.94 -1.42
N ASN A 60 -2.14 2.14 -2.39
CA ASN A 60 -1.85 1.68 -3.75
C ASN A 60 -1.04 2.71 -4.51
N ARG A 61 -1.02 3.93 -4.02
CA ARG A 61 -0.15 4.95 -4.59
C ARG A 61 1.30 4.60 -4.27
N SER A 62 1.54 4.28 -3.00
CA SER A 62 2.85 3.82 -2.57
C SER A 62 3.17 2.49 -3.22
N LEU A 63 2.16 1.67 -3.42
CA LEU A 63 2.29 0.41 -4.15
C LEU A 63 2.71 0.67 -5.60
N ALA A 64 2.22 1.75 -6.18
CA ALA A 64 2.60 2.15 -7.51
C ALA A 64 4.04 2.63 -7.52
N TYR A 65 4.38 3.47 -6.54
CA TYR A 65 5.76 3.88 -6.34
C TYR A 65 6.66 2.66 -6.09
N LEU A 66 6.08 1.66 -5.42
CA LEU A 66 6.78 0.42 -5.14
C LEU A 66 7.09 -0.35 -6.42
N ARG A 67 6.24 -0.18 -7.43
CA ARG A 67 6.47 -0.81 -8.73
C ARG A 67 7.53 -0.03 -9.50
N THR A 68 7.55 1.28 -9.29
CA THR A 68 8.46 2.16 -10.00
C THR A 68 9.71 2.45 -9.19
N GLU A 69 9.98 1.59 -8.20
CA GLU A 69 11.14 1.70 -7.31
C GLU A 69 11.31 3.10 -6.72
N CYS A 70 10.19 3.78 -6.52
CA CYS A 70 10.14 5.11 -5.91
C CYS A 70 9.99 4.99 -4.41
N TYR A 71 10.65 4.00 -3.85
CA TYR A 71 10.49 3.60 -2.44
C TYR A 71 10.55 4.76 -1.44
N GLY A 72 11.19 5.87 -1.79
CA GLY A 72 11.17 7.03 -0.93
C GLY A 72 9.76 7.53 -0.72
N TYR A 73 9.06 7.78 -1.82
CA TYR A 73 7.65 8.14 -1.79
C TYR A 73 6.82 6.98 -1.24
N ALA A 74 7.18 5.77 -1.66
CA ALA A 74 6.47 4.57 -1.25
C ALA A 74 6.40 4.46 0.27
N LEU A 75 7.55 4.59 0.92
CA LEU A 75 7.62 4.49 2.37
C LEU A 75 6.78 5.59 3.02
N ASN A 76 6.83 6.79 2.45
CA ASN A 76 6.03 7.91 2.94
C ASN A 76 4.54 7.61 2.84
N ASP A 77 4.08 7.32 1.62
CA ASP A 77 2.66 7.13 1.35
C ASP A 77 2.10 5.91 2.05
N ALA A 78 2.91 4.86 2.14
CA ALA A 78 2.49 3.63 2.83
C ALA A 78 2.27 3.92 4.31
N THR A 79 3.24 4.58 4.93
CA THR A 79 3.13 4.98 6.32
C THR A 79 1.93 5.92 6.49
N ARG A 80 1.74 6.79 5.51
CA ARG A 80 0.67 7.76 5.52
C ARG A 80 -0.68 7.07 5.56
N ALA A 81 -0.80 5.99 4.80
CA ALA A 81 -2.03 5.21 4.79
C ALA A 81 -2.34 4.66 6.18
N ILE A 82 -1.32 4.16 6.86
CA ILE A 82 -1.49 3.63 8.20
C ILE A 82 -1.93 4.73 9.18
N GLU A 83 -1.61 5.98 8.85
CA GLU A 83 -2.07 7.11 9.64
C GLU A 83 -3.54 7.42 9.34
N LEU A 84 -3.96 7.10 8.13
CA LEU A 84 -5.33 7.37 7.69
C LEU A 84 -6.27 6.25 8.13
N ASP A 85 -5.84 5.02 7.92
CA ASP A 85 -6.59 3.87 8.34
C ASP A 85 -5.68 3.01 9.18
N LYS A 86 -5.76 3.27 10.48
CA LYS A 86 -4.83 2.73 11.44
C LYS A 86 -4.79 1.22 11.36
N LYS A 87 -5.92 0.59 11.06
CA LYS A 87 -5.89 -0.82 10.75
C LYS A 87 -6.31 -1.03 9.30
N TYR A 88 -5.30 -1.21 8.47
CA TYR A 88 -5.46 -1.65 7.09
C TYR A 88 -4.35 -2.65 6.80
N ILE A 89 -4.70 -3.93 6.76
CA ILE A 89 -3.70 -5.00 6.66
C ILE A 89 -2.83 -4.85 5.43
N LYS A 90 -3.45 -4.62 4.28
CA LYS A 90 -2.71 -4.43 3.05
C LYS A 90 -1.91 -3.12 3.08
N GLY A 91 -2.28 -2.25 4.03
CA GLY A 91 -1.58 -0.99 4.19
C GLY A 91 -0.25 -1.21 4.88
N TYR A 92 -0.23 -2.04 5.92
CA TYR A 92 1.01 -2.43 6.58
C TYR A 92 1.91 -3.09 5.55
N TYR A 93 1.29 -3.94 4.74
CA TYR A 93 1.97 -4.69 3.69
C TYR A 93 2.71 -3.76 2.75
N ARG A 94 2.10 -2.60 2.45
CA ARG A 94 2.73 -1.60 1.59
C ARG A 94 3.97 -1.02 2.26
N ARG A 95 3.83 -0.66 3.52
CA ARG A 95 4.94 -0.06 4.27
C ARG A 95 6.05 -1.08 4.45
N ALA A 96 5.67 -2.31 4.72
CA ALA A 96 6.61 -3.40 4.86
C ALA A 96 7.45 -3.56 3.61
N ALA A 97 6.79 -3.55 2.45
CA ALA A 97 7.48 -3.67 1.17
C ALA A 97 8.41 -2.48 0.95
N SER A 98 7.97 -1.31 1.41
CA SER A 98 8.79 -0.11 1.34
C SER A 98 10.09 -0.29 2.11
N ASN A 99 9.98 -0.74 3.36
CA ASN A 99 11.16 -0.99 4.19
C ASN A 99 12.00 -2.12 3.60
N MET A 100 11.32 -3.18 3.18
CA MET A 100 11.96 -4.36 2.61
C MET A 100 12.82 -3.98 1.41
N ALA A 101 12.24 -3.21 0.51
CA ALA A 101 12.93 -2.77 -0.70
C ALA A 101 14.07 -1.81 -0.38
N LEU A 102 13.90 -1.04 0.70
CA LEU A 102 14.93 -0.10 1.13
C LEU A 102 16.13 -0.82 1.76
N GLY A 103 15.94 -2.08 2.12
CA GLY A 103 17.01 -2.84 2.73
C GLY A 103 16.83 -2.97 4.22
N LYS A 104 15.69 -2.51 4.71
CA LYS A 104 15.36 -2.62 6.12
C LYS A 104 14.57 -3.89 6.37
N PHE A 105 15.27 -5.02 6.36
CA PHE A 105 14.65 -6.32 6.43
C PHE A 105 14.05 -6.58 7.81
N ARG A 106 14.65 -6.01 8.85
CA ARG A 106 14.12 -6.20 10.19
C ARG A 106 12.90 -5.32 10.40
N ALA A 107 12.97 -4.10 9.88
CA ALA A 107 11.84 -3.18 9.92
C ALA A 107 10.66 -3.75 9.14
N ALA A 108 10.95 -4.23 7.93
CA ALA A 108 9.94 -4.83 7.08
C ALA A 108 9.37 -6.07 7.74
N LEU A 109 10.24 -6.83 8.37
CA LEU A 109 9.84 -8.05 9.06
C LEU A 109 8.84 -7.73 10.16
N ARG A 110 9.07 -6.62 10.86
CA ARG A 110 8.16 -6.21 11.94
C ARG A 110 6.76 -5.93 11.40
N ASP A 111 6.69 -5.28 10.24
CA ASP A 111 5.41 -4.97 9.62
C ASP A 111 4.78 -6.24 9.03
N TYR A 112 5.56 -7.00 8.26
CA TYR A 112 5.10 -8.27 7.70
C TYR A 112 4.64 -9.21 8.80
N GLU A 113 5.38 -9.22 9.90
CA GLU A 113 5.05 -10.07 11.04
C GLU A 113 3.67 -9.70 11.56
N THR A 114 3.40 -8.42 11.64
CA THR A 114 2.11 -7.95 12.11
C THR A 114 1.00 -8.41 11.17
N VAL A 115 1.26 -8.34 9.88
CA VAL A 115 0.29 -8.78 8.88
C VAL A 115 -0.01 -10.28 9.04
N VAL A 116 1.05 -11.07 9.22
CA VAL A 116 0.90 -12.51 9.35
C VAL A 116 0.37 -12.89 10.74
N LYS A 117 0.42 -11.97 11.68
CA LYS A 117 -0.16 -12.20 12.99
C LYS A 117 -1.65 -11.93 12.98
N VAL A 118 -2.09 -11.13 12.02
CA VAL A 118 -3.50 -10.86 11.85
C VAL A 118 -4.15 -11.98 11.05
N LYS A 119 -3.62 -12.26 9.86
CA LYS A 119 -4.10 -13.38 9.08
C LYS A 119 -2.97 -14.33 8.70
N PRO A 120 -2.64 -15.25 9.63
CA PRO A 120 -1.61 -16.27 9.40
C PRO A 120 -2.13 -17.38 8.50
N HIS A 121 -3.41 -17.33 8.22
CA HIS A 121 -4.04 -18.30 7.33
C HIS A 121 -3.84 -17.86 5.89
N ASP A 122 -3.42 -16.61 5.75
CA ASP A 122 -3.19 -16.01 4.44
C ASP A 122 -1.74 -16.14 4.05
N LYS A 123 -1.45 -16.98 3.06
CA LYS A 123 -0.10 -17.14 2.57
C LYS A 123 0.33 -15.91 1.79
N ASP A 124 -0.65 -15.09 1.42
CA ASP A 124 -0.37 -13.81 0.76
C ASP A 124 0.36 -12.90 1.73
N ALA A 125 0.06 -13.06 3.01
CA ALA A 125 0.73 -12.34 4.07
C ALA A 125 1.99 -13.08 4.48
N LYS A 126 1.83 -14.39 4.68
CA LYS A 126 2.93 -15.27 5.05
C LYS A 126 4.11 -15.10 4.09
N MET A 127 3.83 -15.23 2.80
CA MET A 127 4.86 -15.23 1.75
C MET A 127 5.94 -14.18 2.01
N LYS A 128 5.53 -12.92 2.13
CA LYS A 128 6.48 -11.83 2.31
C LYS A 128 7.08 -11.83 3.70
N TYR A 129 6.32 -12.29 4.69
CA TYR A 129 6.85 -12.44 6.05
C TYR A 129 8.02 -13.41 6.07
N GLN A 130 7.79 -14.58 5.51
CA GLN A 130 8.77 -15.66 5.56
C GLN A 130 9.94 -15.32 4.66
N GLU A 131 9.64 -14.65 3.57
CA GLU A 131 10.65 -14.15 2.66
C GLU A 131 11.57 -13.15 3.36
N CYS A 132 11.00 -12.23 4.12
CA CYS A 132 11.80 -11.27 4.86
C CYS A 132 12.54 -11.98 5.99
N ASN A 133 11.85 -12.93 6.62
CA ASN A 133 12.40 -13.68 7.74
C ASN A 133 13.63 -14.48 7.31
N LYS A 134 13.49 -15.23 6.21
CA LYS A 134 14.60 -16.03 5.72
C LYS A 134 15.76 -15.13 5.35
N ILE A 135 15.47 -13.95 4.81
CA ILE A 135 16.52 -13.02 4.42
C ILE A 135 17.26 -12.48 5.64
N VAL A 136 16.56 -12.33 6.74
CA VAL A 136 17.20 -11.99 8.00
C VAL A 136 18.19 -13.09 8.38
N LYS A 137 17.84 -14.34 8.06
CA LYS A 137 18.69 -15.48 8.35
C LYS A 137 19.80 -15.59 7.32
N GLN A 138 19.56 -15.04 6.14
CA GLN A 138 20.62 -14.93 5.13
C GLN A 138 21.70 -14.03 5.67
N LYS A 139 21.29 -13.10 6.51
CA LYS A 139 22.18 -12.15 7.13
C LYS A 139 22.76 -12.71 8.43
N ALA A 140 22.38 -13.94 8.75
CA ALA A 140 22.80 -14.64 9.97
C ALA A 140 22.06 -14.08 11.18
N MET B 2 -6.33 -11.33 -8.67
CA MET B 2 -7.42 -11.06 -9.62
C MET B 2 -7.46 -9.58 -10.01
N GLU B 3 -8.22 -8.78 -9.27
CA GLU B 3 -8.34 -7.36 -9.53
C GLU B 3 -8.29 -6.55 -8.24
N GLU B 4 -8.20 -7.24 -7.11
CA GLU B 4 -8.26 -6.59 -5.82
C GLU B 4 -6.92 -5.97 -5.44
N VAL B 5 -6.54 -4.94 -6.18
CA VAL B 5 -5.36 -4.17 -5.85
C VAL B 5 -5.59 -3.43 -4.55
N ASP B 6 -6.75 -2.81 -4.44
CA ASP B 6 -7.18 -2.18 -3.21
C ASP B 6 -7.96 -3.17 -2.36
N THR A 10 -15.45 20.57 7.75
CA THR A 10 -16.18 19.85 6.72
C THR A 10 -16.20 18.35 7.03
N ASP A 11 -17.37 17.73 6.87
CA ASP A 11 -17.49 16.27 6.94
C ASP A 11 -16.79 15.67 5.73
N PRO A 12 -16.75 14.34 5.60
CA PRO A 12 -16.34 13.70 4.36
C PRO A 12 -17.02 14.37 3.18
N PRO A 13 -16.30 14.60 2.09
CA PRO A 13 -16.90 15.14 0.88
C PRO A 13 -18.09 14.31 0.46
N ALA A 14 -18.95 14.91 -0.32
CA ALA A 14 -20.20 14.27 -0.63
C ALA A 14 -20.04 13.14 -1.65
N ASP A 15 -21.18 12.57 -1.99
CA ASP A 15 -21.36 11.53 -3.01
C ASP A 15 -20.48 11.78 -4.24
N GLY A 16 -21.07 12.30 -5.31
CA GLY A 16 -20.32 12.63 -6.54
C GLY A 16 -18.81 12.83 -6.36
N ALA A 17 -18.41 13.61 -5.35
CA ALA A 17 -16.99 13.79 -5.02
C ALA A 17 -16.34 12.47 -4.60
N LEU A 18 -16.90 11.85 -3.57
CA LEU A 18 -16.42 10.58 -3.04
C LEU A 18 -16.45 9.48 -4.09
N LYS A 19 -17.55 9.40 -4.80
CA LYS A 19 -17.73 8.36 -5.81
C LYS A 19 -16.75 8.57 -6.96
N ARG A 20 -16.39 9.84 -7.19
CA ARG A 20 -15.39 10.17 -8.20
C ARG A 20 -14.01 9.81 -7.69
N ALA A 21 -13.80 9.94 -6.39
CA ALA A 21 -12.57 9.48 -5.79
C ALA A 21 -12.46 7.97 -5.98
N GLU A 22 -13.60 7.30 -5.82
CA GLU A 22 -13.69 5.87 -6.07
C GLU A 22 -13.55 5.58 -7.56
N GLU A 23 -13.95 6.56 -8.36
CA GLU A 23 -13.86 6.45 -9.80
C GLU A 23 -12.41 6.37 -10.22
N LEU A 24 -11.63 7.29 -9.69
CA LEU A 24 -10.24 7.43 -10.03
C LEU A 24 -9.44 6.21 -9.60
N LYS A 25 -9.81 5.60 -8.46
CA LYS A 25 -9.13 4.38 -8.05
C LYS A 25 -9.49 3.24 -8.99
N THR A 26 -10.68 3.32 -9.58
CA THR A 26 -11.13 2.35 -10.55
C THR A 26 -10.37 2.56 -11.86
N GLN A 27 -10.24 3.82 -12.26
CA GLN A 27 -9.49 4.18 -13.46
C GLN A 27 -8.01 3.85 -13.28
N ALA A 28 -7.47 4.15 -12.11
CA ALA A 28 -6.08 3.86 -11.82
C ALA A 28 -5.84 2.36 -11.76
N ASN A 29 -6.87 1.60 -11.41
CA ASN A 29 -6.80 0.13 -11.46
C ASN A 29 -6.66 -0.31 -12.91
N ASP A 30 -7.29 0.46 -13.79
CA ASP A 30 -7.16 0.23 -15.22
C ASP A 30 -5.74 0.50 -15.66
N TYR A 31 -5.16 1.56 -15.14
CA TYR A 31 -3.79 1.93 -15.46
C TYR A 31 -2.81 0.98 -14.79
N PHE A 32 -3.21 0.39 -13.67
CA PHE A 32 -2.41 -0.61 -13.00
C PHE A 32 -2.18 -1.80 -13.92
N LYS A 33 -3.27 -2.29 -14.52
CA LYS A 33 -3.17 -3.42 -15.43
C LYS A 33 -2.74 -2.95 -16.82
N ALA A 34 -2.82 -1.65 -17.05
CA ALA A 34 -2.31 -1.06 -18.28
C ALA A 34 -0.80 -0.86 -18.20
N LYS A 35 -0.27 -1.05 -16.98
CA LYS A 35 1.15 -0.95 -16.69
C LYS A 35 1.63 0.49 -16.67
N ASP A 36 0.72 1.40 -16.33
CA ASP A 36 1.05 2.80 -16.15
C ASP A 36 0.80 3.19 -14.70
N TYR A 37 1.80 3.00 -13.87
CA TYR A 37 1.66 3.22 -12.44
C TYR A 37 1.81 4.69 -12.10
N GLU A 38 2.33 5.47 -13.03
CA GLU A 38 2.50 6.90 -12.82
C GLU A 38 1.19 7.61 -12.97
N ASN A 39 0.46 7.26 -14.01
CA ASN A 39 -0.83 7.84 -14.17
C ASN A 39 -1.76 7.32 -13.09
N ALA A 40 -1.53 6.08 -12.67
CA ALA A 40 -2.24 5.52 -11.54
C ALA A 40 -1.98 6.36 -10.29
N ILE A 41 -0.69 6.66 -10.05
CA ILE A 41 -0.28 7.57 -8.99
C ILE A 41 -1.08 8.86 -9.05
N LYS A 42 -1.23 9.39 -10.26
CA LYS A 42 -2.00 10.60 -10.50
C LYS A 42 -3.44 10.45 -10.04
N PHE A 43 -4.14 9.46 -10.59
CA PHE A 43 -5.56 9.28 -10.31
C PHE A 43 -5.82 9.02 -8.82
N TYR A 44 -4.91 8.30 -8.17
CA TYR A 44 -5.04 8.07 -6.73
C TYR A 44 -4.85 9.37 -5.96
N SER A 45 -3.92 10.21 -6.42
CA SER A 45 -3.69 11.50 -5.80
C SER A 45 -4.90 12.39 -5.98
N GLN A 46 -5.46 12.37 -7.19
CA GLN A 46 -6.68 13.11 -7.49
C GLN A 46 -7.82 12.67 -6.58
N ALA A 47 -7.84 11.39 -6.24
CA ALA A 47 -8.85 10.85 -5.33
C ALA A 47 -8.65 11.41 -3.91
N ILE A 48 -7.41 11.73 -3.58
CA ILE A 48 -7.06 12.31 -2.29
C ILE A 48 -7.31 13.83 -2.32
N GLU A 49 -7.58 14.32 -3.50
CA GLU A 49 -7.98 15.70 -3.66
C GLU A 49 -9.49 15.81 -3.48
N LEU A 50 -10.17 14.71 -3.81
CA LEU A 50 -11.61 14.65 -3.69
C LEU A 50 -12.00 14.28 -2.27
N ASN A 51 -11.54 13.12 -1.80
CA ASN A 51 -11.71 12.76 -0.40
C ASN A 51 -10.35 13.00 0.26
N PRO A 52 -10.20 12.94 1.58
CA PRO A 52 -8.89 13.00 2.21
C PRO A 52 -8.40 11.67 2.81
N SER A 53 -8.89 11.34 4.00
CA SER A 53 -8.39 10.22 4.77
C SER A 53 -8.89 8.89 4.22
N ASN A 54 -8.27 8.45 3.15
CA ASN A 54 -8.58 7.15 2.60
C ASN A 54 -7.31 6.32 2.48
N ALA A 55 -7.11 5.44 3.44
CA ALA A 55 -5.90 4.60 3.50
C ALA A 55 -5.79 3.73 2.25
N ILE A 56 -6.92 3.47 1.61
CA ILE A 56 -6.96 2.68 0.39
C ILE A 56 -6.23 3.39 -0.74
N TYR A 57 -6.49 4.68 -0.91
CA TYR A 57 -5.87 5.44 -1.99
C TYR A 57 -4.39 5.64 -1.72
N TYR A 58 -4.05 5.83 -0.45
CA TYR A 58 -2.66 6.01 -0.05
C TYR A 58 -1.88 4.69 -0.15
N GLY A 59 -2.50 3.60 0.31
CA GLY A 59 -1.85 2.31 0.26
C GLY A 59 -1.72 1.79 -1.16
N ASN A 60 -2.63 2.21 -2.01
CA ASN A 60 -2.61 1.81 -3.40
C ASN A 60 -1.60 2.66 -4.17
N ARG A 61 -1.56 3.95 -3.89
CA ARG A 61 -0.62 4.84 -4.55
C ARG A 61 0.81 4.49 -4.16
N SER A 62 1.03 4.14 -2.89
CA SER A 62 2.32 3.68 -2.43
C SER A 62 2.73 2.42 -3.21
N LEU A 63 1.76 1.56 -3.49
CA LEU A 63 2.00 0.41 -4.34
C LEU A 63 2.47 0.83 -5.74
N ALA A 64 1.92 1.93 -6.24
CA ALA A 64 2.29 2.42 -7.56
C ALA A 64 3.74 2.87 -7.55
N TYR A 65 4.12 3.60 -6.50
CA TYR A 65 5.52 3.94 -6.26
C TYR A 65 6.37 2.67 -6.10
N LEU A 66 5.75 1.65 -5.52
CA LEU A 66 6.39 0.35 -5.33
C LEU A 66 6.62 -0.37 -6.65
N ARG A 67 5.69 -0.22 -7.59
CA ARG A 67 5.78 -0.87 -8.88
C ARG A 67 6.89 -0.27 -9.72
N THR A 68 7.09 1.04 -9.57
CA THR A 68 8.05 1.76 -10.39
C THR A 68 9.47 1.64 -9.84
N GLU A 69 9.81 2.50 -8.89
CA GLU A 69 11.16 2.56 -8.31
C GLU A 69 11.19 3.57 -7.18
N CYS A 70 10.03 3.85 -6.62
CA CYS A 70 9.84 4.98 -5.73
C CYS A 70 9.56 4.51 -4.32
N TYR A 71 10.19 3.42 -3.94
CA TYR A 71 9.97 2.78 -2.64
C TYR A 71 10.16 3.77 -1.48
N GLY A 72 10.99 4.78 -1.67
CA GLY A 72 11.12 5.83 -0.68
C GLY A 72 9.78 6.53 -0.47
N TYR A 73 9.18 6.97 -1.56
CA TYR A 73 7.84 7.55 -1.53
C TYR A 73 6.85 6.52 -1.03
N ALA A 74 6.99 5.30 -1.52
CA ALA A 74 6.09 4.20 -1.19
C ALA A 74 6.02 3.99 0.32
N LEU A 75 7.18 3.95 0.96
CA LEU A 75 7.25 3.76 2.40
C LEU A 75 6.53 4.90 3.11
N ASN A 76 6.79 6.13 2.66
CA ASN A 76 6.18 7.30 3.26
C ASN A 76 4.67 7.30 3.04
N ASP A 77 4.28 6.96 1.83
CA ASP A 77 2.88 6.98 1.42
C ASP A 77 2.10 5.87 2.13
N ALA A 78 2.71 4.69 2.21
CA ALA A 78 2.10 3.55 2.90
C ALA A 78 2.00 3.82 4.40
N THR A 79 3.02 4.47 4.96
CA THR A 79 2.99 4.84 6.37
C THR A 79 1.89 5.86 6.62
N ARG A 80 1.61 6.69 5.61
CA ARG A 80 0.54 7.66 5.71
C ARG A 80 -0.82 6.96 5.75
N ALA A 81 -0.92 5.83 5.04
CA ALA A 81 -2.13 5.02 5.11
C ALA A 81 -2.32 4.46 6.50
N ILE A 82 -1.24 4.00 7.10
CA ILE A 82 -1.27 3.53 8.49
C ILE A 82 -1.72 4.66 9.43
N GLU A 83 -1.45 5.90 9.05
CA GLU A 83 -1.87 7.05 9.83
C GLU A 83 -3.37 7.28 9.67
N LEU A 84 -3.92 6.89 8.53
CA LEU A 84 -5.33 7.06 8.23
C LEU A 84 -6.12 5.85 8.72
N ASP A 85 -5.48 4.69 8.69
CA ASP A 85 -6.09 3.45 9.10
C ASP A 85 -5.04 2.65 9.82
N LYS A 86 -4.96 2.88 11.12
CA LYS A 86 -3.87 2.34 11.91
C LYS A 86 -3.76 0.84 11.77
N LYS A 87 -4.88 0.15 11.64
CA LYS A 87 -4.82 -1.24 11.29
C LYS A 87 -5.49 -1.49 9.95
N TYR A 88 -4.66 -1.65 8.94
CA TYR A 88 -5.05 -2.15 7.65
C TYR A 88 -4.03 -3.18 7.24
N ILE A 89 -4.43 -4.42 7.15
CA ILE A 89 -3.50 -5.53 6.98
C ILE A 89 -2.70 -5.39 5.68
N LYS A 90 -3.39 -5.17 4.58
CA LYS A 90 -2.72 -4.94 3.31
C LYS A 90 -2.01 -3.59 3.31
N GLY A 91 -2.36 -2.74 4.26
CA GLY A 91 -1.70 -1.45 4.41
C GLY A 91 -0.31 -1.62 4.97
N TYR A 92 -0.20 -2.36 6.07
CA TYR A 92 1.10 -2.73 6.62
C TYR A 92 1.93 -3.43 5.56
N TYR A 93 1.25 -4.33 4.83
CA TYR A 93 1.86 -5.17 3.81
C TYR A 93 2.57 -4.32 2.75
N ARG A 94 1.97 -3.17 2.41
CA ARG A 94 2.57 -2.24 1.45
C ARG A 94 3.78 -1.54 2.07
N ARG A 95 3.64 -1.15 3.32
CA ARG A 95 4.71 -0.49 4.05
C ARG A 95 5.91 -1.42 4.16
N ALA A 96 5.64 -2.67 4.47
CA ALA A 96 6.67 -3.68 4.60
C ALA A 96 7.41 -3.89 3.28
N ALA A 97 6.67 -3.86 2.18
CA ALA A 97 7.26 -4.07 0.88
C ALA A 97 8.20 -2.92 0.54
N SER A 98 7.86 -1.73 1.02
CA SER A 98 8.68 -0.56 0.80
C SER A 98 9.96 -0.66 1.64
N ASN A 99 9.80 -0.98 2.92
CA ASN A 99 10.96 -1.17 3.81
C ASN A 99 11.86 -2.27 3.28
N MET A 100 11.25 -3.35 2.83
CA MET A 100 11.97 -4.50 2.28
C MET A 100 12.79 -4.07 1.08
N ALA A 101 12.17 -3.31 0.19
CA ALA A 101 12.80 -2.84 -1.02
C ALA A 101 13.88 -1.79 -0.73
N LEU A 102 13.78 -1.13 0.42
CA LEU A 102 14.75 -0.10 0.80
C LEU A 102 15.97 -0.72 1.48
N GLY A 103 15.89 -1.99 1.81
CA GLY A 103 16.99 -2.66 2.47
C GLY A 103 16.80 -2.75 3.97
N LYS A 104 15.66 -2.27 4.44
CA LYS A 104 15.33 -2.34 5.86
C LYS A 104 14.59 -3.64 6.14
N PHE A 105 15.33 -4.75 6.04
CA PHE A 105 14.75 -6.08 6.13
C PHE A 105 14.17 -6.36 7.51
N ARG A 106 14.76 -5.79 8.55
CA ARG A 106 14.25 -6.01 9.90
C ARG A 106 13.03 -5.13 10.14
N ALA A 107 13.08 -3.91 9.61
CA ALA A 107 11.96 -3.00 9.70
C ALA A 107 10.76 -3.55 8.94
N ALA A 108 11.03 -4.07 7.74
CA ALA A 108 10.01 -4.68 6.91
C ALA A 108 9.45 -5.92 7.59
N LEU A 109 10.33 -6.63 8.26
CA LEU A 109 9.93 -7.83 8.97
C LEU A 109 8.96 -7.50 10.07
N ARG A 110 9.09 -6.31 10.66
CA ARG A 110 8.19 -5.89 11.72
C ARG A 110 6.80 -5.66 11.14
N ASP A 111 6.77 -5.05 9.97
CA ASP A 111 5.51 -4.76 9.30
C ASP A 111 4.86 -6.06 8.84
N TYR A 112 5.65 -6.91 8.19
CA TYR A 112 5.17 -8.22 7.75
C TYR A 112 4.75 -9.07 8.95
N GLU A 113 5.53 -8.97 10.02
CA GLU A 113 5.28 -9.70 11.26
C GLU A 113 3.88 -9.40 11.76
N THR A 114 3.55 -8.12 11.76
CA THR A 114 2.25 -7.67 12.21
C THR A 114 1.14 -8.31 11.36
N VAL A 115 1.36 -8.35 10.05
CA VAL A 115 0.42 -8.97 9.13
C VAL A 115 0.19 -10.44 9.49
N VAL A 116 1.27 -11.15 9.75
CA VAL A 116 1.19 -12.58 10.04
C VAL A 116 0.72 -12.82 11.48
N LYS A 117 0.82 -11.79 12.32
CA LYS A 117 0.34 -11.88 13.69
C LYS A 117 -1.17 -11.65 13.75
N VAL A 118 -1.71 -11.10 12.69
CA VAL A 118 -3.15 -10.94 12.58
C VAL A 118 -3.77 -12.15 11.90
N LYS A 119 -3.14 -12.61 10.82
CA LYS A 119 -3.60 -13.81 10.13
C LYS A 119 -2.43 -14.74 9.78
N PRO A 120 -2.05 -15.59 10.74
CA PRO A 120 -0.91 -16.52 10.61
C PRO A 120 -1.23 -17.73 9.75
N HIS A 121 -2.51 -17.98 9.51
CA HIS A 121 -2.92 -19.10 8.67
C HIS A 121 -2.97 -18.66 7.22
N ASP A 122 -2.77 -17.37 7.02
CA ASP A 122 -2.84 -16.79 5.69
C ASP A 122 -1.50 -16.89 4.98
N LYS A 123 -1.51 -17.56 3.83
CA LYS A 123 -0.32 -17.78 3.03
C LYS A 123 0.33 -16.46 2.61
N ASP A 124 -0.50 -15.46 2.34
CA ASP A 124 -0.02 -14.16 1.90
C ASP A 124 0.79 -13.49 3.00
N ALA A 125 0.26 -13.55 4.22
CA ALA A 125 0.96 -13.04 5.39
C ALA A 125 2.24 -13.83 5.63
N LYS A 126 2.10 -15.16 5.66
CA LYS A 126 3.23 -16.04 5.88
C LYS A 126 4.34 -15.76 4.88
N MET A 127 4.00 -15.88 3.60
CA MET A 127 4.98 -15.87 2.52
C MET A 127 6.02 -14.77 2.67
N LYS A 128 5.56 -13.52 2.64
CA LYS A 128 6.46 -12.39 2.69
C LYS A 128 7.13 -12.26 4.06
N TYR A 129 6.43 -12.70 5.10
CA TYR A 129 7.01 -12.72 6.43
C TYR A 129 8.19 -13.69 6.49
N GLN A 130 8.01 -14.89 5.95
CA GLN A 130 9.06 -15.90 5.95
C GLN A 130 10.22 -15.42 5.10
N GLU A 131 9.87 -14.83 3.96
CA GLU A 131 10.84 -14.29 3.03
C GLU A 131 11.72 -13.24 3.71
N CYS A 132 11.10 -12.30 4.41
CA CYS A 132 11.84 -11.26 5.10
C CYS A 132 12.57 -11.84 6.30
N ASN A 133 11.90 -12.77 7.00
CA ASN A 133 12.46 -13.41 8.18
C ASN A 133 13.78 -14.10 7.85
N LYS A 134 13.73 -14.97 6.85
CA LYS A 134 14.91 -15.72 6.45
C LYS A 134 16.02 -14.78 5.98
N ILE A 135 15.65 -13.72 5.27
CA ILE A 135 16.64 -12.80 4.73
C ILE A 135 17.32 -11.99 5.85
N VAL A 136 16.59 -11.70 6.89
CA VAL A 136 17.19 -11.09 8.07
C VAL A 136 18.30 -12.00 8.61
N LYS A 137 18.03 -13.30 8.56
CA LYS A 137 19.00 -14.30 9.02
C LYS A 137 20.13 -14.46 8.04
N GLN A 138 19.87 -14.20 6.77
CA GLN A 138 20.91 -14.22 5.75
C GLN A 138 21.97 -13.20 6.12
N LYS A 139 21.50 -12.12 6.73
CA LYS A 139 22.35 -11.04 7.15
C LYS A 139 23.00 -11.35 8.50
N ALA A 140 22.20 -11.38 9.55
CA ALA A 140 22.68 -11.60 10.90
C ALA A 140 21.56 -12.08 11.81
N MET B 2 -5.03 -10.60 -12.25
CA MET B 2 -4.72 -9.29 -11.70
C MET B 2 -3.90 -9.41 -10.43
N GLU B 3 -3.28 -8.32 -10.03
CA GLU B 3 -2.65 -8.20 -8.73
C GLU B 3 -3.43 -7.19 -7.91
N GLU B 4 -3.86 -7.60 -6.71
CA GLU B 4 -4.69 -6.75 -5.86
C GLU B 4 -4.06 -5.36 -5.69
N VAL B 5 -4.78 -4.36 -6.18
CA VAL B 5 -4.29 -2.98 -6.15
C VAL B 5 -4.30 -2.41 -4.73
N ASP B 6 -5.30 -2.77 -3.95
CA ASP B 6 -5.40 -2.33 -2.56
C ASP B 6 -6.04 -3.40 -1.72
N THR A 10 -14.73 19.85 7.35
CA THR A 10 -15.66 19.23 6.43
C THR A 10 -15.93 17.78 6.82
N ASP A 11 -17.16 17.34 6.60
CA ASP A 11 -17.53 15.93 6.75
C ASP A 11 -16.80 15.10 5.70
N PRO A 12 -16.95 13.76 5.72
CA PRO A 12 -16.52 12.94 4.60
C PRO A 12 -17.17 13.44 3.33
N PRO A 13 -16.37 13.77 2.31
CA PRO A 13 -16.87 14.35 1.07
C PRO A 13 -18.05 13.58 0.51
N ALA A 14 -18.96 14.31 -0.14
CA ALA A 14 -20.18 13.72 -0.67
C ALA A 14 -19.86 12.52 -1.55
N ASP A 15 -20.71 11.49 -1.51
CA ASP A 15 -20.38 10.23 -2.14
C ASP A 15 -20.62 10.26 -3.65
N GLY A 16 -20.46 11.43 -4.20
CA GLY A 16 -20.31 11.59 -5.63
C GLY A 16 -18.86 11.85 -5.91
N ALA A 17 -18.26 12.57 -4.96
CA ALA A 17 -16.83 12.79 -4.93
C ALA A 17 -16.14 11.56 -4.37
N LEU A 18 -16.78 10.88 -3.41
CA LEU A 18 -16.23 9.66 -2.87
C LEU A 18 -16.41 8.50 -3.85
N LYS A 19 -17.59 8.39 -4.47
CA LYS A 19 -17.77 7.40 -5.51
C LYS A 19 -16.80 7.67 -6.65
N ARG A 20 -16.48 8.94 -6.86
CA ARG A 20 -15.54 9.34 -7.89
C ARG A 20 -14.10 9.08 -7.45
N ALA A 21 -13.82 9.28 -6.18
CA ALA A 21 -12.52 8.91 -5.62
C ALA A 21 -12.34 7.42 -5.76
N GLU A 22 -13.43 6.70 -5.54
CA GLU A 22 -13.46 5.26 -5.74
C GLU A 22 -13.35 4.94 -7.23
N GLU A 23 -13.92 5.81 -8.06
CA GLU A 23 -13.84 5.66 -9.50
C GLU A 23 -12.42 5.83 -9.96
N LEU A 24 -11.76 6.86 -9.45
CA LEU A 24 -10.40 7.17 -9.84
C LEU A 24 -9.47 6.04 -9.45
N LYS A 25 -9.75 5.39 -8.34
CA LYS A 25 -9.00 4.22 -7.92
C LYS A 25 -9.19 3.11 -8.96
N THR A 26 -10.40 3.06 -9.49
CA THR A 26 -10.76 2.06 -10.48
C THR A 26 -10.16 2.41 -11.85
N GLN A 27 -10.27 3.67 -12.24
CA GLN A 27 -9.62 4.17 -13.46
C GLN A 27 -8.10 4.02 -13.38
N ALA A 28 -7.56 4.21 -12.19
CA ALA A 28 -6.13 4.06 -11.99
C ALA A 28 -5.73 2.60 -12.10
N ASN A 29 -6.67 1.70 -11.82
CA ASN A 29 -6.48 0.28 -12.09
C ASN A 29 -6.39 0.07 -13.61
N ASP A 30 -7.16 0.85 -14.34
CA ASP A 30 -7.13 0.83 -15.81
C ASP A 30 -5.76 1.25 -16.31
N TYR A 31 -5.19 2.24 -15.63
CA TYR A 31 -3.87 2.72 -15.98
C TYR A 31 -2.78 1.79 -15.44
N PHE A 32 -3.06 1.15 -14.32
CA PHE A 32 -2.16 0.16 -13.74
C PHE A 32 -1.96 -0.99 -14.73
N LYS A 33 -3.07 -1.47 -15.29
CA LYS A 33 -3.03 -2.56 -16.26
C LYS A 33 -2.61 -2.02 -17.63
N ALA A 34 -2.75 -0.71 -17.81
CA ALA A 34 -2.28 -0.06 -19.03
C ALA A 34 -0.78 0.18 -18.97
N LYS A 35 -0.21 -0.05 -17.78
CA LYS A 35 1.22 0.05 -17.53
C LYS A 35 1.67 1.51 -17.43
N ASP A 36 0.73 2.39 -17.14
CA ASP A 36 1.05 3.79 -16.87
C ASP A 36 0.87 4.06 -15.39
N TYR A 37 1.93 3.87 -14.64
CA TYR A 37 1.85 3.98 -13.20
C TYR A 37 1.90 5.43 -12.74
N GLU A 38 2.25 6.33 -13.64
CA GLU A 38 2.26 7.76 -13.31
C GLU A 38 0.87 8.30 -13.36
N ASN A 39 0.13 7.92 -14.37
CA ASN A 39 -1.24 8.34 -14.44
C ASN A 39 -2.01 7.69 -13.32
N ALA A 40 -1.66 6.43 -13.03
CA ALA A 40 -2.22 5.73 -11.89
C ALA A 40 -1.97 6.52 -10.62
N ILE A 41 -0.72 6.91 -10.39
CA ILE A 41 -0.35 7.77 -9.26
C ILE A 41 -1.21 9.02 -9.24
N LYS A 42 -1.38 9.63 -10.40
CA LYS A 42 -2.19 10.84 -10.52
C LYS A 42 -3.62 10.59 -10.09
N PHE A 43 -4.27 9.59 -10.68
CA PHE A 43 -5.66 9.30 -10.38
C PHE A 43 -5.85 8.89 -8.92
N TYR A 44 -4.87 8.23 -8.35
CA TYR A 44 -4.91 7.90 -6.93
C TYR A 44 -4.80 9.17 -6.10
N SER A 45 -3.89 10.06 -6.49
CA SER A 45 -3.73 11.34 -5.81
C SER A 45 -4.99 12.17 -5.96
N GLN A 46 -5.60 12.10 -7.15
CA GLN A 46 -6.84 12.79 -7.44
C GLN A 46 -7.96 12.29 -6.51
N ALA A 47 -7.91 11.02 -6.15
CA ALA A 47 -8.85 10.46 -5.20
C ALA A 47 -8.63 11.05 -3.80
N ILE A 48 -7.39 11.45 -3.55
CA ILE A 48 -7.01 12.09 -2.29
C ILE A 48 -7.26 13.60 -2.37
N GLU A 49 -7.62 14.05 -3.55
CA GLU A 49 -8.04 15.42 -3.74
C GLU A 49 -9.55 15.49 -3.50
N LEU A 50 -10.20 14.35 -3.67
CA LEU A 50 -11.63 14.24 -3.43
C LEU A 50 -11.88 13.84 -1.98
N ASN A 51 -11.36 12.68 -1.57
CA ASN A 51 -11.40 12.30 -0.17
C ASN A 51 -10.06 12.70 0.42
N PRO A 52 -9.87 12.71 1.73
CA PRO A 52 -8.56 12.86 2.32
C PRO A 52 -7.99 11.59 2.97
N SER A 53 -8.45 11.31 4.18
CA SER A 53 -7.93 10.20 4.97
C SER A 53 -8.52 8.87 4.51
N ASN A 54 -7.99 8.34 3.44
CA ASN A 54 -8.33 7.00 3.02
C ASN A 54 -7.07 6.18 2.87
N ALA A 55 -6.86 5.25 3.79
CA ALA A 55 -5.68 4.39 3.78
C ALA A 55 -5.59 3.62 2.48
N ILE A 56 -6.73 3.40 1.84
CA ILE A 56 -6.80 2.70 0.58
C ILE A 56 -6.06 3.48 -0.50
N TYR A 57 -6.37 4.76 -0.62
CA TYR A 57 -5.81 5.57 -1.70
C TYR A 57 -4.31 5.78 -1.52
N TYR A 58 -3.87 5.82 -0.27
CA TYR A 58 -2.45 5.93 0.01
C TYR A 58 -1.75 4.58 -0.17
N GLY A 59 -2.50 3.50 0.03
CA GLY A 59 -1.98 2.18 -0.29
C GLY A 59 -1.88 2.00 -1.78
N ASN A 60 -2.86 2.53 -2.48
CA ASN A 60 -2.85 2.58 -3.94
C ASN A 60 -1.60 3.27 -4.44
N ARG A 61 -1.36 4.47 -3.92
CA ARG A 61 -0.23 5.28 -4.35
C ARG A 61 1.10 4.61 -4.05
N SER A 62 1.27 4.14 -2.82
CA SER A 62 2.51 3.52 -2.41
C SER A 62 2.88 2.36 -3.35
N LEU A 63 1.88 1.55 -3.70
CA LEU A 63 2.07 0.48 -4.66
C LEU A 63 2.48 1.04 -6.03
N ALA A 64 1.87 2.14 -6.44
CA ALA A 64 2.20 2.78 -7.70
C ALA A 64 3.64 3.29 -7.67
N TYR A 65 4.02 3.87 -6.54
CA TYR A 65 5.40 4.29 -6.31
C TYR A 65 6.31 3.06 -6.27
N LEU A 66 5.76 1.95 -5.79
CA LEU A 66 6.47 0.69 -5.74
C LEU A 66 6.70 0.13 -7.14
N ARG A 67 6.00 0.68 -8.11
CA ARG A 67 6.23 0.33 -9.51
C ARG A 67 7.25 1.29 -10.12
N THR A 68 7.14 2.56 -9.78
CA THR A 68 7.94 3.62 -10.38
C THR A 68 9.27 3.84 -9.66
N GLU A 69 9.85 2.76 -9.12
CA GLU A 69 11.12 2.79 -8.37
C GLU A 69 11.14 3.92 -7.32
N CYS A 70 9.96 4.22 -6.79
CA CYS A 70 9.79 5.30 -5.83
C CYS A 70 9.54 4.74 -4.44
N TYR A 71 10.21 3.64 -4.12
CA TYR A 71 9.96 2.91 -2.88
C TYR A 71 10.12 3.82 -1.66
N GLY A 72 10.88 4.91 -1.82
CA GLY A 72 10.99 5.90 -0.77
C GLY A 72 9.67 6.59 -0.50
N TYR A 73 9.06 7.14 -1.55
CA TYR A 73 7.73 7.72 -1.43
C TYR A 73 6.72 6.67 -1.02
N ALA A 74 6.90 5.47 -1.56
CA ALA A 74 6.03 4.35 -1.26
C ALA A 74 6.01 4.07 0.24
N LEU A 75 7.19 4.00 0.83
CA LEU A 75 7.32 3.75 2.26
C LEU A 75 6.60 4.84 3.07
N ASN A 76 6.84 6.09 2.70
CA ASN A 76 6.26 7.22 3.44
C ASN A 76 4.75 7.31 3.22
N ASP A 77 4.31 7.01 2.00
CA ASP A 77 2.89 7.09 1.66
C ASP A 77 2.13 5.94 2.31
N ALA A 78 2.75 4.76 2.32
CA ALA A 78 2.17 3.61 3.01
C ALA A 78 2.13 3.85 4.50
N THR A 79 3.16 4.53 5.02
CA THR A 79 3.19 4.94 6.41
C THR A 79 2.05 5.92 6.69
N ARG A 80 1.76 6.75 5.69
CA ARG A 80 0.69 7.72 5.82
C ARG A 80 -0.66 7.01 5.92
N ALA A 81 -0.80 5.91 5.19
CA ALA A 81 -1.99 5.07 5.31
C ALA A 81 -2.13 4.54 6.73
N ILE A 82 -1.01 4.14 7.33
CA ILE A 82 -0.99 3.72 8.72
C ILE A 82 -1.41 4.89 9.64
N GLU A 83 -1.19 6.10 9.17
CA GLU A 83 -1.57 7.31 9.92
C GLU A 83 -3.03 7.67 9.68
N LEU A 84 -3.62 7.06 8.66
CA LEU A 84 -5.04 7.27 8.36
C LEU A 84 -5.85 6.14 8.97
N ASP A 85 -5.46 4.92 8.64
CA ASP A 85 -6.03 3.73 9.22
C ASP A 85 -4.91 2.97 9.89
N LYS A 86 -4.75 3.23 11.18
CA LYS A 86 -3.63 2.73 11.95
C LYS A 86 -3.47 1.24 11.79
N LYS A 87 -4.58 0.51 11.72
CA LYS A 87 -4.48 -0.88 11.31
C LYS A 87 -5.21 -1.11 10.00
N TYR A 88 -4.41 -1.21 8.95
CA TYR A 88 -4.87 -1.65 7.65
C TYR A 88 -3.86 -2.66 7.14
N ILE A 89 -4.27 -3.91 7.06
CA ILE A 89 -3.34 -5.02 6.82
C ILE A 89 -2.61 -4.87 5.50
N LYS A 90 -3.36 -4.62 4.43
CA LYS A 90 -2.76 -4.41 3.12
C LYS A 90 -1.86 -3.18 3.15
N GLY A 91 -2.16 -2.25 4.06
CA GLY A 91 -1.37 -1.05 4.20
C GLY A 91 -0.04 -1.33 4.88
N TYR A 92 -0.11 -2.06 6.00
CA TYR A 92 1.10 -2.54 6.68
C TYR A 92 1.97 -3.30 5.69
N TYR A 93 1.32 -4.12 4.88
CA TYR A 93 1.99 -5.03 3.96
C TYR A 93 2.69 -4.23 2.87
N ARG A 94 2.02 -3.17 2.42
CA ARG A 94 2.57 -2.26 1.44
C ARG A 94 3.78 -1.52 2.02
N ARG A 95 3.64 -1.10 3.27
CA ARG A 95 4.72 -0.41 3.98
C ARG A 95 5.93 -1.34 4.14
N ALA A 96 5.65 -2.57 4.55
CA ALA A 96 6.67 -3.60 4.68
C ALA A 96 7.41 -3.81 3.37
N ALA A 97 6.65 -3.80 2.27
CA ALA A 97 7.20 -4.07 0.96
C ALA A 97 8.19 -2.99 0.57
N SER A 98 7.93 -1.78 1.03
CA SER A 98 8.80 -0.66 0.74
C SER A 98 10.13 -0.80 1.51
N ASN A 99 10.06 -1.27 2.75
CA ASN A 99 11.25 -1.47 3.56
C ASN A 99 12.09 -2.61 3.02
N MET A 100 11.41 -3.66 2.59
CA MET A 100 12.06 -4.84 2.04
C MET A 100 12.73 -4.49 0.71
N ALA A 101 12.06 -3.63 -0.06
CA ALA A 101 12.60 -3.17 -1.34
C ALA A 101 13.78 -2.22 -1.14
N LEU A 102 13.73 -1.44 -0.06
CA LEU A 102 14.83 -0.53 0.26
C LEU A 102 16.06 -1.32 0.73
N GLY A 103 15.82 -2.37 1.51
CA GLY A 103 16.91 -3.18 1.98
C GLY A 103 16.87 -3.41 3.48
N LYS A 104 16.03 -2.65 4.17
CA LYS A 104 15.89 -2.79 5.60
C LYS A 104 14.85 -3.85 5.95
N PHE A 105 15.30 -5.11 5.92
CA PHE A 105 14.43 -6.26 6.10
C PHE A 105 13.77 -6.27 7.47
N ARG A 106 14.53 -5.98 8.53
CA ARG A 106 13.98 -6.07 9.88
C ARG A 106 12.79 -5.12 10.06
N ALA A 107 12.82 -3.99 9.38
CA ALA A 107 11.71 -3.04 9.43
C ALA A 107 10.51 -3.62 8.67
N ALA A 108 10.79 -4.20 7.51
CA ALA A 108 9.76 -4.86 6.72
C ALA A 108 9.17 -6.01 7.51
N LEU A 109 10.03 -6.68 8.25
CA LEU A 109 9.63 -7.79 9.09
C LEU A 109 8.68 -7.32 10.17
N ARG A 110 8.85 -6.10 10.66
CA ARG A 110 7.95 -5.57 11.67
C ARG A 110 6.54 -5.46 11.12
N ASP A 111 6.43 -4.97 9.89
CA ASP A 111 5.14 -4.83 9.24
C ASP A 111 4.59 -6.19 8.82
N TYR A 112 5.43 -6.99 8.19
CA TYR A 112 5.02 -8.33 7.77
C TYR A 112 4.63 -9.18 8.97
N GLU A 113 5.33 -8.98 10.08
CA GLU A 113 5.02 -9.66 11.32
C GLU A 113 3.62 -9.27 11.78
N THR A 114 3.36 -7.98 11.75
CA THR A 114 2.05 -7.47 12.14
C THR A 114 0.96 -8.04 11.25
N VAL A 115 1.23 -8.09 9.95
CA VAL A 115 0.31 -8.67 8.99
C VAL A 115 -0.01 -10.13 9.32
N VAL A 116 1.03 -10.89 9.62
CA VAL A 116 0.87 -12.31 9.92
C VAL A 116 0.30 -12.53 11.33
N LYS A 117 0.46 -11.52 12.19
CA LYS A 117 -0.10 -11.59 13.54
C LYS A 117 -1.60 -11.34 13.51
N VAL A 118 -2.06 -10.68 12.45
CA VAL A 118 -3.48 -10.41 12.29
C VAL A 118 -4.16 -11.55 11.53
N LYS A 119 -3.55 -12.00 10.43
CA LYS A 119 -4.09 -13.15 9.71
C LYS A 119 -3.00 -14.18 9.40
N PRO A 120 -2.70 -15.04 10.39
CA PRO A 120 -1.68 -16.09 10.26
C PRO A 120 -2.17 -17.26 9.41
N HIS A 121 -3.49 -17.34 9.25
CA HIS A 121 -4.10 -18.39 8.43
C HIS A 121 -3.94 -18.04 6.95
N ASP A 122 -3.35 -16.90 6.68
CA ASP A 122 -3.25 -16.40 5.33
C ASP A 122 -1.83 -16.57 4.77
N LYS A 123 -1.77 -17.34 3.69
CA LYS A 123 -0.53 -17.61 2.96
C LYS A 123 0.23 -16.35 2.55
N ASP A 124 -0.46 -15.23 2.43
CA ASP A 124 0.14 -13.99 1.96
C ASP A 124 0.91 -13.34 3.09
N ALA A 125 0.24 -13.26 4.24
CA ALA A 125 0.85 -12.78 5.45
C ALA A 125 2.04 -13.65 5.82
N LYS A 126 1.81 -14.96 5.81
CA LYS A 126 2.86 -15.93 6.07
C LYS A 126 4.04 -15.70 5.14
N MET A 127 3.81 -15.89 3.84
CA MET A 127 4.86 -15.92 2.83
C MET A 127 5.92 -14.86 3.06
N LYS A 128 5.50 -13.59 3.04
CA LYS A 128 6.43 -12.48 3.15
C LYS A 128 7.02 -12.40 4.56
N TYR A 129 6.25 -12.77 5.57
CA TYR A 129 6.74 -12.82 6.94
C TYR A 129 7.91 -13.79 7.04
N GLN A 130 7.66 -15.03 6.62
CA GLN A 130 8.63 -16.10 6.78
C GLN A 130 9.87 -15.81 5.95
N GLU A 131 9.61 -15.37 4.73
CA GLU A 131 10.68 -14.98 3.82
C GLU A 131 11.56 -13.89 4.44
N CYS A 132 10.93 -12.80 4.85
CA CYS A 132 11.66 -11.68 5.46
C CYS A 132 12.35 -12.15 6.73
N ASN A 133 11.62 -12.89 7.55
CA ASN A 133 12.13 -13.40 8.81
C ASN A 133 13.37 -14.25 8.57
N LYS A 134 13.26 -15.22 7.67
CA LYS A 134 14.36 -16.12 7.40
C LYS A 134 15.53 -15.37 6.79
N ILE A 135 15.24 -14.36 5.97
CA ILE A 135 16.29 -13.58 5.34
C ILE A 135 17.09 -12.78 6.36
N VAL A 136 16.42 -12.27 7.38
CA VAL A 136 17.11 -11.62 8.47
C VAL A 136 18.07 -12.61 9.15
N LYS A 137 17.63 -13.86 9.24
CA LYS A 137 18.45 -14.90 9.87
C LYS A 137 19.54 -15.37 8.91
N GLN A 138 19.35 -15.14 7.61
CA GLN A 138 20.39 -15.39 6.62
C GLN A 138 21.58 -14.51 6.96
N LYS A 139 21.26 -13.32 7.40
CA LYS A 139 22.25 -12.35 7.79
C LYS A 139 22.72 -12.60 9.23
N ALA A 140 21.79 -12.60 10.16
CA ALA A 140 22.10 -12.78 11.57
C ALA A 140 21.21 -13.85 12.19
N MET B 2 -10.00 -11.82 -5.19
CA MET B 2 -8.59 -11.48 -5.04
C MET B 2 -8.10 -10.61 -6.20
N GLU B 3 -9.00 -9.78 -6.72
CA GLU B 3 -8.66 -8.83 -7.76
C GLU B 3 -8.08 -7.57 -7.13
N GLU B 4 -8.23 -6.44 -7.83
CA GLU B 4 -7.86 -5.13 -7.30
C GLU B 4 -6.35 -4.89 -7.29
N VAL B 5 -5.98 -3.62 -7.29
CA VAL B 5 -4.60 -3.22 -7.07
C VAL B 5 -4.37 -3.08 -5.57
N ASP B 6 -5.30 -2.36 -4.95
CA ASP B 6 -5.37 -2.25 -3.50
C ASP B 6 -6.82 -1.96 -3.15
N THR A 10 -17.36 21.31 6.06
CA THR A 10 -18.41 20.31 5.91
C THR A 10 -17.91 18.94 6.37
N ASP A 11 -18.83 17.98 6.42
CA ASP A 11 -18.49 16.58 6.71
C ASP A 11 -17.64 16.02 5.57
N PRO A 12 -17.24 14.73 5.62
CA PRO A 12 -16.64 14.06 4.49
C PRO A 12 -17.35 14.42 3.19
N PRO A 13 -16.62 14.53 2.08
CA PRO A 13 -17.23 14.74 0.79
C PRO A 13 -18.28 13.70 0.54
N ALA A 14 -19.29 14.04 -0.21
CA ALA A 14 -20.43 13.17 -0.38
C ALA A 14 -20.11 11.97 -1.27
N ASP A 15 -21.15 11.18 -1.49
CA ASP A 15 -21.17 10.03 -2.38
C ASP A 15 -20.40 10.28 -3.67
N GLY A 16 -21.10 10.57 -4.76
CA GLY A 16 -20.46 10.85 -6.05
C GLY A 16 -19.01 11.33 -5.97
N ALA A 17 -18.70 12.27 -5.06
CA ALA A 17 -17.32 12.71 -4.85
C ALA A 17 -16.44 11.56 -4.35
N LEU A 18 -16.86 10.94 -3.24
CA LEU A 18 -16.15 9.83 -2.63
C LEU A 18 -16.08 8.62 -3.55
N LYS A 19 -17.20 8.31 -4.19
CA LYS A 19 -17.27 7.15 -5.06
C LYS A 19 -16.48 7.41 -6.34
N ARG A 20 -16.28 8.69 -6.66
CA ARG A 20 -15.46 9.06 -7.80
C ARG A 20 -14.00 8.88 -7.44
N ALA A 21 -13.68 9.08 -6.17
CA ALA A 21 -12.35 8.76 -5.70
C ALA A 21 -12.16 7.25 -5.80
N GLU A 22 -13.21 6.52 -5.45
CA GLU A 22 -13.29 5.08 -5.70
C GLU A 22 -13.12 4.77 -7.19
N GLU A 23 -13.69 5.62 -8.02
CA GLU A 23 -13.63 5.46 -9.47
C GLU A 23 -12.20 5.51 -9.92
N LEU A 24 -11.51 6.56 -9.49
CA LEU A 24 -10.14 6.80 -9.87
C LEU A 24 -9.24 5.66 -9.42
N LYS A 25 -9.54 5.08 -8.25
CA LYS A 25 -8.85 3.88 -7.80
C LYS A 25 -9.02 2.77 -8.83
N THR A 26 -10.21 2.72 -9.41
CA THR A 26 -10.58 1.70 -10.37
C THR A 26 -9.95 2.01 -11.75
N GLN A 27 -10.07 3.26 -12.18
CA GLN A 27 -9.49 3.69 -13.44
C GLN A 27 -7.97 3.62 -13.40
N ALA A 28 -7.39 4.01 -12.28
CA ALA A 28 -5.95 3.95 -12.12
C ALA A 28 -5.48 2.50 -12.05
N ASN A 29 -6.37 1.62 -11.63
CA ASN A 29 -6.11 0.19 -11.69
C ASN A 29 -6.10 -0.27 -13.14
N ASP A 30 -6.86 0.44 -13.97
CA ASP A 30 -6.89 0.16 -15.41
C ASP A 30 -5.65 0.72 -16.08
N TYR A 31 -5.15 1.84 -15.57
CA TYR A 31 -3.86 2.36 -15.98
C TYR A 31 -2.75 1.49 -15.44
N PHE A 32 -2.98 0.89 -14.29
CA PHE A 32 -2.08 -0.11 -13.75
C PHE A 32 -2.03 -1.31 -14.70
N LYS A 33 -3.21 -1.74 -15.15
CA LYS A 33 -3.32 -2.78 -16.18
C LYS A 33 -2.65 -2.31 -17.46
N ALA A 34 -2.80 -1.02 -17.75
CA ALA A 34 -2.16 -0.43 -18.92
C ALA A 34 -0.65 -0.29 -18.72
N LYS A 35 -0.21 -0.51 -17.48
CA LYS A 35 1.20 -0.46 -17.10
C LYS A 35 1.70 0.98 -16.99
N ASP A 36 0.77 1.91 -16.89
CA ASP A 36 1.13 3.31 -16.72
C ASP A 36 0.88 3.71 -15.26
N TYR A 37 1.91 3.54 -14.44
CA TYR A 37 1.79 3.81 -13.02
C TYR A 37 1.80 5.30 -12.75
N GLU A 38 2.23 6.09 -13.73
CA GLU A 38 2.30 7.53 -13.57
C GLU A 38 0.94 8.14 -13.60
N ASN A 39 0.16 7.76 -14.60
CA ASN A 39 -1.17 8.26 -14.69
C ASN A 39 -2.00 7.68 -13.56
N ALA A 40 -1.67 6.45 -13.18
CA ALA A 40 -2.27 5.83 -12.01
C ALA A 40 -1.97 6.67 -10.78
N ILE A 41 -0.71 7.05 -10.61
CA ILE A 41 -0.28 7.96 -9.55
C ILE A 41 -1.14 9.22 -9.54
N LYS A 42 -1.39 9.75 -10.73
CA LYS A 42 -2.25 10.91 -10.90
C LYS A 42 -3.67 10.64 -10.38
N PHE A 43 -4.30 9.60 -10.91
CA PHE A 43 -5.67 9.27 -10.55
C PHE A 43 -5.79 8.93 -9.06
N TYR A 44 -4.72 8.38 -8.50
CA TYR A 44 -4.68 8.10 -7.07
C TYR A 44 -4.64 9.41 -6.29
N SER A 45 -3.83 10.34 -6.77
CA SER A 45 -3.73 11.66 -6.16
C SER A 45 -5.08 12.37 -6.25
N GLN A 46 -5.70 12.25 -7.42
CA GLN A 46 -7.02 12.83 -7.65
C GLN A 46 -8.04 12.28 -6.65
N ALA A 47 -7.90 11.02 -6.30
CA ALA A 47 -8.78 10.39 -5.31
C ALA A 47 -8.60 11.05 -3.95
N ILE A 48 -7.39 11.49 -3.67
CA ILE A 48 -7.05 12.18 -2.42
C ILE A 48 -7.41 13.67 -2.53
N GLU A 49 -7.82 14.06 -3.72
CA GLU A 49 -8.36 15.40 -3.94
C GLU A 49 -9.87 15.38 -3.74
N LEU A 50 -10.46 14.20 -3.92
CA LEU A 50 -11.89 14.02 -3.78
C LEU A 50 -12.24 13.62 -2.35
N ASN A 51 -11.54 12.63 -1.84
CA ASN A 51 -11.61 12.30 -0.43
C ASN A 51 -10.29 12.73 0.19
N PRO A 52 -10.11 12.74 1.51
CA PRO A 52 -8.81 13.00 2.09
C PRO A 52 -8.11 11.80 2.75
N SER A 53 -8.49 11.51 3.99
CA SER A 53 -7.73 10.63 4.86
C SER A 53 -8.06 9.15 4.61
N ASN A 54 -8.10 8.76 3.36
CA ASN A 54 -8.36 7.38 3.01
C ASN A 54 -7.06 6.62 2.88
N ALA A 55 -6.82 5.71 3.82
CA ALA A 55 -5.58 4.94 3.87
C ALA A 55 -5.42 4.06 2.64
N ILE A 56 -6.52 3.83 1.94
CA ILE A 56 -6.50 2.99 0.77
C ILE A 56 -5.99 3.74 -0.45
N TYR A 57 -6.31 5.03 -0.55
CA TYR A 57 -5.80 5.84 -1.67
C TYR A 57 -4.32 6.08 -1.50
N TYR A 58 -3.90 6.25 -0.26
CA TYR A 58 -2.48 6.35 0.07
C TYR A 58 -1.81 4.98 -0.11
N GLY A 59 -2.58 3.93 0.06
CA GLY A 59 -2.08 2.60 -0.21
C GLY A 59 -1.91 2.37 -1.70
N ASN A 60 -2.81 2.97 -2.47
CA ASN A 60 -2.77 2.85 -3.93
C ASN A 60 -1.52 3.47 -4.51
N ARG A 61 -1.23 4.70 -4.12
CA ARG A 61 -0.17 5.46 -4.75
C ARG A 61 1.21 4.97 -4.30
N SER A 62 1.31 4.56 -3.04
CA SER A 62 2.55 3.96 -2.55
C SER A 62 2.86 2.69 -3.33
N LEU A 63 1.80 1.93 -3.66
CA LEU A 63 1.93 0.75 -4.50
C LEU A 63 2.43 1.12 -5.89
N ALA A 64 1.94 2.24 -6.42
CA ALA A 64 2.40 2.73 -7.72
C ALA A 64 3.88 3.09 -7.66
N TYR A 65 4.24 3.84 -6.63
CA TYR A 65 5.64 4.12 -6.33
C TYR A 65 6.45 2.82 -6.19
N LEU A 66 5.79 1.79 -5.67
CA LEU A 66 6.41 0.49 -5.46
C LEU A 66 6.64 -0.25 -6.78
N ARG A 67 5.88 0.09 -7.81
CA ARG A 67 6.06 -0.54 -9.12
C ARG A 67 7.21 0.08 -9.87
N THR A 68 7.35 1.39 -9.74
CA THR A 68 8.32 2.14 -10.49
C THR A 68 9.73 1.97 -9.93
N GLU A 69 10.05 2.77 -8.91
CA GLU A 69 11.31 2.68 -8.20
C GLU A 69 11.32 3.64 -7.01
N CYS A 70 10.13 4.06 -6.61
CA CYS A 70 9.96 5.18 -5.71
C CYS A 70 9.67 4.70 -4.30
N TYR A 71 10.29 3.59 -3.94
CA TYR A 71 10.06 2.95 -2.65
C TYR A 71 10.25 3.93 -1.49
N GLY A 72 11.08 4.95 -1.67
CA GLY A 72 11.24 5.99 -0.67
C GLY A 72 9.94 6.74 -0.45
N TYR A 73 9.31 7.16 -1.55
CA TYR A 73 8.01 7.80 -1.49
C TYR A 73 6.98 6.80 -0.98
N ALA A 74 7.13 5.56 -1.45
CA ALA A 74 6.21 4.48 -1.11
C ALA A 74 6.17 4.24 0.40
N LEU A 75 7.34 4.15 1.02
CA LEU A 75 7.44 3.92 2.45
C LEU A 75 6.74 5.05 3.20
N ASN A 76 7.04 6.28 2.81
CA ASN A 76 6.46 7.46 3.43
C ASN A 76 4.94 7.48 3.23
N ASP A 77 4.51 7.10 2.04
CA ASP A 77 3.09 7.14 1.69
C ASP A 77 2.31 6.02 2.37
N ALA A 78 2.93 4.84 2.43
CA ALA A 78 2.32 3.69 3.10
C ALA A 78 2.22 3.91 4.60
N THR A 79 3.27 4.50 5.18
CA THR A 79 3.26 4.84 6.59
C THR A 79 2.19 5.89 6.87
N ARG A 80 1.95 6.74 5.88
CA ARG A 80 0.91 7.75 5.97
C ARG A 80 -0.46 7.08 6.07
N ALA A 81 -0.62 5.94 5.40
CA ALA A 81 -1.86 5.19 5.49
C ALA A 81 -2.03 4.58 6.88
N ILE A 82 -0.94 4.11 7.48
CA ILE A 82 -0.97 3.61 8.85
C ILE A 82 -1.44 4.72 9.81
N GLU A 83 -1.14 5.96 9.46
CA GLU A 83 -1.59 7.11 10.24
C GLU A 83 -3.07 7.37 10.02
N LEU A 84 -3.55 7.06 8.82
CA LEU A 84 -4.95 7.27 8.46
C LEU A 84 -5.82 6.15 9.01
N ASP A 85 -5.38 4.93 8.78
CA ASP A 85 -6.06 3.74 9.28
C ASP A 85 -5.04 2.92 10.04
N LYS A 86 -5.00 3.12 11.34
CA LYS A 86 -3.98 2.55 12.19
C LYS A 86 -3.96 1.03 12.07
N LYS A 87 -5.10 0.42 11.80
CA LYS A 87 -5.10 -0.96 11.40
C LYS A 87 -5.62 -1.10 9.98
N TYR A 88 -4.68 -1.25 9.08
CA TYR A 88 -4.96 -1.56 7.69
C TYR A 88 -3.97 -2.63 7.26
N ILE A 89 -4.45 -3.85 7.07
CA ILE A 89 -3.57 -4.98 6.85
C ILE A 89 -2.84 -4.86 5.52
N LYS A 90 -3.54 -4.38 4.50
CA LYS A 90 -2.91 -4.14 3.21
C LYS A 90 -1.93 -2.97 3.31
N GLY A 91 -2.09 -2.19 4.38
CA GLY A 91 -1.25 -1.03 4.59
C GLY A 91 0.07 -1.40 5.22
N TYR A 92 0.02 -2.17 6.32
CA TYR A 92 1.23 -2.65 6.96
C TYR A 92 2.08 -3.42 5.94
N TYR A 93 1.36 -4.25 5.18
CA TYR A 93 1.96 -5.17 4.22
C TYR A 93 2.67 -4.40 3.13
N ARG A 94 2.04 -3.32 2.71
CA ARG A 94 2.57 -2.47 1.67
C ARG A 94 3.72 -1.62 2.19
N ARG A 95 3.60 -1.18 3.44
CA ARG A 95 4.67 -0.44 4.10
C ARG A 95 5.89 -1.34 4.25
N ALA A 96 5.64 -2.58 4.65
CA ALA A 96 6.68 -3.58 4.77
C ALA A 96 7.39 -3.80 3.45
N ALA A 97 6.63 -3.71 2.35
CA ALA A 97 7.19 -3.93 1.02
C ALA A 97 8.15 -2.82 0.67
N SER A 98 7.85 -1.61 1.14
CA SER A 98 8.71 -0.47 0.90
C SER A 98 9.98 -0.60 1.74
N ASN A 99 9.80 -0.98 3.01
CA ASN A 99 10.94 -1.23 3.91
C ASN A 99 11.81 -2.33 3.33
N MET A 100 11.17 -3.39 2.86
CA MET A 100 11.85 -4.54 2.27
C MET A 100 12.68 -4.10 1.07
N ALA A 101 12.06 -3.30 0.21
CA ALA A 101 12.70 -2.81 -0.99
C ALA A 101 13.87 -1.87 -0.66
N LEU A 102 13.78 -1.18 0.46
CA LEU A 102 14.81 -0.23 0.87
C LEU A 102 15.95 -0.92 1.62
N GLY A 103 15.84 -2.23 1.80
CA GLY A 103 16.90 -2.98 2.45
C GLY A 103 16.71 -3.10 3.95
N LYS A 104 15.56 -2.66 4.42
CA LYS A 104 15.23 -2.75 5.85
C LYS A 104 14.53 -4.07 6.10
N PHE A 105 15.28 -5.17 6.09
CA PHE A 105 14.71 -6.50 6.21
C PHE A 105 14.07 -6.73 7.57
N ARG A 106 14.61 -6.12 8.61
CA ARG A 106 14.06 -6.27 9.95
C ARG A 106 12.89 -5.33 10.16
N ALA A 107 12.97 -4.15 9.55
CA ALA A 107 11.88 -3.19 9.61
C ALA A 107 10.68 -3.72 8.82
N ALA A 108 10.97 -4.29 7.66
CA ALA A 108 9.94 -4.88 6.83
C ALA A 108 9.37 -6.09 7.53
N LEU A 109 10.23 -6.82 8.23
CA LEU A 109 9.82 -8.01 8.92
C LEU A 109 8.84 -7.69 10.03
N ARG A 110 9.04 -6.58 10.75
CA ARG A 110 8.15 -6.25 11.85
C ARG A 110 6.80 -5.76 11.33
N ASP A 111 6.79 -5.22 10.13
CA ASP A 111 5.54 -4.84 9.48
C ASP A 111 4.81 -6.09 8.98
N TYR A 112 5.53 -6.96 8.27
CA TYR A 112 4.97 -8.24 7.81
C TYR A 112 4.55 -9.09 9.00
N GLU A 113 5.35 -9.06 10.05
CA GLU A 113 5.09 -9.80 11.28
C GLU A 113 3.73 -9.40 11.83
N THR A 114 3.50 -8.10 11.89
CA THR A 114 2.24 -7.58 12.38
C THR A 114 1.08 -8.08 11.51
N VAL A 115 1.29 -8.07 10.20
CA VAL A 115 0.30 -8.60 9.27
C VAL A 115 -0.03 -10.06 9.59
N VAL A 116 1.00 -10.86 9.78
CA VAL A 116 0.82 -12.28 10.02
C VAL A 116 0.42 -12.56 11.47
N LYS A 117 0.40 -11.51 12.29
CA LYS A 117 -0.07 -11.65 13.67
C LYS A 117 -1.54 -11.25 13.77
N VAL A 118 -2.04 -10.56 12.76
CA VAL A 118 -3.45 -10.21 12.71
C VAL A 118 -4.23 -11.25 11.92
N LYS A 119 -3.69 -11.67 10.78
CA LYS A 119 -4.30 -12.70 9.96
C LYS A 119 -3.29 -13.79 9.60
N PRO A 120 -2.92 -14.60 10.61
CA PRO A 120 -1.93 -15.67 10.46
C PRO A 120 -2.44 -16.80 9.57
N HIS A 121 -3.75 -16.93 9.49
CA HIS A 121 -4.36 -17.98 8.69
C HIS A 121 -4.33 -17.63 7.22
N ASP A 122 -3.83 -16.44 6.90
CA ASP A 122 -3.79 -16.00 5.52
C ASP A 122 -2.42 -16.22 4.90
N LYS A 123 -2.41 -17.00 3.84
CA LYS A 123 -1.21 -17.32 3.08
C LYS A 123 -0.41 -16.08 2.67
N ASP A 124 -1.09 -14.97 2.42
CA ASP A 124 -0.44 -13.77 1.93
C ASP A 124 0.37 -13.12 3.05
N ALA A 125 -0.23 -13.10 4.23
CA ALA A 125 0.47 -12.58 5.40
C ALA A 125 1.67 -13.44 5.71
N LYS A 126 1.48 -14.75 5.68
CA LYS A 126 2.56 -15.70 5.88
C LYS A 126 3.64 -15.49 4.84
N MET A 127 3.27 -15.69 3.57
CA MET A 127 4.21 -15.70 2.45
C MET A 127 5.29 -14.62 2.55
N LYS A 128 4.87 -13.36 2.72
CA LYS A 128 5.83 -12.27 2.76
C LYS A 128 6.52 -12.17 4.13
N TYR A 129 5.84 -12.61 5.18
CA TYR A 129 6.46 -12.67 6.50
C TYR A 129 7.66 -13.60 6.48
N GLN A 130 7.44 -14.82 5.98
CA GLN A 130 8.46 -15.85 5.98
C GLN A 130 9.56 -15.47 5.01
N GLU A 131 9.16 -14.81 3.94
CA GLU A 131 10.08 -14.32 2.92
C GLU A 131 11.04 -13.28 3.50
N CYS A 132 10.52 -12.27 4.18
CA CYS A 132 11.36 -11.28 4.81
C CYS A 132 12.13 -11.91 5.96
N ASN A 133 11.45 -12.79 6.68
CA ASN A 133 12.03 -13.47 7.83
C ASN A 133 13.25 -14.28 7.42
N LYS A 134 13.07 -15.13 6.41
CA LYS A 134 14.17 -15.98 5.95
C LYS A 134 15.37 -15.14 5.52
N ILE A 135 15.11 -13.99 4.92
CA ILE A 135 16.18 -13.12 4.47
C ILE A 135 16.91 -12.49 5.65
N VAL A 136 16.20 -12.24 6.73
CA VAL A 136 16.83 -11.81 7.96
C VAL A 136 17.76 -12.92 8.48
N LYS A 137 17.39 -14.16 8.22
CA LYS A 137 18.17 -15.31 8.63
C LYS A 137 19.33 -15.54 7.68
N GLN A 138 19.18 -15.03 6.44
CA GLN A 138 20.27 -15.05 5.48
C GLN A 138 21.41 -14.22 6.02
N LYS A 139 21.03 -13.17 6.70
CA LYS A 139 21.98 -12.28 7.34
C LYS A 139 22.47 -12.88 8.65
N ALA A 140 21.56 -12.95 9.63
CA ALA A 140 21.91 -13.45 10.94
C ALA A 140 21.59 -14.93 11.08
N MET B 2 -2.76 -12.60 -7.97
CA MET B 2 -3.49 -11.58 -7.22
C MET B 2 -2.65 -10.31 -7.08
N GLU B 3 -2.82 -9.40 -8.02
CA GLU B 3 -2.09 -8.14 -8.00
C GLU B 3 -2.85 -7.11 -7.16
N GLU B 4 -2.33 -6.87 -5.96
CA GLU B 4 -3.00 -6.00 -4.99
C GLU B 4 -2.51 -4.56 -5.10
N VAL B 5 -3.36 -3.68 -5.59
CA VAL B 5 -3.01 -2.28 -5.73
C VAL B 5 -3.51 -1.47 -4.54
N ASP B 6 -4.51 -2.01 -3.85
CA ASP B 6 -5.03 -1.38 -2.65
C ASP B 6 -4.79 -2.27 -1.45
N THR A 10 -16.32 20.77 6.32
CA THR A 10 -17.51 20.09 5.84
C THR A 10 -17.53 18.64 6.34
N ASP A 11 -18.68 17.99 6.17
CA ASP A 11 -18.81 16.55 6.46
C ASP A 11 -17.92 15.76 5.49
N PRO A 12 -17.91 14.41 5.57
CA PRO A 12 -17.32 13.63 4.51
C PRO A 12 -17.80 14.16 3.17
N PRO A 13 -16.89 14.32 2.21
CA PRO A 13 -17.25 14.82 0.89
C PRO A 13 -18.42 14.03 0.32
N ALA A 14 -19.17 14.66 -0.55
CA ALA A 14 -20.43 14.12 -0.99
C ALA A 14 -20.25 12.82 -1.78
N ASP A 15 -21.39 12.18 -2.02
CA ASP A 15 -21.54 10.97 -2.84
C ASP A 15 -20.68 11.03 -4.09
N GLY A 16 -21.29 11.35 -5.23
CA GLY A 16 -20.54 11.50 -6.50
C GLY A 16 -19.05 11.78 -6.34
N ALA A 17 -18.68 12.74 -5.50
CA ALA A 17 -17.27 13.05 -5.22
C ALA A 17 -16.56 11.82 -4.63
N LEU A 18 -17.11 11.30 -3.54
CA LEU A 18 -16.55 10.13 -2.84
C LEU A 18 -16.50 8.90 -3.73
N LYS A 19 -17.60 8.61 -4.41
CA LYS A 19 -17.66 7.44 -5.27
C LYS A 19 -16.73 7.64 -6.46
N ARG A 20 -16.42 8.89 -6.77
CA ARG A 20 -15.50 9.20 -7.84
C ARG A 20 -14.07 9.00 -7.38
N ALA A 21 -13.83 9.18 -6.08
CA ALA A 21 -12.53 8.84 -5.53
C ALA A 21 -12.31 7.34 -5.68
N GLU A 22 -13.38 6.61 -5.44
CA GLU A 22 -13.43 5.17 -5.67
C GLU A 22 -13.36 4.85 -7.16
N GLU A 23 -13.85 5.77 -7.96
CA GLU A 23 -13.84 5.65 -9.41
C GLU A 23 -12.43 5.73 -9.91
N LEU A 24 -11.75 6.80 -9.51
CA LEU A 24 -10.38 7.06 -9.91
C LEU A 24 -9.46 5.97 -9.42
N LYS A 25 -9.78 5.42 -8.24
CA LYS A 25 -9.06 4.27 -7.72
C LYS A 25 -9.18 3.12 -8.72
N THR A 26 -10.37 2.96 -9.24
CA THR A 26 -10.68 1.91 -10.21
C THR A 26 -10.00 2.21 -11.55
N GLN A 27 -10.09 3.46 -11.98
CA GLN A 27 -9.42 3.90 -13.20
C GLN A 27 -7.91 3.74 -13.09
N ALA A 28 -7.39 3.98 -11.91
CA ALA A 28 -5.97 3.81 -11.67
C ALA A 28 -5.58 2.34 -11.69
N ASN A 29 -6.53 1.47 -11.32
CA ASN A 29 -6.32 0.03 -11.45
C ASN A 29 -6.27 -0.34 -12.92
N ASP A 30 -7.03 0.41 -13.72
CA ASP A 30 -7.03 0.24 -15.16
C ASP A 30 -5.70 0.67 -15.74
N TYR A 31 -5.14 1.74 -15.18
CA TYR A 31 -3.83 2.20 -15.60
C TYR A 31 -2.71 1.31 -15.05
N PHE A 32 -2.95 0.74 -13.87
CA PHE A 32 -2.03 -0.21 -13.28
C PHE A 32 -1.77 -1.37 -14.23
N LYS A 33 -2.85 -1.98 -14.71
CA LYS A 33 -2.74 -3.09 -15.65
C LYS A 33 -2.40 -2.57 -17.04
N ALA A 34 -2.69 -1.29 -17.28
CA ALA A 34 -2.30 -0.65 -18.54
C ALA A 34 -0.81 -0.37 -18.56
N LYS A 35 -0.17 -0.58 -17.40
CA LYS A 35 1.28 -0.46 -17.24
C LYS A 35 1.70 1.00 -17.12
N ASP A 36 0.75 1.85 -16.77
CA ASP A 36 1.04 3.26 -16.54
C ASP A 36 0.84 3.57 -15.06
N TYR A 37 1.90 3.43 -14.29
CA TYR A 37 1.82 3.57 -12.85
C TYR A 37 1.89 5.02 -12.44
N GLU A 38 2.28 5.87 -13.38
CA GLU A 38 2.34 7.30 -13.14
C GLU A 38 0.97 7.91 -13.15
N ASN A 39 0.21 7.56 -14.16
CA ASN A 39 -1.13 8.05 -14.24
C ASN A 39 -1.97 7.40 -13.15
N ALA A 40 -1.61 6.17 -12.80
CA ALA A 40 -2.19 5.51 -11.65
C ALA A 40 -1.93 6.35 -10.40
N ILE A 41 -0.67 6.73 -10.19
CA ILE A 41 -0.28 7.65 -9.12
C ILE A 41 -1.16 8.91 -9.14
N LYS A 42 -1.35 9.46 -10.33
CA LYS A 42 -2.17 10.64 -10.52
C LYS A 42 -3.61 10.39 -10.07
N PHE A 43 -4.23 9.35 -10.60
CA PHE A 43 -5.62 9.05 -10.28
C PHE A 43 -5.82 8.73 -8.81
N TYR A 44 -4.83 8.07 -8.21
CA TYR A 44 -4.87 7.81 -6.78
C TYR A 44 -4.81 9.12 -5.99
N SER A 45 -3.92 10.01 -6.42
CA SER A 45 -3.80 11.32 -5.79
C SER A 45 -5.08 12.13 -5.99
N GLN A 46 -5.66 12.00 -7.17
CA GLN A 46 -6.93 12.65 -7.48
C GLN A 46 -8.04 12.17 -6.55
N ALA A 47 -7.98 10.89 -6.17
CA ALA A 47 -8.92 10.33 -5.22
C ALA A 47 -8.73 10.98 -3.84
N ILE A 48 -7.49 11.38 -3.56
CA ILE A 48 -7.14 12.06 -2.30
C ILE A 48 -7.51 13.54 -2.39
N GLU A 49 -7.85 13.97 -3.59
CA GLU A 49 -8.38 15.30 -3.78
C GLU A 49 -9.88 15.30 -3.58
N LEU A 50 -10.48 14.12 -3.75
CA LEU A 50 -11.90 13.95 -3.58
C LEU A 50 -12.24 13.59 -2.13
N ASN A 51 -11.56 12.59 -1.57
CA ASN A 51 -11.66 12.33 -0.14
C ASN A 51 -10.25 12.50 0.43
N PRO A 52 -10.04 12.50 1.75
CA PRO A 52 -8.71 12.59 2.32
C PRO A 52 -8.15 11.32 2.97
N SER A 53 -8.65 11.00 4.17
CA SER A 53 -8.03 10.02 5.04
C SER A 53 -8.41 8.58 4.67
N ASN A 54 -7.89 8.11 3.56
CA ASN A 54 -8.05 6.73 3.18
C ASN A 54 -6.70 6.09 2.94
N ALA A 55 -6.31 5.20 3.86
CA ALA A 55 -5.06 4.45 3.72
C ALA A 55 -5.08 3.64 2.44
N ILE A 56 -6.29 3.39 1.95
CA ILE A 56 -6.50 2.74 0.67
C ILE A 56 -5.76 3.46 -0.45
N TYR A 57 -6.06 4.75 -0.61
CA TYR A 57 -5.51 5.52 -1.71
C TYR A 57 -4.02 5.76 -1.52
N TYR A 58 -3.62 5.99 -0.28
CA TYR A 58 -2.20 6.17 0.05
C TYR A 58 -1.45 4.85 -0.16
N GLY A 59 -2.10 3.74 0.16
CA GLY A 59 -1.51 2.43 -0.05
C GLY A 59 -1.36 2.14 -1.52
N ASN A 60 -2.38 2.48 -2.28
CA ASN A 60 -2.34 2.34 -3.73
C ASN A 60 -1.20 3.17 -4.32
N ARG A 61 -1.02 4.38 -3.79
CA ARG A 61 0.07 5.24 -4.22
C ARG A 61 1.41 4.61 -3.92
N SER A 62 1.60 4.20 -2.67
CA SER A 62 2.86 3.58 -2.26
C SER A 62 3.20 2.41 -3.19
N LEU A 63 2.19 1.63 -3.55
CA LEU A 63 2.37 0.50 -4.47
C LEU A 63 2.77 0.99 -5.85
N ALA A 64 2.18 2.10 -6.29
CA ALA A 64 2.48 2.66 -7.60
C ALA A 64 3.91 3.18 -7.63
N TYR A 65 4.32 3.81 -6.54
CA TYR A 65 5.69 4.25 -6.36
C TYR A 65 6.61 3.02 -6.26
N LEU A 66 6.04 1.91 -5.78
CA LEU A 66 6.75 0.64 -5.67
C LEU A 66 6.90 -0.03 -7.02
N ARG A 67 6.14 0.43 -8.00
CA ARG A 67 6.21 -0.12 -9.35
C ARG A 67 7.26 0.63 -10.17
N THR A 68 7.34 1.93 -9.95
CA THR A 68 8.25 2.77 -10.71
C THR A 68 9.69 2.60 -10.22
N GLU A 69 10.05 3.32 -9.16
CA GLU A 69 11.36 3.22 -8.52
C GLU A 69 11.40 4.14 -7.30
N CYS A 70 10.22 4.46 -6.79
CA CYS A 70 10.04 5.54 -5.83
C CYS A 70 9.81 5.02 -4.44
N TYR A 71 10.48 3.93 -4.10
CA TYR A 71 10.28 3.24 -2.83
C TYR A 71 10.37 4.21 -1.63
N GLY A 72 11.12 5.30 -1.79
CA GLY A 72 11.16 6.33 -0.77
C GLY A 72 9.80 6.98 -0.59
N TYR A 73 9.26 7.55 -1.67
CA TYR A 73 7.89 8.07 -1.69
C TYR A 73 6.92 6.99 -1.23
N ALA A 74 7.19 5.77 -1.68
CA ALA A 74 6.35 4.63 -1.36
C ALA A 74 6.21 4.46 0.15
N LEU A 75 7.30 4.19 0.84
CA LEU A 75 7.26 3.95 2.28
C LEU A 75 6.77 5.21 3.01
N ASN A 76 7.11 6.37 2.47
CA ASN A 76 6.69 7.64 3.07
C ASN A 76 5.16 7.75 3.07
N ASP A 77 4.57 7.70 1.88
CA ASP A 77 3.12 7.80 1.74
C ASP A 77 2.45 6.59 2.38
N ALA A 78 3.18 5.48 2.36
CA ALA A 78 2.74 4.25 3.00
C ALA A 78 2.56 4.44 4.50
N THR A 79 3.56 5.03 5.14
CA THR A 79 3.51 5.28 6.58
C THR A 79 2.36 6.21 6.92
N ARG A 80 2.07 7.13 6.01
CA ARG A 80 1.00 8.08 6.22
C ARG A 80 -0.35 7.38 6.16
N ALA A 81 -0.42 6.27 5.43
CA ALA A 81 -1.62 5.47 5.41
C ALA A 81 -1.87 4.84 6.76
N ILE A 82 -0.80 4.32 7.40
CA ILE A 82 -0.91 3.84 8.78
C ILE A 82 -1.45 4.93 9.70
N GLU A 83 -1.16 6.17 9.38
CA GLU A 83 -1.65 7.30 10.15
C GLU A 83 -3.14 7.52 9.89
N LEU A 84 -3.55 7.27 8.67
CA LEU A 84 -4.96 7.43 8.28
C LEU A 84 -5.80 6.28 8.81
N ASP A 85 -5.37 5.06 8.51
CA ASP A 85 -6.04 3.86 8.93
C ASP A 85 -5.04 3.00 9.63
N LYS A 86 -4.98 3.16 10.94
CA LYS A 86 -4.01 2.46 11.74
C LYS A 86 -4.11 0.97 11.49
N LYS A 87 -5.32 0.41 11.59
CA LYS A 87 -5.50 -0.96 11.19
C LYS A 87 -5.92 -1.04 9.74
N TYR A 88 -4.93 -1.30 8.91
CA TYR A 88 -5.12 -1.61 7.51
C TYR A 88 -4.13 -2.72 7.14
N ILE A 89 -4.58 -3.97 7.17
CA ILE A 89 -3.69 -5.12 7.01
C ILE A 89 -2.97 -5.08 5.67
N LYS A 90 -3.74 -4.82 4.62
CA LYS A 90 -3.18 -4.65 3.28
C LYS A 90 -2.18 -3.50 3.27
N GLY A 91 -2.31 -2.62 4.25
CA GLY A 91 -1.47 -1.44 4.31
C GLY A 91 -0.09 -1.76 4.82
N TYR A 92 -0.01 -2.35 6.00
CA TYR A 92 1.27 -2.74 6.58
C TYR A 92 2.07 -3.53 5.54
N TYR A 93 1.33 -4.40 4.83
CA TYR A 93 1.89 -5.26 3.79
C TYR A 93 2.63 -4.44 2.75
N ARG A 94 2.00 -3.35 2.29
CA ARG A 94 2.63 -2.46 1.31
C ARG A 94 3.84 -1.74 1.91
N ARG A 95 3.75 -1.36 3.19
CA ARG A 95 4.90 -0.72 3.86
C ARG A 95 6.08 -1.67 3.88
N ALA A 96 5.81 -2.90 4.27
CA ALA A 96 6.83 -3.93 4.33
C ALA A 96 7.53 -4.12 2.98
N ALA A 97 6.76 -3.96 1.91
CA ALA A 97 7.29 -4.13 0.56
C ALA A 97 8.23 -2.99 0.21
N SER A 98 7.93 -1.81 0.74
CA SER A 98 8.78 -0.65 0.50
C SER A 98 10.03 -0.74 1.35
N ASN A 99 9.87 -1.18 2.60
CA ASN A 99 11.00 -1.40 3.50
C ASN A 99 11.95 -2.46 2.93
N MET A 100 11.35 -3.54 2.42
CA MET A 100 12.11 -4.58 1.74
C MET A 100 12.92 -3.99 0.58
N ALA A 101 12.24 -3.18 -0.21
CA ALA A 101 12.84 -2.53 -1.37
C ALA A 101 13.98 -1.60 -0.96
N LEU A 102 13.77 -0.87 0.13
CA LEU A 102 14.78 0.06 0.63
C LEU A 102 15.99 -0.68 1.19
N GLY A 103 15.72 -1.78 1.89
CA GLY A 103 16.79 -2.56 2.47
C GLY A 103 16.63 -2.75 3.97
N LYS A 104 15.45 -2.40 4.47
CA LYS A 104 15.13 -2.56 5.87
C LYS A 104 14.43 -3.90 6.08
N PHE A 105 15.21 -4.98 6.08
CA PHE A 105 14.65 -6.33 6.15
C PHE A 105 14.02 -6.61 7.51
N ARG A 106 14.56 -6.04 8.57
CA ARG A 106 14.00 -6.28 9.90
C ARG A 106 12.81 -5.36 10.13
N ALA A 107 12.87 -4.17 9.54
CA ALA A 107 11.75 -3.24 9.60
C ALA A 107 10.57 -3.79 8.81
N ALA A 108 10.87 -4.33 7.63
CA ALA A 108 9.84 -4.92 6.79
C ALA A 108 9.26 -6.14 7.47
N LEU A 109 10.09 -6.81 8.24
CA LEU A 109 9.65 -7.97 8.98
C LEU A 109 8.65 -7.56 10.05
N ARG A 110 8.81 -6.36 10.60
CA ARG A 110 7.87 -5.85 11.59
C ARG A 110 6.51 -5.69 10.96
N ASP A 111 6.52 -5.16 9.75
CA ASP A 111 5.30 -4.88 9.03
C ASP A 111 4.59 -6.17 8.65
N TYR A 112 5.36 -7.10 8.08
CA TYR A 112 4.82 -8.41 7.72
C TYR A 112 4.41 -9.18 8.97
N GLU A 113 5.18 -9.03 10.04
CA GLU A 113 4.89 -9.69 11.31
C GLU A 113 3.53 -9.27 11.81
N THR A 114 3.28 -7.96 11.79
CA THR A 114 2.01 -7.44 12.24
C THR A 114 0.86 -8.02 11.41
N VAL A 115 1.05 -8.09 10.10
CA VAL A 115 0.07 -8.68 9.20
C VAL A 115 -0.22 -10.12 9.60
N VAL A 116 0.83 -10.90 9.82
CA VAL A 116 0.69 -12.31 10.15
C VAL A 116 0.24 -12.51 11.60
N LYS A 117 0.36 -11.46 12.41
CA LYS A 117 -0.11 -11.52 13.78
C LYS A 117 -1.61 -11.28 13.86
N VAL A 118 -2.16 -10.65 12.82
CA VAL A 118 -3.60 -10.44 12.76
C VAL A 118 -4.29 -11.62 12.07
N LYS A 119 -3.72 -12.08 10.96
CA LYS A 119 -4.21 -13.29 10.31
C LYS A 119 -3.07 -14.29 10.05
N PRO A 120 -2.71 -15.06 11.10
CA PRO A 120 -1.59 -16.01 11.05
C PRO A 120 -1.88 -17.25 10.22
N HIS A 121 -3.15 -17.56 10.03
CA HIS A 121 -3.54 -18.73 9.24
C HIS A 121 -3.68 -18.34 7.78
N ASP A 122 -3.35 -17.10 7.48
CA ASP A 122 -3.44 -16.58 6.13
C ASP A 122 -2.11 -16.72 5.41
N LYS A 123 -2.13 -17.44 4.29
CA LYS A 123 -0.91 -17.73 3.54
C LYS A 123 -0.28 -16.47 2.95
N ASP A 124 -1.09 -15.44 2.74
CA ASP A 124 -0.57 -14.19 2.19
C ASP A 124 0.29 -13.49 3.22
N ALA A 125 -0.23 -13.42 4.44
CA ALA A 125 0.53 -12.91 5.57
C ALA A 125 1.75 -13.77 5.81
N LYS A 126 1.54 -15.09 5.89
CA LYS A 126 2.63 -16.02 6.09
C LYS A 126 3.73 -15.82 5.08
N MET A 127 3.37 -16.01 3.81
CA MET A 127 4.34 -16.07 2.72
C MET A 127 5.41 -14.98 2.81
N LYS A 128 4.99 -13.74 2.83
CA LYS A 128 5.92 -12.62 2.84
C LYS A 128 6.57 -12.45 4.20
N TYR A 129 5.88 -12.88 5.25
CA TYR A 129 6.47 -12.88 6.58
C TYR A 129 7.63 -13.86 6.62
N GLN A 130 7.44 -15.05 6.06
CA GLN A 130 8.47 -16.08 6.05
C GLN A 130 9.62 -15.61 5.17
N GLU A 131 9.25 -15.04 4.04
CA GLU A 131 10.20 -14.48 3.09
C GLU A 131 11.08 -13.43 3.76
N CYS A 132 10.48 -12.47 4.45
CA CYS A 132 11.23 -11.45 5.14
C CYS A 132 11.98 -12.05 6.32
N ASN A 133 11.31 -12.92 7.05
CA ASN A 133 11.88 -13.58 8.22
C ASN A 133 13.17 -14.30 7.86
N LYS A 134 13.09 -15.17 6.87
CA LYS A 134 14.25 -15.95 6.44
C LYS A 134 15.37 -15.03 5.96
N ILE A 135 15.01 -13.95 5.28
CA ILE A 135 16.02 -13.04 4.75
C ILE A 135 16.75 -12.31 5.86
N VAL A 136 16.04 -12.02 6.94
CA VAL A 136 16.68 -11.48 8.13
C VAL A 136 17.73 -12.46 8.65
N LYS A 137 17.41 -13.75 8.55
CA LYS A 137 18.32 -14.79 9.02
C LYS A 137 19.43 -15.06 8.01
N GLN A 138 19.18 -14.72 6.74
CA GLN A 138 20.24 -14.77 5.74
C GLN A 138 21.37 -13.86 6.18
N LYS A 139 20.95 -12.69 6.65
CA LYS A 139 21.86 -11.66 7.09
C LYS A 139 22.50 -12.03 8.43
N ALA A 140 21.67 -12.31 9.42
CA ALA A 140 22.15 -12.60 10.75
C ALA A 140 21.56 -13.92 11.26
N MET B 2 -11.13 -9.84 -9.58
CA MET B 2 -9.76 -10.02 -9.11
C MET B 2 -8.92 -8.79 -9.43
N GLU B 3 -9.56 -7.64 -9.29
CA GLU B 3 -8.93 -6.36 -9.61
C GLU B 3 -8.37 -5.71 -8.35
N GLU B 4 -8.04 -6.54 -7.37
CA GLU B 4 -7.51 -6.05 -6.12
C GLU B 4 -6.06 -5.60 -6.25
N VAL B 5 -5.89 -4.37 -6.70
CA VAL B 5 -4.61 -3.69 -6.60
C VAL B 5 -4.55 -3.01 -5.24
N ASP B 6 -5.72 -2.94 -4.64
CA ASP B 6 -5.91 -2.42 -3.31
C ASP B 6 -6.25 -3.55 -2.35
N THR A 10 -16.22 20.18 7.62
CA THR A 10 -16.98 19.42 6.64
C THR A 10 -17.11 17.96 7.07
N ASP A 11 -18.25 17.36 6.75
CA ASP A 11 -18.46 15.93 6.94
C ASP A 11 -17.61 15.18 5.90
N PRO A 12 -17.64 13.84 5.86
CA PRO A 12 -17.10 13.13 4.72
C PRO A 12 -17.71 13.68 3.44
N PRO A 13 -16.89 13.92 2.42
CA PRO A 13 -17.39 14.41 1.14
C PRO A 13 -18.53 13.52 0.65
N ALA A 14 -19.41 14.09 -0.14
CA ALA A 14 -20.60 13.40 -0.56
C ALA A 14 -20.28 12.19 -1.45
N ASP A 15 -21.33 11.42 -1.70
CA ASP A 15 -21.35 10.29 -2.64
C ASP A 15 -20.55 10.58 -3.90
N GLY A 16 -21.23 10.93 -4.99
CA GLY A 16 -20.56 11.28 -6.26
C GLY A 16 -19.12 11.74 -6.13
N ALA A 17 -18.80 12.61 -5.16
CA ALA A 17 -17.42 13.02 -4.91
C ALA A 17 -16.57 11.85 -4.42
N LEU A 18 -17.02 11.21 -3.33
CA LEU A 18 -16.35 10.05 -2.76
C LEU A 18 -16.23 8.91 -3.76
N LYS A 19 -17.34 8.59 -4.41
CA LYS A 19 -17.37 7.49 -5.36
C LYS A 19 -16.53 7.84 -6.59
N ARG A 20 -16.32 9.14 -6.81
CA ARG A 20 -15.46 9.58 -7.89
C ARG A 20 -14.02 9.34 -7.51
N ALA A 21 -13.70 9.58 -6.25
CA ALA A 21 -12.39 9.25 -5.75
C ALA A 21 -12.18 7.75 -5.84
N GLU A 22 -13.27 7.05 -5.57
CA GLU A 22 -13.31 5.60 -5.68
C GLU A 22 -13.20 5.18 -7.15
N GLU A 23 -13.68 6.05 -8.04
CA GLU A 23 -13.54 5.83 -9.47
C GLU A 23 -12.10 5.95 -9.87
N LEU A 24 -11.45 6.99 -9.36
CA LEU A 24 -10.06 7.25 -9.67
C LEU A 24 -9.18 6.11 -9.16
N LYS A 25 -9.60 5.47 -8.08
CA LYS A 25 -8.91 4.30 -7.59
C LYS A 25 -9.06 3.16 -8.60
N THR A 26 -10.25 3.06 -9.17
CA THR A 26 -10.54 2.07 -10.20
C THR A 26 -9.77 2.39 -11.47
N GLN A 27 -9.91 3.64 -11.92
CA GLN A 27 -9.16 4.14 -13.07
C GLN A 27 -7.66 3.92 -12.92
N ALA A 28 -7.13 4.25 -11.76
CA ALA A 28 -5.71 4.13 -11.52
C ALA A 28 -5.27 2.67 -11.51
N ASN A 29 -6.16 1.78 -11.06
CA ASN A 29 -5.88 0.36 -11.13
C ASN A 29 -5.93 -0.09 -12.58
N ASP A 30 -6.78 0.58 -13.35
CA ASP A 30 -6.88 0.36 -14.78
C ASP A 30 -5.58 0.77 -15.45
N TYR A 31 -4.99 1.84 -14.95
CA TYR A 31 -3.69 2.30 -15.42
C TYR A 31 -2.58 1.40 -14.89
N PHE A 32 -2.74 0.93 -13.65
CA PHE A 32 -1.79 0.01 -13.05
C PHE A 32 -1.66 -1.23 -13.91
N LYS A 33 -2.79 -1.83 -14.28
CA LYS A 33 -2.78 -3.01 -15.11
C LYS A 33 -2.47 -2.64 -16.56
N ALA A 34 -2.66 -1.36 -16.90
CA ALA A 34 -2.28 -0.86 -18.21
C ALA A 34 -0.79 -0.57 -18.26
N LYS A 35 -0.14 -0.75 -17.10
CA LYS A 35 1.31 -0.64 -16.97
C LYS A 35 1.75 0.84 -16.89
N ASP A 36 0.81 1.71 -16.57
CA ASP A 36 1.11 3.13 -16.40
C ASP A 36 0.94 3.52 -14.94
N TYR A 37 2.04 3.45 -14.21
CA TYR A 37 2.00 3.61 -12.77
C TYR A 37 1.99 5.07 -12.35
N GLU A 38 2.45 5.95 -13.24
CA GLU A 38 2.43 7.38 -12.94
C GLU A 38 1.05 7.95 -13.06
N ASN A 39 0.37 7.61 -14.13
CA ASN A 39 -0.98 8.08 -14.28
C ASN A 39 -1.82 7.50 -13.16
N ALA A 40 -1.51 6.27 -12.78
CA ALA A 40 -2.11 5.66 -11.60
C ALA A 40 -1.91 6.54 -10.37
N ILE A 41 -0.65 6.92 -10.11
CA ILE A 41 -0.32 7.84 -9.02
C ILE A 41 -1.20 9.08 -9.09
N LYS A 42 -1.29 9.66 -10.28
CA LYS A 42 -2.09 10.85 -10.52
C LYS A 42 -3.53 10.66 -10.06
N PHE A 43 -4.16 9.60 -10.53
CA PHE A 43 -5.56 9.33 -10.20
C PHE A 43 -5.73 9.03 -8.71
N TYR A 44 -4.75 8.40 -8.08
CA TYR A 44 -4.80 8.17 -6.64
C TYR A 44 -4.72 9.49 -5.90
N SER A 45 -3.85 10.38 -6.35
CA SER A 45 -3.70 11.69 -5.74
C SER A 45 -4.99 12.47 -5.88
N GLN A 46 -5.58 12.39 -7.06
CA GLN A 46 -6.85 13.04 -7.34
C GLN A 46 -7.96 12.50 -6.43
N ALA A 47 -7.87 11.22 -6.10
CA ALA A 47 -8.80 10.60 -5.17
C ALA A 47 -8.62 11.15 -3.76
N ILE A 48 -7.41 11.61 -3.47
CA ILE A 48 -7.09 12.20 -2.17
C ILE A 48 -7.47 13.67 -2.17
N GLU A 49 -7.79 14.18 -3.34
CA GLU A 49 -8.33 15.51 -3.48
C GLU A 49 -9.84 15.49 -3.28
N LEU A 50 -10.44 14.35 -3.58
CA LEU A 50 -11.88 14.18 -3.44
C LEU A 50 -12.25 13.71 -2.04
N ASN A 51 -11.59 12.68 -1.55
CA ASN A 51 -11.71 12.31 -0.14
C ASN A 51 -10.33 12.54 0.47
N PRO A 52 -10.16 12.50 1.78
CA PRO A 52 -8.84 12.53 2.38
C PRO A 52 -8.37 11.19 2.96
N SER A 53 -8.97 10.78 4.06
CA SER A 53 -8.50 9.64 4.82
C SER A 53 -8.97 8.32 4.22
N ASN A 54 -8.30 7.89 3.16
CA ASN A 54 -8.53 6.56 2.64
C ASN A 54 -7.20 5.80 2.52
N ALA A 55 -6.99 4.88 3.45
CA ALA A 55 -5.76 4.08 3.47
C ALA A 55 -5.60 3.30 2.16
N ILE A 56 -6.73 2.96 1.55
CA ILE A 56 -6.74 2.25 0.27
C ILE A 56 -6.00 3.05 -0.79
N TYR A 57 -6.32 4.33 -0.88
CA TYR A 57 -5.76 5.19 -1.92
C TYR A 57 -4.26 5.34 -1.74
N TYR A 58 -3.84 5.63 -0.51
CA TYR A 58 -2.42 5.84 -0.23
C TYR A 58 -1.64 4.53 -0.33
N GLY A 59 -2.27 3.42 0.04
CA GLY A 59 -1.60 2.14 -0.03
C GLY A 59 -1.30 1.74 -1.45
N ASN A 60 -2.28 1.90 -2.32
CA ASN A 60 -2.11 1.56 -3.73
C ASN A 60 -1.22 2.60 -4.42
N ARG A 61 -1.30 3.85 -3.97
CA ARG A 61 -0.42 4.90 -4.49
C ARG A 61 1.02 4.58 -4.13
N SER A 62 1.22 4.08 -2.91
CA SER A 62 2.52 3.60 -2.47
C SER A 62 3.02 2.53 -3.43
N LEU A 63 2.12 1.64 -3.81
CA LEU A 63 2.44 0.60 -4.78
C LEU A 63 2.84 1.19 -6.12
N ALA A 64 2.17 2.26 -6.52
CA ALA A 64 2.48 2.93 -7.77
C ALA A 64 3.89 3.50 -7.73
N TYR A 65 4.25 4.07 -6.58
CA TYR A 65 5.61 4.51 -6.35
C TYR A 65 6.55 3.30 -6.31
N LEU A 66 6.09 2.21 -5.71
CA LEU A 66 6.84 0.97 -5.65
C LEU A 66 7.19 0.46 -7.05
N ARG A 67 6.22 0.53 -7.95
CA ARG A 67 6.43 0.08 -9.33
C ARG A 67 7.41 1.00 -10.06
N THR A 68 7.37 2.27 -9.73
CA THR A 68 8.18 3.27 -10.40
C THR A 68 9.55 3.46 -9.71
N GLU A 69 9.87 2.54 -8.79
CA GLU A 69 11.15 2.56 -8.06
C GLU A 69 11.26 3.82 -7.21
N CYS A 70 10.12 4.36 -6.83
CA CYS A 70 10.02 5.55 -6.01
C CYS A 70 9.84 5.18 -4.55
N TYR A 71 10.49 4.10 -4.15
CA TYR A 71 10.31 3.49 -2.83
C TYR A 71 10.34 4.51 -1.69
N GLY A 72 11.11 5.58 -1.84
CA GLY A 72 11.13 6.63 -0.84
C GLY A 72 9.74 7.18 -0.56
N TYR A 73 9.04 7.56 -1.63
CA TYR A 73 7.68 8.05 -1.52
C TYR A 73 6.75 6.91 -1.10
N ALA A 74 7.05 5.71 -1.61
CA ALA A 74 6.25 4.53 -1.31
C ALA A 74 6.22 4.27 0.18
N LEU A 75 7.39 4.27 0.80
CA LEU A 75 7.53 4.02 2.22
C LEU A 75 6.77 5.09 3.02
N ASN A 76 6.87 6.33 2.57
CA ASN A 76 6.20 7.44 3.24
C ASN A 76 4.68 7.36 3.09
N ASP A 77 4.21 7.16 1.87
CA ASP A 77 2.76 7.09 1.59
C ASP A 77 2.13 5.87 2.23
N ALA A 78 2.89 4.78 2.31
CA ALA A 78 2.40 3.58 2.98
C ALA A 78 2.20 3.84 4.47
N THR A 79 3.18 4.50 5.08
CA THR A 79 3.09 4.91 6.46
C THR A 79 1.89 5.83 6.67
N ARG A 80 1.67 6.69 5.68
CA ARG A 80 0.56 7.63 5.69
C ARG A 80 -0.78 6.89 5.76
N ALA A 81 -0.88 5.75 5.10
CA ALA A 81 -2.11 4.97 5.14
C ALA A 81 -2.33 4.39 6.52
N ILE A 82 -1.25 3.96 7.17
CA ILE A 82 -1.32 3.44 8.53
C ILE A 82 -1.70 4.56 9.50
N GLU A 83 -1.46 5.80 9.09
CA GLU A 83 -1.86 6.96 9.89
C GLU A 83 -3.34 7.28 9.66
N LEU A 84 -3.82 7.00 8.45
CA LEU A 84 -5.21 7.23 8.11
C LEU A 84 -6.08 6.11 8.67
N ASP A 85 -5.68 4.88 8.39
CA ASP A 85 -6.36 3.72 8.91
C ASP A 85 -5.34 2.86 9.60
N LYS A 86 -5.25 3.03 10.90
CA LYS A 86 -4.22 2.41 11.70
C LYS A 86 -4.19 0.92 11.46
N LYS A 87 -5.35 0.27 11.42
CA LYS A 87 -5.35 -1.11 11.01
C LYS A 87 -5.83 -1.21 9.57
N TYR A 88 -4.87 -1.31 8.68
CA TYR A 88 -5.10 -1.65 7.29
C TYR A 88 -4.05 -2.66 6.90
N ILE A 89 -4.44 -3.94 6.84
CA ILE A 89 -3.49 -5.02 6.68
C ILE A 89 -2.69 -4.88 5.39
N LYS A 90 -3.37 -4.60 4.30
CA LYS A 90 -2.71 -4.36 3.03
C LYS A 90 -1.80 -3.13 3.13
N GLY A 91 -2.15 -2.21 4.02
CA GLY A 91 -1.35 -1.01 4.21
C GLY A 91 -0.05 -1.30 4.88
N TYR A 92 -0.10 -2.11 5.94
CA TYR A 92 1.10 -2.61 6.58
C TYR A 92 1.95 -3.34 5.54
N TYR A 93 1.27 -4.15 4.74
CA TYR A 93 1.89 -4.98 3.71
C TYR A 93 2.56 -4.09 2.65
N ARG A 94 1.97 -2.93 2.39
CA ARG A 94 2.54 -1.99 1.43
C ARG A 94 3.83 -1.39 1.96
N ARG A 95 3.83 -1.01 3.24
CA ARG A 95 5.02 -0.43 3.85
C ARG A 95 6.12 -1.47 3.97
N ALA A 96 5.72 -2.70 4.24
CA ALA A 96 6.65 -3.82 4.26
C ALA A 96 7.33 -3.98 2.90
N ALA A 97 6.57 -3.74 1.84
CA ALA A 97 7.09 -3.83 0.49
C ALA A 97 8.13 -2.74 0.23
N SER A 98 7.82 -1.51 0.63
CA SER A 98 8.77 -0.40 0.50
C SER A 98 10.05 -0.68 1.28
N ASN A 99 9.90 -1.17 2.50
CA ASN A 99 11.05 -1.52 3.33
C ASN A 99 11.87 -2.63 2.70
N MET A 100 11.18 -3.70 2.28
CA MET A 100 11.83 -4.84 1.63
C MET A 100 12.59 -4.41 0.38
N ALA A 101 11.94 -3.57 -0.43
CA ALA A 101 12.52 -3.10 -1.68
C ALA A 101 13.77 -2.25 -1.43
N LEU A 102 13.79 -1.55 -0.31
CA LEU A 102 14.93 -0.70 0.04
C LEU A 102 16.08 -1.53 0.59
N GLY A 103 15.76 -2.70 1.12
CA GLY A 103 16.77 -3.54 1.72
C GLY A 103 16.62 -3.59 3.22
N LYS A 104 15.58 -2.94 3.73
CA LYS A 104 15.30 -2.92 5.15
C LYS A 104 14.54 -4.18 5.53
N PHE A 105 15.24 -5.30 5.54
CA PHE A 105 14.64 -6.61 5.80
C PHE A 105 14.05 -6.69 7.20
N ARG A 106 14.71 -6.06 8.18
CA ARG A 106 14.22 -6.12 9.55
C ARG A 106 13.05 -5.16 9.71
N ALA A 107 13.10 -4.05 9.01
CA ALA A 107 12.00 -3.08 9.03
C ALA A 107 10.76 -3.68 8.39
N ALA A 108 10.96 -4.33 7.24
CA ALA A 108 9.87 -4.99 6.54
C ALA A 108 9.32 -6.12 7.37
N LEU A 109 10.22 -6.77 8.12
CA LEU A 109 9.82 -7.84 9.01
C LEU A 109 8.87 -7.33 10.08
N ARG A 110 9.08 -6.09 10.52
CA ARG A 110 8.22 -5.49 11.53
C ARG A 110 6.81 -5.36 10.99
N ASP A 111 6.73 -4.93 9.73
CA ASP A 111 5.45 -4.74 9.09
C ASP A 111 4.79 -6.09 8.81
N TYR A 112 5.54 -7.00 8.22
CA TYR A 112 5.05 -8.34 7.94
C TYR A 112 4.66 -9.06 9.23
N GLU A 113 5.43 -8.83 10.29
CA GLU A 113 5.16 -9.41 11.59
C GLU A 113 3.82 -8.90 12.11
N THR A 114 3.58 -7.62 11.90
CA THR A 114 2.33 -7.01 12.31
C THR A 114 1.16 -7.60 11.54
N VAL A 115 1.36 -7.77 10.23
CA VAL A 115 0.36 -8.40 9.38
C VAL A 115 0.03 -9.80 9.91
N VAL A 116 1.07 -10.56 10.22
CA VAL A 116 0.90 -11.94 10.66
C VAL A 116 0.51 -12.00 12.15
N LYS A 117 0.49 -10.86 12.81
CA LYS A 117 0.01 -10.80 14.19
C LYS A 117 -1.49 -10.52 14.20
N VAL A 118 -1.99 -9.97 13.10
CA VAL A 118 -3.42 -9.71 12.97
C VAL A 118 -4.12 -10.88 12.26
N LYS A 119 -3.46 -11.45 11.25
CA LYS A 119 -4.01 -12.60 10.53
C LYS A 119 -2.92 -13.64 10.26
N PRO A 120 -2.54 -14.38 11.32
CA PRO A 120 -1.50 -15.42 11.28
C PRO A 120 -1.97 -16.73 10.65
N HIS A 121 -3.27 -16.85 10.44
CA HIS A 121 -3.81 -18.03 9.81
C HIS A 121 -3.96 -17.78 8.33
N ASP A 122 -3.47 -16.63 7.92
CA ASP A 122 -3.49 -16.24 6.52
C ASP A 122 -2.14 -16.48 5.85
N LYS A 123 -2.17 -17.25 4.79
CA LYS A 123 -0.97 -17.60 4.03
C LYS A 123 -0.28 -16.39 3.39
N ASP A 124 -1.02 -15.30 3.18
CA ASP A 124 -0.48 -14.15 2.48
C ASP A 124 0.37 -13.33 3.44
N ALA A 125 -0.13 -13.22 4.66
CA ALA A 125 0.61 -12.59 5.73
C ALA A 125 1.87 -13.39 6.03
N LYS A 126 1.69 -14.71 6.17
CA LYS A 126 2.81 -15.58 6.48
C LYS A 126 3.83 -15.56 5.36
N MET A 127 3.38 -15.79 4.15
CA MET A 127 4.28 -15.97 2.99
C MET A 127 5.43 -14.96 3.01
N LYS A 128 5.11 -13.69 3.13
CA LYS A 128 6.13 -12.65 3.11
C LYS A 128 6.71 -12.41 4.51
N TYR A 129 5.94 -12.74 5.55
CA TYR A 129 6.47 -12.73 6.92
C TYR A 129 7.68 -13.64 7.00
N GLN A 130 7.45 -14.89 6.62
CA GLN A 130 8.45 -15.94 6.73
C GLN A 130 9.55 -15.69 5.74
N GLU A 131 9.19 -15.10 4.61
CA GLU A 131 10.12 -14.72 3.57
C GLU A 131 11.12 -13.68 4.10
N CYS A 132 10.60 -12.64 4.74
CA CYS A 132 11.46 -11.63 5.31
C CYS A 132 12.16 -12.17 6.54
N ASN A 133 11.42 -13.00 7.29
CA ASN A 133 11.93 -13.62 8.51
C ASN A 133 13.16 -14.46 8.22
N LYS A 134 13.04 -15.37 7.25
CA LYS A 134 14.16 -16.22 6.87
C LYS A 134 15.31 -15.39 6.34
N ILE A 135 15.00 -14.28 5.65
CA ILE A 135 16.04 -13.43 5.08
C ILE A 135 16.83 -12.73 6.18
N VAL A 136 16.15 -12.38 7.26
CA VAL A 136 16.83 -11.86 8.43
C VAL A 136 17.78 -12.92 8.98
N LYS A 137 17.38 -14.18 8.85
CA LYS A 137 18.19 -15.30 9.30
C LYS A 137 19.32 -15.59 8.32
N GLN A 138 19.13 -15.20 7.06
CA GLN A 138 20.21 -15.28 6.09
C GLN A 138 21.34 -14.38 6.54
N LYS A 139 20.94 -13.29 7.17
CA LYS A 139 21.87 -12.30 7.69
C LYS A 139 22.42 -12.72 9.04
N ALA A 140 21.55 -13.17 9.93
CA ALA A 140 21.94 -13.57 11.27
C ALA A 140 21.93 -15.09 11.40
N MET B 2 -6.21 -11.64 -9.01
CA MET B 2 -6.73 -10.41 -8.38
C MET B 2 -6.33 -9.15 -9.14
N GLU B 3 -7.15 -8.78 -10.12
CA GLU B 3 -6.89 -7.60 -10.92
C GLU B 3 -7.02 -6.35 -10.08
N GLU B 4 -7.87 -6.42 -9.06
CA GLU B 4 -8.00 -5.34 -8.10
C GLU B 4 -6.89 -5.47 -7.07
N VAL B 5 -5.82 -4.71 -7.26
CA VAL B 5 -4.65 -4.82 -6.39
C VAL B 5 -4.92 -4.23 -5.00
N ASP B 6 -5.39 -3.00 -4.96
CA ASP B 6 -5.77 -2.34 -3.71
C ASP B 6 -6.92 -1.39 -3.97
N THR A 10 -15.02 19.68 7.17
CA THR A 10 -15.89 18.98 6.21
C THR A 10 -16.09 17.53 6.61
N ASP A 11 -17.30 17.02 6.41
CA ASP A 11 -17.58 15.60 6.56
C ASP A 11 -16.86 14.83 5.46
N PRO A 12 -17.01 13.49 5.39
CA PRO A 12 -16.64 12.78 4.20
C PRO A 12 -17.28 13.45 3.00
N PRO A 13 -16.50 13.73 1.96
CA PRO A 13 -17.03 14.32 0.74
C PRO A 13 -18.21 13.53 0.22
N ALA A 14 -19.03 14.15 -0.58
CA ALA A 14 -20.26 13.54 -0.99
C ALA A 14 -20.03 12.40 -1.97
N ASP A 15 -21.13 11.74 -2.29
CA ASP A 15 -21.23 10.65 -3.26
C ASP A 15 -20.37 10.89 -4.48
N GLY A 16 -20.98 11.32 -5.58
CA GLY A 16 -20.25 11.61 -6.83
C GLY A 16 -18.76 11.89 -6.68
N ALA A 17 -18.37 12.72 -5.71
CA ALA A 17 -16.96 12.99 -5.44
C ALA A 17 -16.25 11.74 -4.90
N LEU A 18 -16.82 11.14 -3.87
CA LEU A 18 -16.28 9.93 -3.27
C LEU A 18 -16.25 8.78 -4.26
N LYS A 19 -17.33 8.62 -5.01
CA LYS A 19 -17.40 7.56 -6.00
C LYS A 19 -16.47 7.88 -7.16
N ARG A 20 -16.08 9.14 -7.25
CA ARG A 20 -15.10 9.56 -8.25
C ARG A 20 -13.70 9.29 -7.71
N ALA A 21 -13.51 9.46 -6.41
CA ALA A 21 -12.29 9.04 -5.77
C ALA A 21 -12.15 7.53 -5.91
N GLU A 22 -13.29 6.86 -5.75
CA GLU A 22 -13.40 5.43 -5.97
C GLU A 22 -13.20 5.12 -7.46
N GLU A 23 -13.63 6.06 -8.30
CA GLU A 23 -13.52 5.95 -9.75
C GLU A 23 -12.07 5.89 -10.14
N LEU A 24 -11.32 6.85 -9.62
CA LEU A 24 -9.91 6.98 -9.92
C LEU A 24 -9.14 5.79 -9.37
N LYS A 25 -9.60 5.26 -8.25
CA LYS A 25 -9.03 4.04 -7.68
C LYS A 25 -9.27 2.89 -8.66
N THR A 26 -10.42 2.93 -9.31
CA THR A 26 -10.80 1.93 -10.30
C THR A 26 -9.99 2.13 -11.58
N GLN A 27 -9.93 3.37 -12.04
CA GLN A 27 -9.13 3.73 -13.22
C GLN A 27 -7.67 3.36 -13.00
N ALA A 28 -7.14 3.70 -11.85
CA ALA A 28 -5.76 3.41 -11.52
C ALA A 28 -5.52 1.91 -11.44
N ASN A 29 -6.57 1.16 -11.14
CA ASN A 29 -6.49 -0.30 -11.20
C ASN A 29 -6.38 -0.76 -12.65
N ASP A 30 -7.08 -0.06 -13.53
CA ASP A 30 -7.01 -0.34 -14.95
C ASP A 30 -5.64 0.03 -15.48
N TYR A 31 -5.12 1.15 -15.01
CA TYR A 31 -3.79 1.60 -15.38
C TYR A 31 -2.73 0.70 -14.76
N PHE A 32 -3.00 0.18 -13.57
CA PHE A 32 -2.15 -0.83 -12.96
C PHE A 32 -2.06 -2.04 -13.86
N LYS A 33 -3.22 -2.49 -14.31
CA LYS A 33 -3.32 -3.62 -15.23
C LYS A 33 -2.78 -3.24 -16.61
N ALA A 34 -2.76 -1.94 -16.89
CA ALA A 34 -2.24 -1.43 -18.16
C ALA A 34 -0.75 -1.11 -18.06
N LYS A 35 -0.19 -1.30 -16.86
CA LYS A 35 1.24 -1.12 -16.60
C LYS A 35 1.64 0.35 -16.53
N ASP A 36 0.66 1.24 -16.39
CA ASP A 36 0.94 2.65 -16.22
C ASP A 36 0.75 3.02 -14.75
N TYR A 37 1.78 2.79 -13.98
CA TYR A 37 1.73 2.96 -12.54
C TYR A 37 1.83 4.43 -12.15
N GLU A 38 2.33 5.26 -13.05
CA GLU A 38 2.48 6.70 -12.77
C GLU A 38 1.17 7.43 -12.92
N ASN A 39 0.47 7.16 -13.99
CA ASN A 39 -0.81 7.78 -14.16
C ASN A 39 -1.74 7.29 -13.06
N ALA A 40 -1.51 6.05 -12.63
CA ALA A 40 -2.21 5.51 -11.47
C ALA A 40 -1.90 6.34 -10.23
N ILE A 41 -0.62 6.71 -10.05
CA ILE A 41 -0.19 7.61 -8.99
C ILE A 41 -1.06 8.88 -9.00
N LYS A 42 -1.25 9.40 -10.20
CA LYS A 42 -2.05 10.60 -10.42
C LYS A 42 -3.48 10.40 -9.93
N PHE A 43 -4.10 9.30 -10.35
CA PHE A 43 -5.49 9.03 -9.99
C PHE A 43 -5.66 8.91 -8.48
N TYR A 44 -4.73 8.23 -7.83
CA TYR A 44 -4.79 8.07 -6.39
C TYR A 44 -4.62 9.41 -5.70
N SER A 45 -3.74 10.25 -6.23
CA SER A 45 -3.54 11.58 -5.69
C SER A 45 -4.81 12.39 -5.85
N GLN A 46 -5.39 12.32 -7.04
CA GLN A 46 -6.66 12.99 -7.33
C GLN A 46 -7.76 12.51 -6.40
N ALA A 47 -7.71 11.23 -6.05
CA ALA A 47 -8.68 10.65 -5.12
C ALA A 47 -8.51 11.24 -3.73
N ILE A 48 -7.30 11.68 -3.42
CA ILE A 48 -7.00 12.33 -2.15
C ILE A 48 -7.29 13.82 -2.24
N GLU A 49 -7.56 14.28 -3.44
CA GLU A 49 -8.00 15.64 -3.64
C GLU A 49 -9.52 15.69 -3.59
N LEU A 50 -10.13 14.53 -3.73
CA LEU A 50 -11.58 14.40 -3.63
C LEU A 50 -11.96 13.96 -2.23
N ASN A 51 -11.47 12.80 -1.81
CA ASN A 51 -11.61 12.35 -0.44
C ASN A 51 -10.32 12.76 0.27
N PRO A 52 -10.23 12.68 1.60
CA PRO A 52 -8.98 12.87 2.29
C PRO A 52 -8.36 11.61 2.91
N SER A 53 -8.76 11.33 4.15
CA SER A 53 -8.16 10.27 4.93
C SER A 53 -8.65 8.89 4.49
N ASN A 54 -8.10 8.41 3.39
CA ASN A 54 -8.38 7.05 2.96
C ASN A 54 -7.08 6.29 2.76
N ALA A 55 -6.83 5.33 3.64
CA ALA A 55 -5.60 4.55 3.63
C ALA A 55 -5.47 3.75 2.33
N ILE A 56 -6.58 3.53 1.65
CA ILE A 56 -6.59 2.81 0.40
C ILE A 56 -5.90 3.61 -0.70
N TYR A 57 -6.18 4.91 -0.74
CA TYR A 57 -5.63 5.76 -1.77
C TYR A 57 -4.15 5.99 -1.55
N TYR A 58 -3.78 6.29 -0.30
CA TYR A 58 -2.39 6.46 0.06
C TYR A 58 -1.63 5.14 -0.01
N GLY A 59 -2.33 4.06 0.34
CA GLY A 59 -1.71 2.75 0.36
C GLY A 59 -1.34 2.25 -1.01
N ASN A 60 -2.28 2.31 -1.95
CA ASN A 60 -2.00 1.78 -3.28
C ASN A 60 -1.24 2.80 -4.13
N ARG A 61 -1.24 4.07 -3.70
CA ARG A 61 -0.37 5.04 -4.34
C ARG A 61 1.06 4.77 -3.93
N SER A 62 1.23 4.41 -2.66
CA SER A 62 2.50 3.88 -2.17
C SER A 62 2.94 2.74 -3.07
N LEU A 63 2.02 1.84 -3.39
CA LEU A 63 2.30 0.76 -4.30
C LEU A 63 2.70 1.30 -5.67
N ALA A 64 1.95 2.26 -6.18
CA ALA A 64 2.25 2.88 -7.47
C ALA A 64 3.67 3.43 -7.48
N TYR A 65 4.07 4.02 -6.36
CA TYR A 65 5.43 4.43 -6.15
C TYR A 65 6.36 3.21 -6.19
N LEU A 66 6.01 2.17 -5.44
CA LEU A 66 6.75 0.90 -5.47
C LEU A 66 6.90 0.38 -6.91
N ARG A 67 5.80 0.44 -7.64
CA ARG A 67 5.73 -0.02 -9.02
C ARG A 67 6.69 0.77 -9.91
N THR A 68 6.93 2.02 -9.55
CA THR A 68 7.82 2.88 -10.31
C THR A 68 9.19 2.98 -9.64
N GLU A 69 9.44 2.08 -8.69
CA GLU A 69 10.71 2.00 -7.95
C GLU A 69 10.97 3.26 -7.15
N CYS A 70 9.89 3.90 -6.74
CA CYS A 70 9.93 5.12 -5.95
C CYS A 70 9.73 4.83 -4.46
N TYR A 71 10.27 3.70 -4.01
CA TYR A 71 10.07 3.22 -2.64
C TYR A 71 10.23 4.33 -1.58
N GLY A 72 11.04 5.34 -1.86
CA GLY A 72 11.17 6.47 -0.96
C GLY A 72 9.82 7.12 -0.69
N TYR A 73 9.15 7.55 -1.76
CA TYR A 73 7.79 8.07 -1.64
C TYR A 73 6.86 7.01 -1.10
N ALA A 74 7.05 5.78 -1.58
CA ALA A 74 6.21 4.66 -1.19
C ALA A 74 6.18 4.45 0.31
N LEU A 75 7.35 4.36 0.92
CA LEU A 75 7.46 4.15 2.36
C LEU A 75 6.76 5.30 3.10
N ASN A 76 6.99 6.52 2.63
CA ASN A 76 6.41 7.70 3.26
C ASN A 76 4.88 7.71 3.09
N ASP A 77 4.43 7.34 1.90
CA ASP A 77 3.01 7.36 1.57
C ASP A 77 2.28 6.24 2.29
N ALA A 78 2.90 5.07 2.35
CA ALA A 78 2.32 3.92 3.03
C ALA A 78 2.23 4.18 4.53
N THR A 79 3.23 4.84 5.08
CA THR A 79 3.22 5.21 6.48
C THR A 79 2.09 6.18 6.75
N ARG A 80 1.75 7.00 5.75
CA ARG A 80 0.64 7.93 5.89
C ARG A 80 -0.68 7.15 5.94
N ALA A 81 -0.75 6.03 5.24
CA ALA A 81 -1.93 5.18 5.31
C ALA A 81 -2.06 4.58 6.70
N ILE A 82 -0.92 4.16 7.26
CA ILE A 82 -0.88 3.69 8.64
C ILE A 82 -1.40 4.78 9.59
N GLU A 83 -1.16 6.02 9.23
CA GLU A 83 -1.63 7.15 10.02
C GLU A 83 -3.13 7.32 9.91
N LEU A 84 -3.65 7.10 8.71
CA LEU A 84 -5.07 7.25 8.43
C LEU A 84 -5.85 6.04 8.91
N ASP A 85 -5.19 4.90 8.93
CA ASP A 85 -5.80 3.65 9.32
C ASP A 85 -4.78 2.84 10.08
N LYS A 86 -4.71 3.12 11.38
CA LYS A 86 -3.67 2.54 12.22
C LYS A 86 -3.64 1.02 12.14
N LYS A 87 -4.80 0.39 12.02
CA LYS A 87 -4.81 -1.02 11.71
C LYS A 87 -5.46 -1.26 10.36
N TYR A 88 -4.63 -1.44 9.36
CA TYR A 88 -5.07 -1.92 8.06
C TYR A 88 -4.06 -2.93 7.57
N ILE A 89 -4.48 -4.18 7.48
CA ILE A 89 -3.57 -5.28 7.16
C ILE A 89 -2.91 -5.09 5.80
N LYS A 90 -3.69 -4.69 4.81
CA LYS A 90 -3.16 -4.42 3.48
C LYS A 90 -2.31 -3.14 3.49
N GLY A 91 -2.53 -2.30 4.49
CA GLY A 91 -1.79 -1.06 4.61
C GLY A 91 -0.36 -1.31 5.05
N TYR A 92 -0.23 -2.09 6.12
CA TYR A 92 1.09 -2.54 6.59
C TYR A 92 1.83 -3.22 5.45
N TYR A 93 1.12 -4.09 4.74
CA TYR A 93 1.69 -4.90 3.67
C TYR A 93 2.36 -4.02 2.61
N ARG A 94 1.73 -2.89 2.30
CA ARG A 94 2.29 -1.92 1.36
C ARG A 94 3.55 -1.30 1.93
N ARG A 95 3.51 -0.94 3.20
CA ARG A 95 4.64 -0.28 3.86
C ARG A 95 5.81 -1.25 4.00
N ALA A 96 5.48 -2.50 4.30
CA ALA A 96 6.46 -3.57 4.41
C ALA A 96 7.22 -3.75 3.11
N ALA A 97 6.50 -3.65 1.99
CA ALA A 97 7.11 -3.81 0.68
C ALA A 97 8.06 -2.65 0.40
N SER A 98 7.71 -1.48 0.93
CA SER A 98 8.55 -0.32 0.80
C SER A 98 9.83 -0.48 1.62
N ASN A 99 9.68 -0.92 2.86
CA ASN A 99 10.83 -1.21 3.73
C ASN A 99 11.70 -2.31 3.13
N MET A 100 11.06 -3.35 2.63
CA MET A 100 11.74 -4.49 2.04
C MET A 100 12.58 -4.05 0.85
N ALA A 101 11.99 -3.23 0.00
CA ALA A 101 12.66 -2.74 -1.20
C ALA A 101 13.82 -1.81 -0.86
N LEU A 102 13.66 -1.02 0.20
CA LEU A 102 14.70 -0.10 0.64
C LEU A 102 15.91 -0.83 1.19
N GLY A 103 15.67 -2.01 1.76
CA GLY A 103 16.76 -2.79 2.33
C GLY A 103 16.58 -2.96 3.82
N LYS A 104 15.47 -2.46 4.34
CA LYS A 104 15.15 -2.58 5.75
C LYS A 104 14.39 -3.88 5.99
N PHE A 105 15.11 -4.98 6.03
CA PHE A 105 14.50 -6.30 6.11
C PHE A 105 13.83 -6.54 7.46
N ARG A 106 14.41 -6.03 8.54
CA ARG A 106 13.82 -6.18 9.85
C ARG A 106 12.61 -5.25 9.99
N ALA A 107 12.73 -4.07 9.43
CA ALA A 107 11.62 -3.12 9.43
C ALA A 107 10.45 -3.67 8.62
N ALA A 108 10.76 -4.19 7.44
CA ALA A 108 9.74 -4.81 6.60
C ALA A 108 9.14 -6.02 7.31
N LEU A 109 10.00 -6.73 8.03
CA LEU A 109 9.58 -7.88 8.77
C LEU A 109 8.66 -7.47 9.91
N ARG A 110 8.80 -6.25 10.40
CA ARG A 110 7.92 -5.75 11.45
C ARG A 110 6.51 -5.63 10.91
N ASP A 111 6.42 -5.07 9.72
CA ASP A 111 5.13 -4.84 9.10
C ASP A 111 4.50 -6.17 8.70
N TYR A 112 5.29 -7.03 8.07
CA TYR A 112 4.85 -8.37 7.70
C TYR A 112 4.50 -9.18 8.95
N GLU A 113 5.28 -8.98 10.01
CA GLU A 113 5.06 -9.67 11.28
C GLU A 113 3.69 -9.32 11.82
N THR A 114 3.38 -8.02 11.80
CA THR A 114 2.09 -7.55 12.26
C THR A 114 0.96 -8.14 11.43
N VAL A 115 1.18 -8.18 10.11
CA VAL A 115 0.22 -8.79 9.20
C VAL A 115 -0.01 -10.26 9.55
N VAL A 116 1.08 -10.99 9.80
CA VAL A 116 1.00 -12.42 10.10
C VAL A 116 0.60 -12.66 11.57
N LYS A 117 0.62 -11.61 12.37
CA LYS A 117 0.16 -11.70 13.75
C LYS A 117 -1.34 -11.51 13.82
N VAL A 118 -1.91 -10.91 12.78
CA VAL A 118 -3.34 -10.77 12.68
C VAL A 118 -3.95 -11.97 11.96
N LYS A 119 -3.29 -12.43 10.89
CA LYS A 119 -3.74 -13.61 10.19
C LYS A 119 -2.56 -14.49 9.76
N PRO A 120 -2.11 -15.37 10.68
CA PRO A 120 -0.98 -16.28 10.47
C PRO A 120 -1.34 -17.48 9.59
N HIS A 121 -2.62 -17.71 9.39
CA HIS A 121 -3.07 -18.81 8.55
C HIS A 121 -3.22 -18.34 7.11
N ASP A 122 -3.09 -17.04 6.92
CA ASP A 122 -3.25 -16.45 5.61
C ASP A 122 -1.96 -16.51 4.81
N LYS A 123 -2.03 -17.21 3.67
CA LYS A 123 -0.90 -17.41 2.77
C LYS A 123 -0.23 -16.10 2.38
N ASP A 124 -1.03 -15.06 2.16
CA ASP A 124 -0.50 -13.77 1.72
C ASP A 124 0.37 -13.17 2.80
N ALA A 125 -0.10 -13.24 4.05
CA ALA A 125 0.67 -12.77 5.18
C ALA A 125 1.92 -13.59 5.36
N LYS A 126 1.75 -14.91 5.38
CA LYS A 126 2.86 -15.83 5.57
C LYS A 126 3.92 -15.59 4.50
N MET A 127 3.52 -15.72 3.24
CA MET A 127 4.45 -15.71 2.10
C MET A 127 5.54 -14.64 2.25
N LYS A 128 5.14 -13.39 2.40
CA LYS A 128 6.11 -12.31 2.48
C LYS A 128 6.74 -12.19 3.86
N TYR A 129 6.04 -12.67 4.88
CA TYR A 129 6.61 -12.72 6.22
C TYR A 129 7.83 -13.62 6.25
N GLN A 130 7.64 -14.85 5.79
CA GLN A 130 8.68 -15.87 5.82
C GLN A 130 9.79 -15.49 4.87
N GLU A 131 9.38 -14.86 3.78
CA GLU A 131 10.30 -14.37 2.77
C GLU A 131 11.27 -13.34 3.35
N CYS A 132 10.73 -12.37 4.08
CA CYS A 132 11.56 -11.37 4.71
C CYS A 132 12.29 -11.99 5.91
N ASN A 133 11.59 -12.90 6.59
CA ASN A 133 12.13 -13.58 7.77
C ASN A 133 13.37 -14.37 7.38
N LYS A 134 13.27 -15.16 6.32
CA LYS A 134 14.39 -15.98 5.87
C LYS A 134 15.56 -15.10 5.44
N ILE A 135 15.27 -13.98 4.78
CA ILE A 135 16.32 -13.07 4.31
C ILE A 135 17.05 -12.45 5.49
N VAL A 136 16.34 -12.18 6.56
CA VAL A 136 16.96 -11.72 7.78
C VAL A 136 17.93 -12.79 8.30
N LYS A 137 17.58 -14.05 8.11
CA LYS A 137 18.43 -15.15 8.57
C LYS A 137 19.50 -15.47 7.54
N GLN A 138 19.32 -14.99 6.31
CA GLN A 138 20.38 -15.08 5.33
C GLN A 138 21.55 -14.26 5.85
N LYS A 139 21.20 -13.13 6.42
CA LYS A 139 22.16 -12.22 6.98
C LYS A 139 22.67 -12.73 8.33
N ALA A 140 21.74 -13.00 9.23
CA ALA A 140 22.08 -13.43 10.58
C ALA A 140 21.64 -14.88 10.80
N MET B 2 -5.25 -13.36 -11.52
CA MET B 2 -5.27 -11.90 -11.72
C MET B 2 -4.91 -11.14 -10.43
N GLU B 3 -4.32 -9.96 -10.61
CA GLU B 3 -3.96 -9.12 -9.48
C GLU B 3 -4.57 -7.73 -9.61
N GLU B 4 -5.44 -7.40 -8.66
CA GLU B 4 -6.04 -6.08 -8.61
C GLU B 4 -5.42 -5.28 -7.48
N VAL B 5 -5.73 -3.99 -7.45
CA VAL B 5 -5.17 -3.09 -6.45
C VAL B 5 -5.87 -3.24 -5.11
N ASP B 6 -5.50 -2.39 -4.16
CA ASP B 6 -6.07 -2.41 -2.83
C ASP B 6 -7.50 -1.91 -2.87
N THR A 10 -16.68 19.84 7.09
CA THR A 10 -17.38 19.17 6.01
C THR A 10 -17.63 17.71 6.37
N ASP A 11 -18.75 17.18 5.92
CA ASP A 11 -19.08 15.77 6.08
C ASP A 11 -18.24 14.96 5.10
N PRO A 12 -18.32 13.62 5.14
CA PRO A 12 -17.79 12.80 4.07
C PRO A 12 -18.27 13.32 2.73
N PRO A 13 -17.35 13.51 1.78
CA PRO A 13 -17.65 14.09 0.49
C PRO A 13 -18.79 13.34 -0.20
N ALA A 14 -19.60 14.05 -0.95
CA ALA A 14 -20.74 13.46 -1.62
C ALA A 14 -20.30 12.28 -2.47
N ASP A 15 -21.14 11.26 -2.60
CA ASP A 15 -20.74 10.02 -3.24
C ASP A 15 -20.80 10.14 -4.76
N GLY A 16 -20.57 11.35 -5.23
CA GLY A 16 -20.23 11.57 -6.61
C GLY A 16 -18.75 11.82 -6.68
N ALA A 17 -18.29 12.54 -5.65
CA ALA A 17 -16.88 12.75 -5.41
C ALA A 17 -16.28 11.50 -4.81
N LEU A 18 -17.02 10.83 -3.93
CA LEU A 18 -16.54 9.61 -3.30
C LEU A 18 -16.64 8.42 -4.21
N LYS A 19 -17.73 8.30 -4.98
CA LYS A 19 -17.78 7.26 -5.99
C LYS A 19 -16.64 7.49 -6.99
N ARG A 20 -16.35 8.76 -7.27
CA ARG A 20 -15.33 9.11 -8.22
C ARG A 20 -13.93 9.00 -7.60
N ALA A 21 -13.85 9.12 -6.28
CA ALA A 21 -12.61 8.79 -5.59
C ALA A 21 -12.32 7.31 -5.82
N GLU A 22 -13.39 6.52 -5.78
CA GLU A 22 -13.36 5.12 -6.16
C GLU A 22 -13.14 4.98 -7.68
N GLU A 23 -13.67 5.92 -8.44
CA GLU A 23 -13.54 5.89 -9.88
C GLU A 23 -12.11 6.11 -10.28
N LEU A 24 -11.48 7.09 -9.68
CA LEU A 24 -10.09 7.39 -9.96
C LEU A 24 -9.21 6.22 -9.55
N LYS A 25 -9.59 5.53 -8.49
CA LYS A 25 -8.87 4.33 -8.09
C LYS A 25 -9.03 3.24 -9.14
N THR A 26 -10.21 3.21 -9.75
CA THR A 26 -10.53 2.25 -10.80
C THR A 26 -9.85 2.66 -12.12
N GLN A 27 -10.02 3.93 -12.50
CA GLN A 27 -9.35 4.49 -13.68
C GLN A 27 -7.85 4.29 -13.57
N ALA A 28 -7.29 4.60 -12.40
CA ALA A 28 -5.86 4.45 -12.18
C ALA A 28 -5.46 2.98 -12.19
N ASN A 29 -6.40 2.10 -11.84
CA ASN A 29 -6.17 0.67 -11.95
C ASN A 29 -6.13 0.28 -13.42
N ASP A 30 -6.85 1.03 -14.24
CA ASP A 30 -6.81 0.87 -15.69
C ASP A 30 -5.45 1.31 -16.20
N TYR A 31 -4.95 2.43 -15.69
CA TYR A 31 -3.62 2.90 -16.00
C TYR A 31 -2.57 1.92 -15.47
N PHE A 32 -2.87 1.33 -14.32
CA PHE A 32 -2.04 0.29 -13.73
C PHE A 32 -1.86 -0.87 -14.71
N LYS A 33 -2.95 -1.32 -15.30
CA LYS A 33 -2.90 -2.41 -16.27
C LYS A 33 -2.41 -1.88 -17.61
N ALA A 34 -2.49 -0.56 -17.79
CA ALA A 34 -2.04 0.08 -19.01
C ALA A 34 -0.55 0.39 -18.95
N LYS A 35 0.05 0.10 -17.79
CA LYS A 35 1.49 0.25 -17.57
C LYS A 35 1.89 1.71 -17.38
N ASP A 36 0.93 2.56 -17.03
CA ASP A 36 1.23 3.94 -16.72
C ASP A 36 0.95 4.19 -15.24
N TYR A 37 1.92 3.89 -14.40
CA TYR A 37 1.75 4.02 -12.97
C TYR A 37 1.84 5.46 -12.52
N GLU A 38 2.41 6.32 -13.36
CA GLU A 38 2.53 7.73 -13.02
C GLU A 38 1.21 8.42 -13.11
N ASN A 39 0.50 8.19 -14.19
CA ASN A 39 -0.82 8.74 -14.30
C ASN A 39 -1.71 8.12 -13.24
N ALA A 40 -1.47 6.85 -12.94
CA ALA A 40 -2.16 6.18 -11.86
C ALA A 40 -1.91 6.92 -10.54
N ILE A 41 -0.63 7.17 -10.24
CA ILE A 41 -0.23 7.99 -9.09
C ILE A 41 -1.04 9.28 -9.03
N LYS A 42 -1.18 9.91 -10.18
CA LYS A 42 -1.93 11.15 -10.31
C LYS A 42 -3.39 10.94 -9.94
N PHE A 43 -4.02 9.93 -10.52
CA PHE A 43 -5.44 9.67 -10.27
C PHE A 43 -5.69 9.25 -8.82
N TYR A 44 -4.75 8.52 -8.22
CA TYR A 44 -4.87 8.17 -6.81
C TYR A 44 -4.77 9.43 -5.95
N SER A 45 -3.88 10.33 -6.32
CA SER A 45 -3.75 11.60 -5.62
C SER A 45 -5.02 12.42 -5.78
N GLN A 46 -5.58 12.39 -6.98
CA GLN A 46 -6.82 13.09 -7.27
C GLN A 46 -7.97 12.55 -6.42
N ALA A 47 -7.91 11.27 -6.10
CA ALA A 47 -8.90 10.66 -5.22
C ALA A 47 -8.76 11.21 -3.80
N ILE A 48 -7.55 11.60 -3.46
CA ILE A 48 -7.24 12.24 -2.17
C ILE A 48 -7.55 13.73 -2.24
N GLU A 49 -7.86 14.20 -3.42
CA GLU A 49 -8.34 15.56 -3.60
C GLU A 49 -9.86 15.59 -3.47
N LEU A 50 -10.46 14.43 -3.67
CA LEU A 50 -11.90 14.27 -3.51
C LEU A 50 -12.23 13.85 -2.08
N ASN A 51 -11.68 12.70 -1.66
CA ASN A 51 -11.78 12.30 -0.28
C ASN A 51 -10.49 12.77 0.38
N PRO A 52 -10.34 12.73 1.69
CA PRO A 52 -9.05 12.98 2.32
C PRO A 52 -8.38 11.75 2.93
N SER A 53 -8.75 11.44 4.17
CA SER A 53 -8.10 10.39 4.94
C SER A 53 -8.60 9.02 4.49
N ASN A 54 -8.06 8.56 3.37
CA ASN A 54 -8.37 7.24 2.89
C ASN A 54 -7.08 6.46 2.72
N ALA A 55 -6.79 5.61 3.70
CA ALA A 55 -5.56 4.82 3.72
C ALA A 55 -5.46 3.93 2.49
N ILE A 56 -6.61 3.62 1.90
CA ILE A 56 -6.66 2.79 0.70
C ILE A 56 -6.06 3.52 -0.49
N TYR A 57 -6.39 4.80 -0.64
CA TYR A 57 -5.87 5.59 -1.74
C TYR A 57 -4.38 5.85 -1.56
N TYR A 58 -4.00 6.15 -0.33
CA TYR A 58 -2.59 6.36 0.01
C TYR A 58 -1.80 5.06 -0.13
N GLY A 59 -2.39 3.95 0.29
CA GLY A 59 -1.74 2.66 0.19
C GLY A 59 -1.66 2.17 -1.25
N ASN A 60 -2.57 2.64 -2.08
CA ASN A 60 -2.59 2.24 -3.48
C ASN A 60 -1.63 3.12 -4.29
N ARG A 61 -1.51 4.39 -3.89
CA ARG A 61 -0.56 5.27 -4.55
C ARG A 61 0.86 4.85 -4.24
N SER A 62 1.10 4.44 -2.99
CA SER A 62 2.39 3.89 -2.61
C SER A 62 2.66 2.61 -3.39
N LEU A 63 1.61 1.85 -3.66
CA LEU A 63 1.69 0.68 -4.51
C LEU A 63 2.12 1.08 -5.93
N ALA A 64 1.65 2.23 -6.40
CA ALA A 64 2.03 2.74 -7.71
C ALA A 64 3.50 3.13 -7.71
N TYR A 65 3.91 3.84 -6.66
CA TYR A 65 5.32 4.13 -6.45
C TYR A 65 6.13 2.83 -6.36
N LEU A 66 5.51 1.81 -5.79
CA LEU A 66 6.11 0.49 -5.65
C LEU A 66 6.26 -0.21 -7.01
N ARG A 67 5.36 0.08 -7.93
CA ARG A 67 5.42 -0.53 -9.26
C ARG A 67 6.61 0.01 -10.03
N THR A 68 6.81 1.31 -9.94
CA THR A 68 7.80 2.00 -10.74
C THR A 68 9.22 1.76 -10.22
N GLU A 69 9.61 2.57 -9.26
CA GLU A 69 10.95 2.51 -8.66
C GLU A 69 11.04 3.49 -7.50
N CYS A 70 9.88 3.83 -6.95
CA CYS A 70 9.76 4.93 -6.03
C CYS A 70 9.50 4.43 -4.63
N TYR A 71 10.11 3.30 -4.31
CA TYR A 71 9.90 2.64 -3.02
C TYR A 71 10.15 3.60 -1.85
N GLY A 72 10.97 4.62 -2.07
CA GLY A 72 11.17 5.64 -1.06
C GLY A 72 9.90 6.41 -0.81
N TYR A 73 9.31 6.94 -1.87
CA TYR A 73 8.00 7.59 -1.79
C TYR A 73 6.96 6.61 -1.31
N ALA A 74 7.06 5.38 -1.79
CA ALA A 74 6.14 4.31 -1.42
C ALA A 74 6.13 4.12 0.09
N LEU A 75 7.32 3.99 0.67
CA LEU A 75 7.44 3.82 2.12
C LEU A 75 6.80 5.00 2.84
N ASN A 76 7.07 6.21 2.36
CA ASN A 76 6.51 7.42 2.95
C ASN A 76 4.99 7.42 2.85
N ASP A 77 4.50 7.17 1.65
CA ASP A 77 3.08 7.25 1.36
C ASP A 77 2.32 6.12 2.06
N ALA A 78 2.92 4.93 2.11
CA ALA A 78 2.34 3.80 2.81
C ALA A 78 2.33 4.04 4.31
N THR A 79 3.36 4.72 4.81
CA THR A 79 3.41 5.12 6.21
C THR A 79 2.30 6.13 6.50
N ARG A 80 2.06 7.01 5.52
CA ARG A 80 0.99 7.99 5.65
C ARG A 80 -0.36 7.29 5.78
N ALA A 81 -0.49 6.14 5.12
CA ALA A 81 -1.66 5.29 5.30
C ALA A 81 -1.73 4.80 6.74
N ILE A 82 -0.62 4.27 7.24
CA ILE A 82 -0.53 3.81 8.63
C ILE A 82 -0.76 4.97 9.63
N GLU A 83 -0.85 6.19 9.12
CA GLU A 83 -1.21 7.33 9.93
C GLU A 83 -2.72 7.61 9.84
N LEU A 84 -3.30 7.31 8.69
CA LEU A 84 -4.73 7.52 8.46
C LEU A 84 -5.53 6.35 9.02
N ASP A 85 -4.95 5.17 8.86
CA ASP A 85 -5.46 3.96 9.44
C ASP A 85 -4.40 3.52 10.39
N LYS A 86 -4.76 3.06 11.54
CA LYS A 86 -3.74 2.67 12.46
C LYS A 86 -3.65 1.16 12.52
N LYS A 87 -4.78 0.48 12.36
CA LYS A 87 -4.76 -0.95 12.07
C LYS A 87 -5.43 -1.25 10.74
N TYR A 88 -4.62 -1.47 9.71
CA TYR A 88 -5.08 -2.06 8.47
C TYR A 88 -4.04 -3.08 8.01
N ILE A 89 -4.45 -4.33 7.92
CA ILE A 89 -3.50 -5.42 7.70
C ILE A 89 -2.80 -5.30 6.36
N LYS A 90 -3.58 -5.08 5.31
CA LYS A 90 -3.02 -4.90 3.98
C LYS A 90 -2.21 -3.61 3.90
N GLY A 91 -2.51 -2.68 4.81
CA GLY A 91 -1.80 -1.41 4.86
C GLY A 91 -0.39 -1.61 5.36
N TYR A 92 -0.27 -2.26 6.52
CA TYR A 92 1.02 -2.67 7.04
C TYR A 92 1.80 -3.42 5.96
N TYR A 93 1.10 -4.36 5.31
CA TYR A 93 1.68 -5.25 4.31
C TYR A 93 2.30 -4.44 3.16
N ARG A 94 1.60 -3.40 2.71
CA ARG A 94 2.12 -2.54 1.66
C ARG A 94 3.36 -1.80 2.12
N ARG A 95 3.30 -1.28 3.35
CA ARG A 95 4.42 -0.57 3.95
C ARG A 95 5.62 -1.49 4.09
N ALA A 96 5.35 -2.72 4.54
CA ALA A 96 6.36 -3.75 4.68
C ALA A 96 7.07 -4.00 3.35
N ALA A 97 6.33 -3.91 2.26
CA ALA A 97 6.86 -4.16 0.93
C ALA A 97 7.85 -3.07 0.55
N SER A 98 7.56 -1.84 0.96
CA SER A 98 8.46 -0.74 0.68
C SER A 98 9.74 -0.89 1.50
N ASN A 99 9.59 -1.28 2.77
CA ASN A 99 10.76 -1.56 3.62
C ASN A 99 11.62 -2.66 3.02
N MET A 100 10.96 -3.73 2.58
CA MET A 100 11.64 -4.86 1.96
C MET A 100 12.38 -4.42 0.71
N ALA A 101 11.70 -3.62 -0.11
CA ALA A 101 12.27 -3.11 -1.35
C ALA A 101 13.46 -2.21 -1.08
N LEU A 102 13.37 -1.38 -0.05
CA LEU A 102 14.45 -0.47 0.31
C LEU A 102 15.70 -1.23 0.75
N GLY A 103 15.49 -2.25 1.56
CA GLY A 103 16.62 -3.04 2.06
C GLY A 103 16.58 -3.21 3.55
N LYS A 104 15.62 -2.56 4.20
CA LYS A 104 15.48 -2.67 5.64
C LYS A 104 14.57 -3.84 5.98
N PHE A 105 15.15 -5.03 5.94
CA PHE A 105 14.41 -6.28 6.05
C PHE A 105 13.83 -6.50 7.43
N ARG A 106 14.50 -6.01 8.47
CA ARG A 106 14.03 -6.22 9.83
C ARG A 106 12.85 -5.31 10.12
N ALA A 107 12.82 -4.17 9.46
CA ALA A 107 11.70 -3.26 9.60
C ALA A 107 10.50 -3.81 8.82
N ALA A 108 10.78 -4.36 7.64
CA ALA A 108 9.77 -5.03 6.85
C ALA A 108 9.23 -6.23 7.61
N LEU A 109 10.14 -6.90 8.30
CA LEU A 109 9.80 -8.06 9.09
C LEU A 109 8.82 -7.68 10.20
N ARG A 110 9.00 -6.50 10.78
CA ARG A 110 8.13 -6.05 11.85
C ARG A 110 6.72 -5.79 11.33
N ASP A 111 6.63 -5.24 10.13
CA ASP A 111 5.35 -4.98 9.52
C ASP A 111 4.67 -6.27 9.10
N TYR A 112 5.41 -7.13 8.41
CA TYR A 112 4.89 -8.44 8.01
C TYR A 112 4.57 -9.29 9.23
N GLU A 113 5.38 -9.16 10.27
CA GLU A 113 5.17 -9.88 11.52
C GLU A 113 3.82 -9.49 12.10
N THR A 114 3.55 -8.19 12.10
CA THR A 114 2.29 -7.69 12.59
C THR A 114 1.13 -8.26 11.77
N VAL A 115 1.32 -8.32 10.45
CA VAL A 115 0.32 -8.90 9.56
C VAL A 115 0.04 -10.35 9.94
N VAL A 116 1.10 -11.13 10.11
CA VAL A 116 0.96 -12.55 10.42
C VAL A 116 0.56 -12.77 11.88
N LYS A 117 0.71 -11.73 12.71
CA LYS A 117 0.28 -11.83 14.09
C LYS A 117 -1.22 -11.55 14.22
N VAL A 118 -1.77 -10.90 13.21
CA VAL A 118 -3.20 -10.66 13.18
C VAL A 118 -3.92 -11.83 12.48
N LYS A 119 -3.36 -12.30 11.38
CA LYS A 119 -3.85 -13.50 10.73
C LYS A 119 -2.73 -14.49 10.47
N PRO A 120 -2.42 -15.34 11.48
CA PRO A 120 -1.37 -16.36 11.39
C PRO A 120 -1.79 -17.55 10.54
N HIS A 121 -3.07 -17.60 10.19
CA HIS A 121 -3.57 -18.65 9.32
C HIS A 121 -3.55 -18.20 7.87
N ASP A 122 -2.99 -17.03 7.63
CA ASP A 122 -2.89 -16.49 6.30
C ASP A 122 -1.56 -16.85 5.66
N LYS A 123 -1.61 -17.67 4.63
CA LYS A 123 -0.39 -18.16 3.97
C LYS A 123 0.46 -17.04 3.41
N ASP A 124 -0.15 -15.96 2.95
CA ASP A 124 0.60 -14.89 2.29
C ASP A 124 1.21 -13.96 3.33
N ALA A 125 0.45 -13.72 4.40
CA ALA A 125 0.97 -13.01 5.56
C ALA A 125 2.19 -13.74 6.10
N LYS A 126 2.04 -15.04 6.33
CA LYS A 126 3.17 -15.87 6.73
C LYS A 126 4.26 -15.78 5.69
N MET A 127 3.90 -16.07 4.45
CA MET A 127 4.85 -16.17 3.34
C MET A 127 5.87 -15.04 3.33
N LYS A 128 5.37 -13.82 3.24
CA LYS A 128 6.24 -12.67 3.11
C LYS A 128 6.97 -12.38 4.42
N TYR A 129 6.38 -12.82 5.53
CA TYR A 129 7.07 -12.79 6.81
C TYR A 129 8.21 -13.79 6.83
N GLN A 130 7.96 -15.00 6.33
CA GLN A 130 8.95 -16.06 6.30
C GLN A 130 10.09 -15.68 5.38
N GLU A 131 9.73 -14.97 4.31
CA GLU A 131 10.68 -14.54 3.30
C GLU A 131 11.63 -13.50 3.88
N CYS A 132 11.09 -12.56 4.62
CA CYS A 132 11.88 -11.56 5.27
C CYS A 132 12.64 -12.16 6.44
N ASN A 133 11.98 -13.05 7.18
CA ASN A 133 12.59 -13.68 8.35
C ASN A 133 13.85 -14.43 7.96
N LYS A 134 13.74 -15.29 6.94
CA LYS A 134 14.88 -16.07 6.46
C LYS A 134 15.99 -15.13 5.99
N ILE A 135 15.61 -14.07 5.29
CA ILE A 135 16.59 -13.13 4.75
C ILE A 135 17.31 -12.37 5.85
N VAL A 136 16.61 -12.08 6.93
CA VAL A 136 17.24 -11.50 8.10
C VAL A 136 18.30 -12.44 8.66
N LYS A 137 18.02 -13.74 8.58
CA LYS A 137 18.98 -14.74 9.06
C LYS A 137 20.08 -14.97 8.04
N GLN A 138 19.81 -14.63 6.78
CA GLN A 138 20.84 -14.68 5.77
C GLN A 138 21.93 -13.70 6.17
N LYS A 139 21.48 -12.64 6.83
CA LYS A 139 22.37 -11.62 7.32
C LYS A 139 22.91 -11.97 8.71
N ALA A 140 22.01 -12.42 9.59
CA ALA A 140 22.40 -12.75 10.96
C ALA A 140 21.70 -14.03 11.42
N MET B 2 -11.57 -3.75 -12.94
CA MET B 2 -12.17 -5.04 -12.62
C MET B 2 -11.23 -5.86 -11.73
N GLU B 3 -10.34 -5.16 -11.06
CA GLU B 3 -9.40 -5.78 -10.14
C GLU B 3 -9.48 -5.05 -8.80
N GLU B 4 -9.22 -5.76 -7.71
CA GLU B 4 -9.28 -5.15 -6.39
C GLU B 4 -8.14 -4.14 -6.21
N VAL B 5 -7.00 -4.43 -6.87
CA VAL B 5 -5.73 -3.72 -6.66
C VAL B 5 -5.47 -3.42 -5.18
N ASP B 6 -6.01 -2.32 -4.67
CA ASP B 6 -5.95 -1.99 -3.25
C ASP B 6 -7.24 -1.32 -2.82
N THR A 10 -15.45 19.84 6.38
CA THR A 10 -16.78 19.27 6.35
C THR A 10 -16.73 17.79 6.73
N ASP A 11 -17.87 17.12 6.60
CA ASP A 11 -17.95 15.68 6.85
C ASP A 11 -17.24 14.94 5.72
N PRO A 12 -17.18 13.59 5.74
CA PRO A 12 -16.69 12.84 4.60
C PRO A 12 -17.37 13.34 3.33
N PRO A 13 -16.60 13.56 2.27
CA PRO A 13 -17.17 14.00 1.00
C PRO A 13 -18.28 13.06 0.58
N ALA A 14 -19.17 13.53 -0.23
CA ALA A 14 -20.35 12.78 -0.55
C ALA A 14 -20.06 11.63 -1.52
N ASP A 15 -21.10 10.85 -1.76
CA ASP A 15 -21.12 9.74 -2.73
C ASP A 15 -20.38 10.10 -4.00
N GLY A 16 -21.10 10.50 -5.05
CA GLY A 16 -20.50 10.90 -6.33
C GLY A 16 -19.03 11.34 -6.25
N ALA A 17 -18.67 12.15 -5.25
CA ALA A 17 -17.27 12.54 -5.04
C ALA A 17 -16.42 11.34 -4.57
N LEU A 18 -16.84 10.71 -3.49
CA LEU A 18 -16.15 9.55 -2.93
C LEU A 18 -16.09 8.41 -3.93
N LYS A 19 -17.21 8.14 -4.57
CA LYS A 19 -17.29 7.08 -5.56
C LYS A 19 -16.43 7.44 -6.76
N ARG A 20 -16.23 8.73 -6.99
CA ARG A 20 -15.39 9.19 -8.07
C ARG A 20 -13.92 8.98 -7.72
N ALA A 21 -13.62 9.12 -6.43
CA ALA A 21 -12.30 8.76 -5.93
C ALA A 21 -12.08 7.28 -6.16
N GLU A 22 -13.11 6.51 -5.84
CA GLU A 22 -13.16 5.09 -6.15
C GLU A 22 -13.05 4.84 -7.66
N GLU A 23 -13.59 5.76 -8.45
CA GLU A 23 -13.51 5.66 -9.89
C GLU A 23 -12.11 5.94 -10.38
N LEU A 24 -11.48 6.94 -9.80
CA LEU A 24 -10.12 7.27 -10.16
C LEU A 24 -9.18 6.19 -9.66
N LYS A 25 -9.60 5.49 -8.62
CA LYS A 25 -8.91 4.31 -8.14
C LYS A 25 -8.99 3.22 -9.20
N THR A 26 -10.18 3.09 -9.79
CA THR A 26 -10.44 2.11 -10.84
C THR A 26 -9.75 2.53 -12.15
N GLN A 27 -9.86 3.81 -12.48
CA GLN A 27 -9.12 4.39 -13.60
C GLN A 27 -7.62 4.21 -13.43
N ALA A 28 -7.14 4.30 -12.21
CA ALA A 28 -5.72 4.10 -11.95
C ALA A 28 -5.34 2.65 -12.20
N ASN A 29 -6.29 1.74 -12.00
CA ASN A 29 -6.11 0.34 -12.39
C ASN A 29 -6.02 0.24 -13.91
N ASP A 30 -6.75 1.13 -14.59
CA ASP A 30 -6.72 1.18 -16.05
C ASP A 30 -5.35 1.64 -16.53
N TYR A 31 -4.74 2.52 -15.76
CA TYR A 31 -3.40 3.01 -16.06
C TYR A 31 -2.33 2.06 -15.53
N PHE A 32 -2.65 1.36 -14.46
CA PHE A 32 -1.78 0.33 -13.92
C PHE A 32 -1.56 -0.76 -14.97
N LYS A 33 -2.66 -1.23 -15.56
CA LYS A 33 -2.58 -2.23 -16.61
C LYS A 33 -2.13 -1.58 -17.92
N ALA A 34 -2.28 -0.26 -18.01
CA ALA A 34 -1.77 0.48 -19.16
C ALA A 34 -0.28 0.73 -19.01
N LYS A 35 0.25 0.34 -17.85
CA LYS A 35 1.68 0.39 -17.56
C LYS A 35 2.15 1.81 -17.27
N ASP A 36 1.21 2.71 -17.02
CA ASP A 36 1.53 4.07 -16.63
C ASP A 36 1.26 4.25 -15.16
N TYR A 37 2.18 3.79 -14.34
CA TYR A 37 2.02 3.78 -12.91
C TYR A 37 2.02 5.18 -12.31
N GLU A 38 2.59 6.13 -13.02
CA GLU A 38 2.66 7.50 -12.52
C GLU A 38 1.37 8.26 -12.81
N ASN A 39 0.71 7.94 -13.93
CA ASN A 39 -0.65 8.43 -14.13
C ASN A 39 -1.55 7.83 -13.09
N ALA A 40 -1.35 6.54 -12.81
CA ALA A 40 -2.05 5.86 -11.74
C ALA A 40 -1.80 6.58 -10.42
N ILE A 41 -0.52 6.91 -10.17
CA ILE A 41 -0.12 7.76 -9.05
C ILE A 41 -0.95 9.05 -9.01
N LYS A 42 -1.07 9.68 -10.17
CA LYS A 42 -1.83 10.90 -10.32
C LYS A 42 -3.31 10.70 -9.99
N PHE A 43 -3.91 9.66 -10.57
CA PHE A 43 -5.32 9.39 -10.35
C PHE A 43 -5.60 9.02 -8.89
N TYR A 44 -4.67 8.32 -8.27
CA TYR A 44 -4.77 8.04 -6.85
C TYR A 44 -4.70 9.32 -6.05
N SER A 45 -3.83 10.23 -6.46
CA SER A 45 -3.72 11.52 -5.84
C SER A 45 -5.00 12.31 -6.04
N GLN A 46 -5.56 12.20 -7.23
CA GLN A 46 -6.83 12.84 -7.57
C GLN A 46 -7.96 12.28 -6.70
N ALA A 47 -7.86 11.01 -6.35
CA ALA A 47 -8.80 10.40 -5.42
C ALA A 47 -8.66 11.02 -4.03
N ILE A 48 -7.44 11.45 -3.70
CA ILE A 48 -7.17 12.11 -2.42
C ILE A 48 -7.54 13.59 -2.50
N GLU A 49 -7.87 14.01 -3.70
CA GLU A 49 -8.42 15.33 -3.90
C GLU A 49 -9.92 15.29 -3.67
N LEU A 50 -10.50 14.13 -3.95
CA LEU A 50 -11.93 13.92 -3.78
C LEU A 50 -12.25 13.50 -2.35
N ASN A 51 -11.62 12.43 -1.88
CA ASN A 51 -11.71 12.07 -0.47
C ASN A 51 -10.39 12.51 0.16
N PRO A 52 -10.26 12.53 1.48
CA PRO A 52 -8.97 12.74 2.12
C PRO A 52 -8.37 11.51 2.81
N SER A 53 -8.80 11.28 4.04
CA SER A 53 -8.19 10.29 4.90
C SER A 53 -8.65 8.89 4.53
N ASN A 54 -8.08 8.35 3.46
CA ASN A 54 -8.38 7.01 3.04
C ASN A 54 -7.10 6.21 2.91
N ALA A 55 -6.89 5.28 3.85
CA ALA A 55 -5.70 4.43 3.87
C ALA A 55 -5.56 3.67 2.55
N ILE A 56 -6.69 3.40 1.91
CA ILE A 56 -6.70 2.70 0.63
C ILE A 56 -5.94 3.50 -0.42
N TYR A 57 -6.28 4.77 -0.57
CA TYR A 57 -5.71 5.58 -1.65
C TYR A 57 -4.22 5.82 -1.42
N TYR A 58 -3.82 5.96 -0.17
CA TYR A 58 -2.41 6.14 0.14
C TYR A 58 -1.63 4.84 -0.03
N GLY A 59 -2.31 3.71 0.21
CA GLY A 59 -1.70 2.42 -0.04
C GLY A 59 -1.62 2.14 -1.52
N ASN A 60 -2.67 2.56 -2.23
CA ASN A 60 -2.70 2.48 -3.69
C ASN A 60 -1.52 3.21 -4.28
N ARG A 61 -1.31 4.45 -3.83
CA ARG A 61 -0.17 5.23 -4.26
C ARG A 61 1.13 4.49 -3.95
N SER A 62 1.23 3.95 -2.74
CA SER A 62 2.39 3.20 -2.31
C SER A 62 2.73 2.12 -3.35
N LEU A 63 1.74 1.36 -3.77
CA LEU A 63 1.94 0.30 -4.76
C LEU A 63 2.39 0.89 -6.11
N ALA A 64 1.82 2.01 -6.50
CA ALA A 64 2.18 2.67 -7.75
C ALA A 64 3.63 3.18 -7.67
N TYR A 65 3.98 3.70 -6.50
CA TYR A 65 5.35 4.09 -6.24
C TYR A 65 6.26 2.87 -6.21
N LEU A 66 5.74 1.77 -5.67
CA LEU A 66 6.45 0.51 -5.63
C LEU A 66 6.75 0.00 -7.04
N ARG A 67 5.81 0.21 -7.95
CA ARG A 67 6.01 -0.18 -9.34
C ARG A 67 7.07 0.69 -10.01
N THR A 68 7.08 1.96 -9.65
CA THR A 68 7.96 2.93 -10.28
C THR A 68 9.31 3.01 -9.58
N GLU A 69 9.50 2.14 -8.57
CA GLU A 69 10.74 2.10 -7.79
C GLU A 69 10.93 3.38 -7.00
N CYS A 70 9.81 4.00 -6.68
CA CYS A 70 9.74 5.22 -5.88
C CYS A 70 9.54 4.88 -4.41
N TYR A 71 10.17 3.78 -3.99
CA TYR A 71 9.97 3.23 -2.66
C TYR A 71 10.08 4.27 -1.55
N GLY A 72 10.86 5.33 -1.78
CA GLY A 72 10.92 6.42 -0.82
C GLY A 72 9.54 7.02 -0.56
N TYR A 73 8.81 7.28 -1.63
CA TYR A 73 7.44 7.78 -1.53
C TYR A 73 6.51 6.66 -1.09
N ALA A 74 6.77 5.46 -1.59
CA ALA A 74 5.95 4.29 -1.29
C ALA A 74 5.93 4.01 0.21
N LEU A 75 7.12 3.96 0.80
CA LEU A 75 7.26 3.72 2.23
C LEU A 75 6.60 4.86 3.00
N ASN A 76 6.78 6.08 2.52
CA ASN A 76 6.20 7.26 3.15
C ASN A 76 4.67 7.19 3.14
N ASP A 77 4.09 6.99 1.96
CA ASP A 77 2.64 6.97 1.80
C ASP A 77 2.01 5.78 2.52
N ALA A 78 2.69 4.64 2.50
CA ALA A 78 2.21 3.47 3.22
C ALA A 78 2.16 3.75 4.71
N THR A 79 3.18 4.41 5.21
CA THR A 79 3.22 4.84 6.60
C THR A 79 2.08 5.81 6.88
N ARG A 80 1.80 6.66 5.91
CA ARG A 80 0.72 7.63 6.04
C ARG A 80 -0.62 6.93 6.17
N ALA A 81 -0.79 5.84 5.44
CA ALA A 81 -2.00 5.03 5.54
C ALA A 81 -2.18 4.49 6.94
N ILE A 82 -1.08 4.08 7.58
CA ILE A 82 -1.13 3.61 8.96
C ILE A 82 -1.58 4.74 9.90
N GLU A 83 -1.30 5.96 9.50
CA GLU A 83 -1.73 7.13 10.26
C GLU A 83 -3.20 7.45 9.97
N LEU A 84 -3.68 7.00 8.82
CA LEU A 84 -5.06 7.24 8.41
C LEU A 84 -5.96 6.14 8.98
N ASP A 85 -5.47 4.92 8.89
CA ASP A 85 -6.14 3.77 9.46
C ASP A 85 -5.10 2.97 10.24
N LYS A 86 -5.08 3.20 11.54
CA LYS A 86 -4.02 2.69 12.39
C LYS A 86 -3.87 1.19 12.27
N LYS A 87 -4.97 0.44 12.22
CA LYS A 87 -4.86 -0.95 11.88
C LYS A 87 -5.57 -1.23 10.58
N TYR A 88 -4.79 -1.29 9.52
CA TYR A 88 -5.24 -1.80 8.25
C TYR A 88 -4.13 -2.65 7.68
N ILE A 89 -4.42 -3.92 7.46
CA ILE A 89 -3.38 -4.88 7.11
C ILE A 89 -2.73 -4.56 5.77
N LYS A 90 -3.55 -4.17 4.80
CA LYS A 90 -3.03 -3.81 3.48
C LYS A 90 -2.11 -2.60 3.58
N GLY A 91 -2.34 -1.77 4.60
CA GLY A 91 -1.51 -0.60 4.81
C GLY A 91 -0.14 -0.98 5.30
N TYR A 92 -0.10 -1.88 6.28
CA TYR A 92 1.16 -2.43 6.78
C TYR A 92 1.89 -3.16 5.67
N TYR A 93 1.11 -3.94 4.90
CA TYR A 93 1.64 -4.80 3.85
C TYR A 93 2.38 -3.99 2.80
N ARG A 94 1.82 -2.83 2.43
CA ARG A 94 2.45 -1.96 1.44
C ARG A 94 3.69 -1.30 2.04
N ARG A 95 3.64 -0.98 3.32
CA ARG A 95 4.79 -0.39 4.00
C ARG A 95 5.94 -1.38 4.01
N ALA A 96 5.67 -2.57 4.56
CA ALA A 96 6.68 -3.62 4.66
C ALA A 96 7.29 -3.95 3.30
N ALA A 97 6.50 -3.82 2.24
CA ALA A 97 6.97 -4.11 0.90
C ALA A 97 7.97 -3.06 0.45
N SER A 98 7.72 -1.82 0.85
CA SER A 98 8.63 -0.73 0.56
C SER A 98 9.92 -0.92 1.34
N ASN A 99 9.79 -1.43 2.57
CA ASN A 99 10.96 -1.74 3.39
C ASN A 99 11.82 -2.81 2.72
N MET A 100 11.19 -3.90 2.28
CA MET A 100 11.88 -4.97 1.57
C MET A 100 12.61 -4.41 0.35
N ALA A 101 11.94 -3.51 -0.34
CA ALA A 101 12.46 -2.89 -1.54
C ALA A 101 13.60 -1.92 -1.22
N LEU A 102 13.62 -1.39 -0.01
CA LEU A 102 14.65 -0.46 0.42
C LEU A 102 15.80 -1.19 1.11
N GLY A 103 15.72 -2.51 1.16
CA GLY A 103 16.77 -3.30 1.78
C GLY A 103 16.63 -3.33 3.29
N LYS A 104 15.57 -2.72 3.79
CA LYS A 104 15.28 -2.69 5.21
C LYS A 104 14.51 -3.94 5.61
N PHE A 105 15.17 -5.09 5.47
CA PHE A 105 14.54 -6.38 5.70
C PHE A 105 14.06 -6.51 7.13
N ARG A 106 14.90 -6.19 8.10
CA ARG A 106 14.51 -6.29 9.51
C ARG A 106 13.32 -5.38 9.80
N ALA A 107 13.32 -4.20 9.20
CA ALA A 107 12.22 -3.26 9.37
C ALA A 107 10.93 -3.84 8.76
N ALA A 108 11.08 -4.41 7.57
CA ALA A 108 9.95 -5.02 6.87
C ALA A 108 9.42 -6.21 7.63
N LEU A 109 10.33 -6.93 8.27
CA LEU A 109 9.98 -8.08 9.08
C LEU A 109 9.06 -7.65 10.21
N ARG A 110 9.31 -6.48 10.77
CA ARG A 110 8.49 -5.98 11.87
C ARG A 110 7.10 -5.62 11.37
N ASP A 111 7.03 -5.08 10.16
CA ASP A 111 5.76 -4.71 9.57
C ASP A 111 4.98 -5.95 9.14
N TYR A 112 5.67 -6.89 8.51
CA TYR A 112 5.05 -8.17 8.14
C TYR A 112 4.73 -9.00 9.37
N GLU A 113 5.54 -8.83 10.41
CA GLU A 113 5.28 -9.48 11.69
C GLU A 113 3.97 -8.97 12.25
N THR A 114 3.80 -7.66 12.21
CA THR A 114 2.57 -7.04 12.65
C THR A 114 1.38 -7.57 11.85
N VAL A 115 1.56 -7.69 10.54
CA VAL A 115 0.55 -8.25 9.67
C VAL A 115 0.15 -9.65 10.13
N VAL A 116 1.14 -10.48 10.41
CA VAL A 116 0.89 -11.87 10.81
C VAL A 116 0.51 -11.96 12.28
N LYS A 117 0.61 -10.85 13.00
CA LYS A 117 0.17 -10.80 14.39
C LYS A 117 -1.27 -10.31 14.48
N VAL A 118 -1.79 -9.83 13.37
CA VAL A 118 -3.19 -9.45 13.29
C VAL A 118 -4.00 -10.57 12.64
N LYS A 119 -3.46 -11.16 11.57
CA LYS A 119 -4.09 -12.34 10.97
C LYS A 119 -3.08 -13.47 10.72
N PRO A 120 -2.70 -14.19 11.79
CA PRO A 120 -1.73 -15.30 11.71
C PRO A 120 -2.29 -16.50 10.95
N HIS A 121 -3.62 -16.61 10.96
CA HIS A 121 -4.29 -17.71 10.28
C HIS A 121 -4.39 -17.44 8.79
N ASP A 122 -3.92 -16.28 8.36
CA ASP A 122 -3.98 -15.90 6.96
C ASP A 122 -2.61 -16.04 6.31
N LYS A 123 -2.53 -16.89 5.30
CA LYS A 123 -1.30 -17.15 4.58
C LYS A 123 -0.78 -15.89 3.87
N ASP A 124 -1.66 -14.92 3.65
CA ASP A 124 -1.25 -13.65 3.05
C ASP A 124 -0.20 -12.98 3.92
N ALA A 125 -0.42 -13.04 5.22
CA ALA A 125 0.51 -12.50 6.19
C ALA A 125 1.74 -13.37 6.27
N LYS A 126 1.51 -14.66 6.51
CA LYS A 126 2.59 -15.62 6.65
C LYS A 126 3.56 -15.55 5.48
N MET A 127 3.04 -15.72 4.27
CA MET A 127 3.84 -15.84 3.06
C MET A 127 4.99 -14.84 3.01
N LYS A 128 4.67 -13.57 3.27
CA LYS A 128 5.68 -12.52 3.19
C LYS A 128 6.44 -12.36 4.50
N TYR A 129 5.81 -12.74 5.60
CA TYR A 129 6.48 -12.72 6.90
C TYR A 129 7.66 -13.68 6.90
N GLN A 130 7.41 -14.91 6.46
CA GLN A 130 8.43 -15.95 6.46
C GLN A 130 9.44 -15.64 5.37
N GLU A 131 8.93 -15.11 4.27
CA GLU A 131 9.76 -14.63 3.18
C GLU A 131 10.76 -13.58 3.67
N CYS A 132 10.28 -12.65 4.48
CA CYS A 132 11.15 -11.65 5.06
C CYS A 132 12.06 -12.27 6.11
N ASN A 133 11.48 -13.13 6.96
CA ASN A 133 12.22 -13.79 8.03
C ASN A 133 13.41 -14.55 7.46
N LYS A 134 13.16 -15.34 6.43
CA LYS A 134 14.22 -16.11 5.83
C LYS A 134 15.27 -15.20 5.19
N ILE A 135 14.83 -14.09 4.63
CA ILE A 135 15.75 -13.13 4.02
C ILE A 135 16.62 -12.47 5.08
N VAL A 136 16.05 -12.25 6.26
CA VAL A 136 16.82 -11.80 7.40
C VAL A 136 17.96 -12.79 7.70
N LYS A 137 17.65 -14.07 7.53
CA LYS A 137 18.63 -15.13 7.75
C LYS A 137 19.65 -15.16 6.62
N GLN A 138 19.21 -14.81 5.42
CA GLN A 138 20.08 -14.77 4.25
C GLN A 138 21.24 -13.83 4.53
N LYS A 139 20.91 -12.77 5.25
CA LYS A 139 21.87 -11.73 5.60
C LYS A 139 22.99 -12.30 6.45
N ALA A 140 22.63 -12.67 7.68
CA ALA A 140 23.58 -13.15 8.66
C ALA A 140 22.84 -13.50 9.94
N MET B 2 -11.76 -7.40 -5.67
CA MET B 2 -11.59 -6.92 -4.29
C MET B 2 -10.13 -6.54 -4.01
N GLU B 3 -9.34 -6.48 -5.06
CA GLU B 3 -7.97 -5.99 -4.98
C GLU B 3 -7.53 -5.54 -6.36
N GLU B 4 -8.16 -4.49 -6.84
CA GLU B 4 -7.82 -3.92 -8.13
C GLU B 4 -6.69 -2.93 -7.92
N VAL B 5 -5.46 -3.45 -8.02
CA VAL B 5 -4.24 -2.74 -7.66
C VAL B 5 -4.41 -1.98 -6.34
N ASP B 6 -4.50 -2.75 -5.25
CA ASP B 6 -4.66 -2.21 -3.91
C ASP B 6 -3.57 -2.77 -3.01
N THR A 10 -15.90 19.93 7.12
CA THR A 10 -16.63 19.25 6.07
C THR A 10 -16.77 17.76 6.40
N ASP A 11 -17.96 17.21 6.14
CA ASP A 11 -18.22 15.78 6.30
C ASP A 11 -17.46 15.02 5.22
N PRO A 12 -17.54 13.67 5.22
CA PRO A 12 -17.10 12.88 4.08
C PRO A 12 -17.71 13.45 2.81
N PRO A 13 -16.87 13.72 1.80
CA PRO A 13 -17.31 14.32 0.54
C PRO A 13 -18.50 13.59 -0.04
N ALA A 14 -19.37 14.33 -0.71
CA ALA A 14 -20.57 13.77 -1.27
C ALA A 14 -20.25 12.58 -2.16
N ASP A 15 -21.15 11.61 -2.24
CA ASP A 15 -20.84 10.34 -2.89
C ASP A 15 -20.93 10.45 -4.41
N GLY A 16 -20.65 11.65 -4.88
CA GLY A 16 -20.35 11.85 -6.28
C GLY A 16 -18.87 12.05 -6.41
N ALA A 17 -18.34 12.75 -5.42
CA ALA A 17 -16.92 12.91 -5.25
C ALA A 17 -16.32 11.64 -4.68
N LEU A 18 -17.11 10.90 -3.89
CA LEU A 18 -16.63 9.66 -3.31
C LEU A 18 -16.79 8.49 -4.26
N LYS A 19 -17.91 8.43 -5.00
CA LYS A 19 -18.02 7.42 -6.04
C LYS A 19 -16.92 7.64 -7.07
N ARG A 20 -16.55 8.92 -7.27
CA ARG A 20 -15.52 9.30 -8.23
C ARG A 20 -14.13 9.18 -7.60
N ALA A 21 -14.03 9.31 -6.29
CA ALA A 21 -12.79 8.97 -5.60
C ALA A 21 -12.55 7.50 -5.80
N GLU A 22 -13.65 6.76 -5.81
CA GLU A 22 -13.64 5.34 -6.07
C GLU A 22 -13.48 5.09 -7.57
N GLU A 23 -13.94 6.05 -8.37
CA GLU A 23 -13.81 6.00 -9.81
C GLU A 23 -12.38 6.16 -10.21
N LEU A 24 -11.76 7.19 -9.71
CA LEU A 24 -10.38 7.49 -10.02
C LEU A 24 -9.47 6.37 -9.54
N LYS A 25 -9.87 5.70 -8.45
CA LYS A 25 -9.16 4.50 -8.01
C LYS A 25 -9.28 3.40 -9.06
N THR A 26 -10.46 3.31 -9.66
CA THR A 26 -10.74 2.29 -10.67
C THR A 26 -10.11 2.66 -12.01
N GLN A 27 -10.22 3.94 -12.38
CA GLN A 27 -9.53 4.43 -13.57
C GLN A 27 -8.02 4.26 -13.43
N ALA A 28 -7.50 4.54 -12.25
CA ALA A 28 -6.09 4.34 -11.97
C ALA A 28 -5.75 2.85 -12.02
N ASN A 29 -6.72 2.02 -11.66
CA ASN A 29 -6.60 0.58 -11.80
C ASN A 29 -6.47 0.23 -13.29
N ASP A 30 -7.17 0.99 -14.13
CA ASP A 30 -7.10 0.82 -15.57
C ASP A 30 -5.74 1.23 -16.08
N TYR A 31 -5.20 2.30 -15.49
CA TYR A 31 -3.86 2.76 -15.84
C TYR A 31 -2.79 1.80 -15.29
N PHE A 32 -3.05 1.26 -14.12
CA PHE A 32 -2.21 0.23 -13.54
C PHE A 32 -2.13 -0.96 -14.49
N LYS A 33 -3.29 -1.34 -15.01
CA LYS A 33 -3.38 -2.40 -16.00
C LYS A 33 -2.84 -1.94 -17.35
N ALA A 34 -2.83 -0.63 -17.56
CA ALA A 34 -2.28 -0.05 -18.77
C ALA A 34 -0.77 0.10 -18.66
N LYS A 35 -0.24 -0.26 -17.49
CA LYS A 35 1.21 -0.26 -17.22
C LYS A 35 1.70 1.14 -16.88
N ASP A 36 0.77 2.07 -16.70
CA ASP A 36 1.10 3.45 -16.41
C ASP A 36 0.89 3.72 -14.93
N TYR A 37 1.90 3.42 -14.13
CA TYR A 37 1.81 3.56 -12.68
C TYR A 37 1.85 5.02 -12.27
N GLU A 38 2.37 5.87 -13.14
CA GLU A 38 2.49 7.28 -12.85
C GLU A 38 1.16 7.95 -12.95
N ASN A 39 0.43 7.66 -14.01
CA ASN A 39 -0.88 8.20 -14.14
C ASN A 39 -1.77 7.62 -13.06
N ALA A 40 -1.51 6.38 -12.69
CA ALA A 40 -2.20 5.75 -11.57
C ALA A 40 -1.94 6.57 -10.30
N ILE A 41 -0.67 6.86 -10.04
CA ILE A 41 -0.27 7.75 -8.94
C ILE A 41 -1.11 9.02 -8.95
N LYS A 42 -1.21 9.61 -10.13
CA LYS A 42 -1.97 10.83 -10.32
C LYS A 42 -3.45 10.64 -9.97
N PHE A 43 -4.08 9.62 -10.55
CA PHE A 43 -5.50 9.37 -10.31
C PHE A 43 -5.79 9.02 -8.86
N TYR A 44 -4.86 8.32 -8.22
CA TYR A 44 -5.00 8.04 -6.79
C TYR A 44 -4.89 9.33 -6.00
N SER A 45 -3.97 10.20 -6.42
CA SER A 45 -3.82 11.50 -5.79
C SER A 45 -5.07 12.33 -5.99
N GLN A 46 -5.64 12.23 -7.18
CA GLN A 46 -6.86 12.93 -7.52
C GLN A 46 -8.04 12.44 -6.68
N ALA A 47 -8.00 11.17 -6.31
CA ALA A 47 -9.00 10.61 -5.39
C ALA A 47 -8.83 11.20 -4.00
N ILE A 48 -7.59 11.60 -3.67
CA ILE A 48 -7.27 12.25 -2.40
C ILE A 48 -7.55 13.74 -2.49
N GLU A 49 -7.86 14.19 -3.69
CA GLU A 49 -8.34 15.54 -3.89
C GLU A 49 -9.84 15.58 -3.65
N LEU A 50 -10.48 14.45 -3.92
CA LEU A 50 -11.90 14.29 -3.70
C LEU A 50 -12.17 13.92 -2.24
N ASN A 51 -11.65 12.77 -1.82
CA ASN A 51 -11.72 12.41 -0.41
C ASN A 51 -10.41 12.89 0.22
N PRO A 52 -10.25 12.90 1.53
CA PRO A 52 -8.95 13.11 2.13
C PRO A 52 -8.33 11.88 2.79
N SER A 53 -8.80 11.54 3.99
CA SER A 53 -8.22 10.47 4.78
C SER A 53 -8.74 9.12 4.30
N ASN A 54 -8.18 8.66 3.20
CA ASN A 54 -8.48 7.33 2.70
C ASN A 54 -7.19 6.55 2.55
N ALA A 55 -6.90 5.71 3.54
CA ALA A 55 -5.68 4.93 3.57
C ALA A 55 -5.55 4.06 2.33
N ILE A 56 -6.69 3.68 1.76
CA ILE A 56 -6.74 2.85 0.56
C ILE A 56 -6.06 3.56 -0.60
N TYR A 57 -6.39 4.84 -0.80
CA TYR A 57 -5.83 5.60 -1.89
C TYR A 57 -4.34 5.85 -1.69
N TYR A 58 -3.97 6.09 -0.44
CA TYR A 58 -2.57 6.32 -0.09
C TYR A 58 -1.75 5.03 -0.20
N GLY A 59 -2.31 3.94 0.29
CA GLY A 59 -1.62 2.66 0.22
C GLY A 59 -1.51 2.13 -1.19
N ASN A 60 -2.48 2.47 -2.02
CA ASN A 60 -2.46 2.06 -3.41
C ASN A 60 -1.52 2.95 -4.21
N ARG A 61 -1.46 4.22 -3.86
CA ARG A 61 -0.56 5.14 -4.54
C ARG A 61 0.90 4.80 -4.21
N SER A 62 1.17 4.48 -2.96
CA SER A 62 2.50 4.02 -2.57
C SER A 62 2.84 2.73 -3.30
N LEU A 63 1.82 1.90 -3.54
CA LEU A 63 1.96 0.70 -4.35
C LEU A 63 2.37 1.07 -5.78
N ALA A 64 1.83 2.17 -6.29
CA ALA A 64 2.19 2.65 -7.62
C ALA A 64 3.65 3.10 -7.62
N TYR A 65 4.04 3.87 -6.61
CA TYR A 65 5.43 4.25 -6.40
C TYR A 65 6.31 2.99 -6.28
N LEU A 66 5.74 1.96 -5.68
CA LEU A 66 6.41 0.67 -5.51
C LEU A 66 6.61 -0.02 -6.85
N ARG A 67 5.73 0.22 -7.80
CA ARG A 67 5.81 -0.42 -9.11
C ARG A 67 6.90 0.23 -9.96
N THR A 68 7.05 1.55 -9.82
CA THR A 68 7.98 2.30 -10.64
C THR A 68 9.42 2.09 -10.17
N GLU A 69 9.80 2.86 -9.16
CA GLU A 69 11.14 2.76 -8.54
C GLU A 69 11.22 3.78 -7.40
N CYS A 70 10.07 4.04 -6.81
CA CYS A 70 9.93 5.14 -5.87
C CYS A 70 9.62 4.61 -4.48
N TYR A 71 10.20 3.47 -4.16
CA TYR A 71 9.97 2.81 -2.87
C TYR A 71 10.18 3.78 -1.70
N GLY A 72 11.02 4.79 -1.90
CA GLY A 72 11.18 5.83 -0.91
C GLY A 72 9.89 6.59 -0.69
N TYR A 73 9.30 7.07 -1.77
CA TYR A 73 7.98 7.71 -1.72
C TYR A 73 6.95 6.71 -1.22
N ALA A 74 7.08 5.47 -1.67
CA ALA A 74 6.16 4.41 -1.28
C ALA A 74 6.14 4.24 0.23
N LEU A 75 7.31 4.15 0.84
CA LEU A 75 7.41 4.00 2.29
C LEU A 75 6.77 5.19 2.98
N ASN A 76 7.05 6.39 2.49
CA ASN A 76 6.49 7.62 3.07
C ASN A 76 4.97 7.65 2.91
N ASP A 77 4.51 7.34 1.71
CA ASP A 77 3.09 7.40 1.38
C ASP A 77 2.32 6.30 2.10
N ALA A 78 2.94 5.11 2.20
CA ALA A 78 2.34 4.00 2.94
C ALA A 78 2.32 4.30 4.43
N THR A 79 3.32 5.01 4.91
CA THR A 79 3.33 5.47 6.29
C THR A 79 2.14 6.38 6.54
N ARG A 80 1.82 7.20 5.56
CA ARG A 80 0.69 8.11 5.65
C ARG A 80 -0.61 7.32 5.74
N ALA A 81 -0.65 6.17 5.07
CA ALA A 81 -1.79 5.27 5.21
C ALA A 81 -1.88 4.78 6.65
N ILE A 82 -0.74 4.32 7.19
CA ILE A 82 -0.68 3.87 8.59
C ILE A 82 -0.97 5.04 9.55
N GLU A 83 -1.10 6.24 9.02
CA GLU A 83 -1.56 7.37 9.82
C GLU A 83 -3.07 7.56 9.68
N LEU A 84 -3.58 7.40 8.46
CA LEU A 84 -5.01 7.55 8.19
C LEU A 84 -5.77 6.37 8.76
N ASP A 85 -5.22 5.19 8.58
CA ASP A 85 -5.70 3.98 9.17
C ASP A 85 -4.66 3.61 10.17
N LYS A 86 -5.03 2.91 11.19
CA LYS A 86 -4.05 2.54 12.16
C LYS A 86 -3.94 1.04 12.22
N LYS A 87 -5.05 0.35 11.99
CA LYS A 87 -4.99 -1.06 11.70
C LYS A 87 -5.60 -1.35 10.32
N TYR A 88 -4.72 -1.54 9.35
CA TYR A 88 -5.09 -2.09 8.05
C TYR A 88 -4.01 -3.10 7.67
N ILE A 89 -4.39 -4.36 7.64
CA ILE A 89 -3.45 -5.45 7.46
C ILE A 89 -2.71 -5.34 6.13
N LYS A 90 -3.45 -5.02 5.09
CA LYS A 90 -2.85 -4.85 3.77
C LYS A 90 -2.11 -3.52 3.69
N GLY A 91 -2.45 -2.61 4.61
CA GLY A 91 -1.78 -1.33 4.68
C GLY A 91 -0.38 -1.46 5.22
N TYR A 92 -0.26 -2.15 6.36
CA TYR A 92 1.04 -2.55 6.90
C TYR A 92 1.84 -3.24 5.80
N TYR A 93 1.18 -4.18 5.11
CA TYR A 93 1.79 -4.99 4.08
C TYR A 93 2.41 -4.12 2.97
N ARG A 94 1.76 -2.98 2.68
CA ARG A 94 2.29 -2.04 1.70
C ARG A 94 3.56 -1.36 2.22
N ARG A 95 3.49 -0.93 3.47
CA ARG A 95 4.62 -0.28 4.13
C ARG A 95 5.79 -1.26 4.25
N ALA A 96 5.46 -2.49 4.61
CA ALA A 96 6.42 -3.57 4.73
C ALA A 96 7.13 -3.82 3.40
N ALA A 97 6.39 -3.69 2.31
CA ALA A 97 6.93 -3.95 0.99
C ALA A 97 7.94 -2.89 0.62
N SER A 98 7.69 -1.66 1.07
CA SER A 98 8.62 -0.56 0.83
C SER A 98 9.87 -0.75 1.68
N ASN A 99 9.68 -1.18 2.93
CA ASN A 99 10.80 -1.50 3.81
C ASN A 99 11.68 -2.57 3.19
N MET A 100 11.02 -3.64 2.72
CA MET A 100 11.71 -4.76 2.09
C MET A 100 12.50 -4.29 0.88
N ALA A 101 11.90 -3.38 0.12
CA ALA A 101 12.49 -2.86 -1.10
C ALA A 101 13.64 -1.90 -0.82
N LEU A 102 13.56 -1.19 0.30
CA LEU A 102 14.59 -0.24 0.68
C LEU A 102 15.83 -0.95 1.20
N GLY A 103 15.64 -2.18 1.65
CA GLY A 103 16.76 -2.97 2.14
C GLY A 103 16.72 -3.16 3.64
N LYS A 104 15.74 -2.56 4.28
CA LYS A 104 15.58 -2.70 5.72
C LYS A 104 14.73 -3.93 6.04
N PHE A 105 15.33 -5.09 5.85
CA PHE A 105 14.64 -6.38 5.96
C PHE A 105 14.07 -6.61 7.36
N ARG A 106 14.84 -6.23 8.38
CA ARG A 106 14.39 -6.46 9.75
C ARG A 106 13.18 -5.61 10.08
N ALA A 107 13.11 -4.42 9.49
CA ALA A 107 11.98 -3.54 9.69
C ALA A 107 10.78 -4.06 8.91
N ALA A 108 11.05 -4.61 7.73
CA ALA A 108 10.00 -5.22 6.92
C ALA A 108 9.47 -6.46 7.62
N LEU A 109 10.37 -7.19 8.26
CA LEU A 109 10.00 -8.37 9.03
C LEU A 109 9.01 -8.00 10.11
N ARG A 110 9.29 -6.94 10.83
CA ARG A 110 8.44 -6.52 11.94
C ARG A 110 7.07 -6.08 11.43
N ASP A 111 7.03 -5.53 10.22
CA ASP A 111 5.79 -5.05 9.65
C ASP A 111 4.96 -6.22 9.11
N TYR A 112 5.63 -7.12 8.37
CA TYR A 112 4.99 -8.35 7.90
C TYR A 112 4.60 -9.22 9.08
N GLU A 113 5.41 -9.16 10.13
CA GLU A 113 5.16 -9.92 11.35
C GLU A 113 3.83 -9.53 11.94
N THR A 114 3.56 -8.24 11.96
CA THR A 114 2.29 -7.74 12.45
C THR A 114 1.14 -8.28 11.61
N VAL A 115 1.34 -8.31 10.29
CA VAL A 115 0.36 -8.87 9.38
C VAL A 115 0.05 -10.32 9.74
N VAL A 116 1.10 -11.10 9.92
CA VAL A 116 0.95 -12.52 10.20
C VAL A 116 0.56 -12.77 11.66
N LYS A 117 0.76 -11.77 12.52
CA LYS A 117 0.32 -11.87 13.91
C LYS A 117 -1.17 -11.65 14.02
N VAL A 118 -1.74 -10.96 13.04
CA VAL A 118 -3.18 -10.74 13.01
C VAL A 118 -3.86 -11.91 12.30
N LYS A 119 -3.34 -12.31 11.16
CA LYS A 119 -3.86 -13.47 10.46
C LYS A 119 -2.74 -14.48 10.16
N PRO A 120 -2.44 -15.34 11.15
CA PRO A 120 -1.38 -16.35 11.03
C PRO A 120 -1.79 -17.53 10.15
N HIS A 121 -3.08 -17.60 9.83
CA HIS A 121 -3.58 -18.67 8.98
C HIS A 121 -3.58 -18.22 7.54
N ASP A 122 -3.02 -17.03 7.31
CA ASP A 122 -2.93 -16.47 5.97
C ASP A 122 -1.59 -16.81 5.35
N LYS A 123 -1.65 -17.64 4.32
CA LYS A 123 -0.45 -18.11 3.62
C LYS A 123 0.44 -16.98 3.13
N ASP A 124 -0.17 -15.88 2.70
CA ASP A 124 0.59 -14.80 2.07
C ASP A 124 1.20 -13.92 3.14
N ALA A 125 0.43 -13.67 4.21
CA ALA A 125 0.95 -12.98 5.39
C ALA A 125 2.17 -13.73 5.91
N LYS A 126 2.00 -15.04 6.12
CA LYS A 126 3.10 -15.89 6.53
C LYS A 126 4.21 -15.79 5.51
N MET A 127 3.87 -16.02 4.25
CA MET A 127 4.83 -16.14 3.16
C MET A 127 5.91 -15.07 3.22
N LYS A 128 5.50 -13.82 3.14
CA LYS A 128 6.45 -12.72 3.09
C LYS A 128 7.14 -12.54 4.43
N TYR A 129 6.47 -12.92 5.51
CA TYR A 129 7.10 -12.94 6.82
C TYR A 129 8.20 -13.99 6.85
N GLN A 130 7.92 -15.18 6.33
CA GLN A 130 8.89 -16.27 6.28
C GLN A 130 10.07 -15.87 5.41
N GLU A 131 9.74 -15.17 4.34
CA GLU A 131 10.72 -14.73 3.36
C GLU A 131 11.68 -13.76 4.01
N CYS A 132 11.13 -12.72 4.60
CA CYS A 132 11.92 -11.71 5.27
C CYS A 132 12.64 -12.31 6.47
N ASN A 133 11.97 -13.22 7.16
CA ASN A 133 12.53 -13.87 8.34
C ASN A 133 13.76 -14.66 7.97
N LYS A 134 13.65 -15.47 6.92
CA LYS A 134 14.77 -16.27 6.47
C LYS A 134 15.87 -15.38 5.90
N ILE A 135 15.47 -14.29 5.25
CA ILE A 135 16.42 -13.35 4.67
C ILE A 135 17.21 -12.64 5.77
N VAL A 136 16.57 -12.39 6.90
CA VAL A 136 17.26 -11.89 8.07
C VAL A 136 18.33 -12.88 8.51
N LYS A 137 18.03 -14.17 8.39
CA LYS A 137 18.98 -15.21 8.76
C LYS A 137 20.01 -15.43 7.66
N GLN A 138 19.72 -14.98 6.45
CA GLN A 138 20.70 -15.00 5.39
C GLN A 138 21.85 -14.09 5.78
N LYS A 139 21.47 -12.98 6.39
CA LYS A 139 22.40 -11.99 6.86
C LYS A 139 23.05 -12.45 8.17
N ALA A 140 22.22 -12.90 9.11
CA ALA A 140 22.70 -13.32 10.42
C ALA A 140 22.33 -14.77 10.69
N MET B 2 -9.97 -3.21 -13.23
CA MET B 2 -10.44 -4.30 -12.36
C MET B 2 -9.40 -5.42 -12.23
N GLU B 3 -9.07 -5.73 -10.99
CA GLU B 3 -8.14 -6.79 -10.65
C GLU B 3 -8.27 -7.08 -9.16
N GLU B 4 -7.62 -6.25 -8.36
CA GLU B 4 -7.79 -6.21 -6.91
C GLU B 4 -6.89 -5.11 -6.36
N VAL B 5 -5.73 -4.94 -7.02
CA VAL B 5 -4.71 -3.93 -6.70
C VAL B 5 -4.72 -3.50 -5.22
N ASP B 6 -5.54 -2.51 -4.86
CA ASP B 6 -5.78 -2.18 -3.47
C ASP B 6 -7.12 -1.48 -3.34
N THR A 10 -16.55 20.69 7.94
CA THR A 10 -16.95 19.78 6.87
C THR A 10 -16.87 18.33 7.34
N ASP A 11 -17.91 17.57 7.02
CA ASP A 11 -17.90 16.12 7.20
C ASP A 11 -17.05 15.51 6.09
N PRO A 12 -16.93 14.17 6.01
CA PRO A 12 -16.37 13.54 4.82
C PRO A 12 -16.99 14.13 3.56
N PRO A 13 -16.20 14.31 2.50
CA PRO A 13 -16.73 14.76 1.21
C PRO A 13 -17.89 13.88 0.80
N ALA A 14 -18.77 14.40 -0.02
CA ALA A 14 -20.00 13.72 -0.32
C ALA A 14 -19.77 12.52 -1.23
N ASP A 15 -20.88 11.85 -1.51
CA ASP A 15 -20.99 10.75 -2.46
C ASP A 15 -20.16 11.00 -3.71
N GLY A 16 -20.81 11.43 -4.80
CA GLY A 16 -20.11 11.73 -6.06
C GLY A 16 -18.61 12.03 -5.93
N ALA A 17 -18.20 12.86 -4.97
CA ALA A 17 -16.78 13.11 -4.71
C ALA A 17 -16.07 11.85 -4.21
N LEU A 18 -16.56 11.29 -3.11
CA LEU A 18 -16.01 10.07 -2.52
C LEU A 18 -16.03 8.93 -3.52
N LYS A 19 -17.16 8.75 -4.18
CA LYS A 19 -17.32 7.69 -5.15
C LYS A 19 -16.37 7.92 -6.33
N ARG A 20 -16.03 9.18 -6.58
CA ARG A 20 -15.12 9.51 -7.64
C ARG A 20 -13.70 9.19 -7.24
N ALA A 21 -13.41 9.41 -5.97
CA ALA A 21 -12.12 8.99 -5.42
C ALA A 21 -11.99 7.48 -5.55
N GLU A 22 -13.11 6.80 -5.32
CA GLU A 22 -13.20 5.36 -5.46
C GLU A 22 -13.13 4.98 -6.95
N GLU A 23 -13.63 5.88 -7.79
CA GLU A 23 -13.57 5.68 -9.24
C GLU A 23 -12.17 5.76 -9.73
N LEU A 24 -11.45 6.76 -9.23
CA LEU A 24 -10.06 6.97 -9.63
C LEU A 24 -9.21 5.81 -9.17
N LYS A 25 -9.65 5.12 -8.13
CA LYS A 25 -9.02 3.88 -7.72
C LYS A 25 -9.19 2.83 -8.82
N THR A 26 -10.40 2.77 -9.35
CA THR A 26 -10.73 1.87 -10.44
C THR A 26 -10.01 2.27 -11.72
N GLN A 27 -10.13 3.55 -12.07
CA GLN A 27 -9.42 4.13 -13.20
C GLN A 27 -7.93 3.86 -13.14
N ALA A 28 -7.32 4.17 -12.00
CA ALA A 28 -5.89 3.99 -11.83
C ALA A 28 -5.53 2.51 -11.85
N ASN A 29 -6.47 1.65 -11.47
CA ASN A 29 -6.25 0.20 -11.57
C ASN A 29 -6.21 -0.20 -13.05
N ASP A 30 -7.01 0.48 -13.85
CA ASP A 30 -7.04 0.26 -15.29
C ASP A 30 -5.71 0.68 -15.90
N TYR A 31 -5.13 1.74 -15.33
CA TYR A 31 -3.81 2.17 -15.74
C TYR A 31 -2.74 1.25 -15.19
N PHE A 32 -2.96 0.76 -13.97
CA PHE A 32 -2.07 -0.19 -13.34
C PHE A 32 -1.97 -1.48 -14.17
N LYS A 33 -3.11 -2.00 -14.59
CA LYS A 33 -3.15 -3.20 -15.43
C LYS A 33 -2.72 -2.87 -16.85
N ALA A 34 -2.73 -1.59 -17.19
CA ALA A 34 -2.21 -1.14 -18.47
C ALA A 34 -0.69 -0.99 -18.40
N LYS A 35 -0.17 -1.03 -17.17
CA LYS A 35 1.27 -0.88 -16.87
C LYS A 35 1.69 0.58 -16.93
N ASP A 36 0.74 1.45 -16.70
CA ASP A 36 1.01 2.88 -16.57
C ASP A 36 0.88 3.27 -15.10
N TYR A 37 1.95 3.08 -14.36
CA TYR A 37 1.94 3.32 -12.92
C TYR A 37 1.95 4.81 -12.63
N GLU A 38 2.42 5.59 -13.59
CA GLU A 38 2.57 7.02 -13.40
C GLU A 38 1.23 7.71 -13.44
N ASN A 39 0.42 7.36 -14.41
CA ASN A 39 -0.90 7.90 -14.45
C ASN A 39 -1.71 7.34 -13.29
N ALA A 40 -1.43 6.09 -12.92
CA ALA A 40 -2.04 5.49 -11.73
C ALA A 40 -1.72 6.32 -10.49
N ILE A 41 -0.43 6.65 -10.33
CA ILE A 41 0.02 7.55 -9.27
C ILE A 41 -0.83 8.82 -9.25
N LYS A 42 -1.05 9.37 -10.44
CA LYS A 42 -1.82 10.57 -10.61
C LYS A 42 -3.27 10.38 -10.17
N PHE A 43 -3.94 9.37 -10.71
CA PHE A 43 -5.34 9.12 -10.40
C PHE A 43 -5.54 8.80 -8.93
N TYR A 44 -4.61 8.08 -8.33
CA TYR A 44 -4.68 7.81 -6.90
C TYR A 44 -4.53 9.12 -6.11
N SER A 45 -3.63 9.98 -6.57
CA SER A 45 -3.44 11.28 -5.94
C SER A 45 -4.71 12.11 -6.07
N GLN A 46 -5.31 12.06 -7.26
CA GLN A 46 -6.56 12.76 -7.52
C GLN A 46 -7.67 12.29 -6.57
N ALA A 47 -7.65 11.01 -6.22
CA ALA A 47 -8.60 10.46 -5.26
C ALA A 47 -8.39 11.09 -3.88
N ILE A 48 -7.14 11.41 -3.59
CA ILE A 48 -6.77 12.06 -2.33
C ILE A 48 -6.98 13.58 -2.42
N GLU A 49 -7.35 14.02 -3.61
CA GLU A 49 -7.76 15.40 -3.81
C GLU A 49 -9.24 15.52 -3.56
N LEU A 50 -9.95 14.42 -3.79
CA LEU A 50 -11.39 14.37 -3.59
C LEU A 50 -11.70 14.06 -2.13
N ASN A 51 -11.21 12.93 -1.64
CA ASN A 51 -11.29 12.62 -0.23
C ASN A 51 -9.90 12.90 0.34
N PRO A 52 -9.68 12.87 1.66
CA PRO A 52 -8.34 12.91 2.20
C PRO A 52 -7.85 11.60 2.81
N SER A 53 -8.17 11.38 4.07
CA SER A 53 -7.65 10.28 4.85
C SER A 53 -8.30 8.95 4.46
N ASN A 54 -7.84 8.36 3.38
CA ASN A 54 -8.25 7.03 3.00
C ASN A 54 -7.03 6.15 2.81
N ALA A 55 -6.81 5.22 3.73
CA ALA A 55 -5.65 4.35 3.70
C ALA A 55 -5.60 3.54 2.40
N ILE A 56 -6.77 3.29 1.84
CA ILE A 56 -6.90 2.56 0.60
C ILE A 56 -6.14 3.25 -0.54
N TYR A 57 -6.38 4.53 -0.69
CA TYR A 57 -5.81 5.29 -1.80
C TYR A 57 -4.31 5.47 -1.60
N TYR A 58 -3.91 5.70 -0.36
CA TYR A 58 -2.51 5.86 -0.03
C TYR A 58 -1.74 4.56 -0.27
N GLY A 59 -2.35 3.44 0.10
CA GLY A 59 -1.74 2.15 -0.15
C GLY A 59 -1.64 1.86 -1.63
N ASN A 60 -2.66 2.29 -2.37
CA ASN A 60 -2.68 2.15 -3.82
C ASN A 60 -1.56 2.94 -4.47
N ARG A 61 -1.44 4.21 -4.10
CA ARG A 61 -0.42 5.06 -4.68
C ARG A 61 0.97 4.58 -4.27
N SER A 62 1.07 4.12 -3.03
CA SER A 62 2.31 3.51 -2.54
C SER A 62 2.74 2.37 -3.47
N LEU A 63 1.78 1.55 -3.87
CA LEU A 63 2.06 0.42 -4.77
C LEU A 63 2.55 0.91 -6.14
N ALA A 64 2.01 2.02 -6.61
CA ALA A 64 2.42 2.57 -7.89
C ALA A 64 3.88 3.01 -7.81
N TYR A 65 4.22 3.67 -6.70
CA TYR A 65 5.60 4.01 -6.39
C TYR A 65 6.44 2.74 -6.27
N LEU A 66 5.81 1.68 -5.79
CA LEU A 66 6.45 0.38 -5.59
C LEU A 66 6.69 -0.34 -6.91
N ARG A 67 5.93 0.01 -7.93
CA ARG A 67 6.07 -0.62 -9.24
C ARG A 67 7.19 0.04 -10.02
N THR A 68 7.35 1.34 -9.82
CA THR A 68 8.33 2.11 -10.55
C THR A 68 9.72 2.00 -9.93
N GLU A 69 9.98 2.82 -8.92
CA GLU A 69 11.28 2.89 -8.23
C GLU A 69 11.22 3.96 -7.15
N CYS A 70 10.01 4.24 -6.69
CA CYS A 70 9.74 5.41 -5.87
C CYS A 70 9.49 5.03 -4.43
N TYR A 71 10.19 4.01 -3.99
CA TYR A 71 10.01 3.44 -2.67
C TYR A 71 10.16 4.49 -1.55
N GLY A 72 10.85 5.58 -1.84
CA GLY A 72 10.93 6.67 -0.89
C GLY A 72 9.56 7.26 -0.62
N TYR A 73 8.86 7.62 -1.70
CA TYR A 73 7.48 8.06 -1.59
C TYR A 73 6.60 6.92 -1.10
N ALA A 74 6.83 5.73 -1.64
CA ALA A 74 6.04 4.55 -1.32
C ALA A 74 5.98 4.30 0.19
N LEU A 75 7.14 4.25 0.82
CA LEU A 75 7.23 4.00 2.25
C LEU A 75 6.57 5.13 3.02
N ASN A 76 6.85 6.36 2.61
CA ASN A 76 6.31 7.54 3.28
C ASN A 76 4.79 7.57 3.21
N ASP A 77 4.28 7.33 2.02
CA ASP A 77 2.85 7.41 1.76
C ASP A 77 2.11 6.24 2.41
N ALA A 78 2.74 5.07 2.40
CA ALA A 78 2.16 3.88 3.03
C ALA A 78 2.08 4.05 4.53
N THR A 79 3.09 4.66 5.13
CA THR A 79 3.09 4.94 6.55
C THR A 79 1.97 5.92 6.89
N ARG A 80 1.70 6.83 5.96
CA ARG A 80 0.59 7.77 6.13
C ARG A 80 -0.74 7.03 6.19
N ALA A 81 -0.86 5.94 5.42
CA ALA A 81 -2.06 5.13 5.46
C ALA A 81 -2.25 4.51 6.84
N ILE A 82 -1.15 4.07 7.44
CA ILE A 82 -1.19 3.54 8.80
C ILE A 82 -1.66 4.63 9.78
N GLU A 83 -1.39 5.88 9.43
CA GLU A 83 -1.85 7.03 10.20
C GLU A 83 -3.34 7.28 9.96
N LEU A 84 -3.80 6.96 8.77
CA LEU A 84 -5.19 7.17 8.38
C LEU A 84 -6.07 6.04 8.90
N ASP A 85 -5.51 4.83 8.91
CA ASP A 85 -6.22 3.64 9.30
C ASP A 85 -5.26 2.76 10.05
N LYS A 86 -5.27 2.89 11.35
CA LYS A 86 -4.29 2.24 12.19
C LYS A 86 -4.30 0.74 12.01
N LYS A 87 -5.47 0.15 11.81
CA LYS A 87 -5.50 -1.25 11.44
C LYS A 87 -6.07 -1.42 10.04
N TYR A 88 -5.16 -1.56 9.09
CA TYR A 88 -5.46 -1.92 7.72
C TYR A 88 -4.39 -2.91 7.27
N ILE A 89 -4.75 -4.17 7.15
CA ILE A 89 -3.76 -5.23 7.01
C ILE A 89 -3.01 -5.12 5.70
N LYS A 90 -3.74 -4.86 4.62
CA LYS A 90 -3.11 -4.69 3.32
C LYS A 90 -2.27 -3.40 3.30
N GLY A 91 -2.55 -2.53 4.25
CA GLY A 91 -1.83 -1.27 4.35
C GLY A 91 -0.44 -1.48 4.91
N TYR A 92 -0.36 -2.23 6.01
CA TYR A 92 0.93 -2.62 6.56
C TYR A 92 1.76 -3.30 5.49
N TYR A 93 1.09 -4.17 4.72
CA TYR A 93 1.74 -4.96 3.69
C TYR A 93 2.39 -4.06 2.63
N ARG A 94 1.73 -2.95 2.29
CA ARG A 94 2.27 -1.99 1.33
C ARG A 94 3.51 -1.31 1.93
N ARG A 95 3.43 -0.99 3.21
CA ARG A 95 4.54 -0.33 3.91
C ARG A 95 5.72 -1.29 4.04
N ALA A 96 5.41 -2.54 4.37
CA ALA A 96 6.43 -3.57 4.50
C ALA A 96 7.17 -3.78 3.18
N ALA A 97 6.42 -3.81 2.08
CA ALA A 97 7.01 -3.94 0.75
C ALA A 97 7.95 -2.78 0.47
N SER A 98 7.59 -1.61 0.96
CA SER A 98 8.41 -0.42 0.83
C SER A 98 9.73 -0.60 1.58
N ASN A 99 9.65 -0.99 2.85
CA ASN A 99 10.85 -1.25 3.67
C ASN A 99 11.67 -2.38 3.07
N MET A 100 10.98 -3.41 2.57
CA MET A 100 11.63 -4.55 1.96
C MET A 100 12.41 -4.12 0.71
N ALA A 101 11.77 -3.26 -0.08
CA ALA A 101 12.36 -2.73 -1.30
C ALA A 101 13.50 -1.76 -0.98
N LEU A 102 13.38 -1.02 0.12
CA LEU A 102 14.42 -0.09 0.53
C LEU A 102 15.68 -0.84 0.94
N GLY A 103 15.50 -1.95 1.63
CA GLY A 103 16.64 -2.73 2.08
C GLY A 103 16.65 -2.91 3.57
N LYS A 104 15.67 -2.31 4.26
CA LYS A 104 15.55 -2.47 5.69
C LYS A 104 14.61 -3.62 6.01
N PHE A 105 15.16 -4.83 5.89
CA PHE A 105 14.38 -6.06 6.03
C PHE A 105 13.84 -6.24 7.44
N ARG A 106 14.53 -5.71 8.43
CA ARG A 106 14.08 -5.86 9.81
C ARG A 106 12.83 -5.02 10.04
N ALA A 107 12.83 -3.81 9.52
CA ALA A 107 11.66 -2.94 9.62
C ALA A 107 10.52 -3.54 8.83
N ALA A 108 10.81 -4.03 7.63
CA ALA A 108 9.81 -4.68 6.79
C ALA A 108 9.25 -5.89 7.48
N LEU A 109 10.12 -6.57 8.22
CA LEU A 109 9.73 -7.75 8.95
C LEU A 109 8.70 -7.41 10.01
N ARG A 110 8.84 -6.25 10.63
CA ARG A 110 7.92 -5.84 11.68
C ARG A 110 6.55 -5.53 11.11
N ASP A 111 6.54 -4.98 9.91
CA ASP A 111 5.29 -4.68 9.24
C ASP A 111 4.62 -5.96 8.76
N TYR A 112 5.40 -6.85 8.14
CA TYR A 112 4.91 -8.15 7.72
C TYR A 112 4.50 -8.99 8.92
N GLU A 113 5.26 -8.86 10.00
CA GLU A 113 5.00 -9.58 11.24
C GLU A 113 3.62 -9.23 11.76
N THR A 114 3.31 -7.95 11.73
CA THR A 114 2.01 -7.47 12.17
C THR A 114 0.90 -8.08 11.32
N VAL A 115 1.14 -8.15 10.01
CA VAL A 115 0.19 -8.78 9.09
C VAL A 115 -0.05 -10.23 9.48
N VAL A 116 1.04 -10.96 9.72
CA VAL A 116 0.94 -12.38 10.05
C VAL A 116 0.56 -12.58 11.51
N LYS A 117 0.45 -11.49 12.26
CA LYS A 117 -0.05 -11.55 13.62
C LYS A 117 -1.56 -11.32 13.64
N VAL A 118 -2.08 -10.77 12.55
CA VAL A 118 -3.51 -10.59 12.40
C VAL A 118 -4.12 -11.77 11.66
N LYS A 119 -3.51 -12.15 10.53
CA LYS A 119 -3.89 -13.38 9.84
C LYS A 119 -2.69 -14.32 9.77
N PRO A 120 -2.43 -15.05 10.87
CA PRO A 120 -1.23 -15.90 11.03
C PRO A 120 -1.18 -17.08 10.08
N HIS A 121 -2.32 -17.68 9.79
CA HIS A 121 -2.35 -18.87 8.93
C HIS A 121 -2.76 -18.49 7.52
N ASP A 122 -2.59 -17.23 7.19
CA ASP A 122 -2.88 -16.74 5.84
C ASP A 122 -1.61 -16.74 4.99
N LYS A 123 -1.66 -17.51 3.91
CA LYS A 123 -0.54 -17.63 2.98
C LYS A 123 0.02 -16.27 2.54
N ASP A 124 -0.87 -15.30 2.35
CA ASP A 124 -0.46 -14.00 1.82
C ASP A 124 0.41 -13.28 2.83
N ALA A 125 -0.04 -13.29 4.08
CA ALA A 125 0.72 -12.72 5.18
C ALA A 125 1.99 -13.52 5.44
N LYS A 126 1.83 -14.84 5.57
CA LYS A 126 2.96 -15.70 5.87
C LYS A 126 4.06 -15.53 4.86
N MET A 127 3.72 -15.68 3.59
CA MET A 127 4.70 -15.77 2.52
C MET A 127 5.77 -14.68 2.60
N LYS A 128 5.34 -13.43 2.64
CA LYS A 128 6.29 -12.32 2.66
C LYS A 128 6.97 -12.21 4.02
N TYR A 129 6.26 -12.59 5.07
CA TYR A 129 6.84 -12.62 6.40
C TYR A 129 7.95 -13.68 6.47
N GLN A 130 7.69 -14.86 5.90
CA GLN A 130 8.69 -15.92 5.85
C GLN A 130 9.89 -15.43 5.06
N GLU A 131 9.57 -14.79 3.94
CA GLU A 131 10.56 -14.25 3.03
C GLU A 131 11.47 -13.23 3.72
N CYS A 132 10.86 -12.30 4.45
CA CYS A 132 11.63 -11.30 5.16
C CYS A 132 12.34 -11.92 6.37
N ASN A 133 11.63 -12.83 7.05
CA ASN A 133 12.17 -13.51 8.23
C ASN A 133 13.46 -14.22 7.90
N LYS A 134 13.40 -15.10 6.90
CA LYS A 134 14.57 -15.86 6.48
C LYS A 134 15.71 -14.92 6.13
N ILE A 135 15.43 -13.92 5.29
CA ILE A 135 16.46 -13.02 4.79
C ILE A 135 17.15 -12.25 5.91
N VAL A 136 16.39 -11.85 6.91
CA VAL A 136 16.98 -11.22 8.09
C VAL A 136 18.02 -12.15 8.72
N LYS A 137 17.74 -13.44 8.73
CA LYS A 137 18.66 -14.41 9.29
C LYS A 137 19.76 -14.75 8.30
N GLN A 138 19.47 -14.61 7.02
CA GLN A 138 20.48 -14.78 5.99
C GLN A 138 21.55 -13.72 6.18
N LYS A 139 21.12 -12.58 6.66
CA LYS A 139 21.99 -11.46 6.92
C LYS A 139 22.70 -11.62 8.26
N ALA A 140 21.93 -11.63 9.33
CA ALA A 140 22.51 -11.75 10.67
C ALA A 140 22.42 -13.19 11.15
N MET B 2 -3.41 -8.24 -9.32
CA MET B 2 -4.01 -7.86 -10.60
C MET B 2 -5.32 -7.13 -10.36
N GLU B 3 -6.24 -7.80 -9.68
CA GLU B 3 -7.48 -7.17 -9.23
C GLU B 3 -7.42 -6.99 -7.72
N GLU B 4 -8.25 -6.08 -7.22
CA GLU B 4 -8.21 -5.66 -5.83
C GLU B 4 -6.82 -5.10 -5.52
N VAL B 5 -6.45 -4.11 -6.32
CA VAL B 5 -5.17 -3.42 -6.20
C VAL B 5 -5.02 -2.79 -4.82
N ASP B 6 -6.15 -2.47 -4.23
CA ASP B 6 -6.20 -1.94 -2.88
C ASP B 6 -6.09 -3.08 -1.88
N THR A 10 -16.26 19.76 8.02
CA THR A 10 -16.91 19.07 6.92
C THR A 10 -16.95 17.56 7.18
N ASP A 11 -18.09 16.94 6.88
CA ASP A 11 -18.23 15.49 6.95
C ASP A 11 -17.43 14.87 5.81
N PRO A 12 -17.41 13.52 5.65
CA PRO A 12 -16.87 12.91 4.45
C PRO A 12 -17.39 13.62 3.22
N PRO A 13 -16.53 13.80 2.22
CA PRO A 13 -16.96 14.37 0.95
C PRO A 13 -18.14 13.58 0.42
N ALA A 14 -19.00 14.23 -0.33
CA ALA A 14 -20.24 13.63 -0.73
C ALA A 14 -20.03 12.46 -1.69
N ASP A 15 -21.15 11.86 -2.04
CA ASP A 15 -21.27 10.76 -2.99
C ASP A 15 -20.35 10.93 -4.19
N GLY A 16 -20.91 11.36 -5.32
CA GLY A 16 -20.12 11.62 -6.54
C GLY A 16 -18.65 11.92 -6.28
N ALA A 17 -18.34 12.82 -5.33
CA ALA A 17 -16.95 13.12 -4.97
C ALA A 17 -16.22 11.86 -4.49
N LEU A 18 -16.79 11.23 -3.46
CA LEU A 18 -16.24 9.99 -2.89
C LEU A 18 -16.11 8.89 -3.92
N LYS A 19 -17.19 8.61 -4.62
CA LYS A 19 -17.23 7.51 -5.56
C LYS A 19 -16.35 7.81 -6.77
N ARG A 20 -16.09 9.08 -7.01
CA ARG A 20 -15.21 9.47 -8.09
C ARG A 20 -13.78 9.18 -7.70
N ALA A 21 -13.46 9.42 -6.44
CA ALA A 21 -12.16 9.05 -5.93
C ALA A 21 -12.03 7.53 -6.00
N GLU A 22 -13.14 6.87 -5.74
CA GLU A 22 -13.24 5.44 -5.86
C GLU A 22 -13.09 5.02 -7.33
N GLU A 23 -13.60 5.86 -8.22
CA GLU A 23 -13.49 5.63 -9.65
C GLU A 23 -12.06 5.75 -10.09
N LEU A 24 -11.37 6.73 -9.56
CA LEU A 24 -9.99 6.96 -9.90
C LEU A 24 -9.12 5.80 -9.45
N LYS A 25 -9.49 5.20 -8.33
CA LYS A 25 -8.83 3.99 -7.86
C LYS A 25 -9.07 2.86 -8.86
N THR A 26 -10.25 2.86 -9.46
CA THR A 26 -10.64 1.86 -10.43
C THR A 26 -9.95 2.12 -11.78
N GLN A 27 -10.02 3.35 -12.25
CA GLN A 27 -9.32 3.75 -13.47
C GLN A 27 -7.82 3.55 -13.33
N ALA A 28 -7.29 3.86 -12.16
CA ALA A 28 -5.86 3.68 -11.92
C ALA A 28 -5.50 2.21 -11.88
N ASN A 29 -6.46 1.38 -11.48
CA ASN A 29 -6.31 -0.07 -11.55
C ASN A 29 -6.22 -0.50 -13.02
N ASP A 30 -6.98 0.20 -13.85
CA ASP A 30 -6.98 -0.04 -15.29
C ASP A 30 -5.64 0.34 -15.88
N TYR A 31 -5.07 1.41 -15.36
CA TYR A 31 -3.76 1.87 -15.81
C TYR A 31 -2.65 1.04 -15.16
N PHE A 32 -2.92 0.51 -13.98
CA PHE A 32 -2.02 -0.39 -13.30
C PHE A 32 -1.73 -1.61 -14.18
N LYS A 33 -2.81 -2.24 -14.64
CA LYS A 33 -2.69 -3.39 -15.52
C LYS A 33 -2.38 -2.94 -16.94
N ALA A 34 -2.53 -1.64 -17.21
CA ALA A 34 -2.14 -1.08 -18.49
C ALA A 34 -0.64 -0.80 -18.50
N LYS A 35 -0.02 -0.94 -17.32
CA LYS A 35 1.42 -0.77 -17.14
C LYS A 35 1.80 0.70 -17.09
N ASP A 36 0.82 1.55 -16.81
CA ASP A 36 1.05 2.97 -16.66
C ASP A 36 0.82 3.36 -15.21
N TYR A 37 1.83 3.12 -14.37
CA TYR A 37 1.71 3.38 -12.94
C TYR A 37 1.71 4.86 -12.66
N GLU A 38 2.15 5.64 -13.63
CA GLU A 38 2.25 7.08 -13.48
C GLU A 38 0.89 7.72 -13.52
N ASN A 39 0.12 7.36 -14.52
CA ASN A 39 -1.21 7.87 -14.60
C ASN A 39 -2.04 7.33 -13.45
N ALA A 40 -1.72 6.11 -13.03
CA ALA A 40 -2.34 5.51 -11.86
C ALA A 40 -2.04 6.34 -10.62
N ILE A 41 -0.75 6.65 -10.42
CA ILE A 41 -0.31 7.53 -9.34
C ILE A 41 -1.12 8.83 -9.34
N LYS A 42 -1.27 9.40 -10.52
CA LYS A 42 -2.03 10.62 -10.71
C LYS A 42 -3.45 10.48 -10.20
N PHE A 43 -4.14 9.43 -10.64
CA PHE A 43 -5.53 9.20 -10.25
C PHE A 43 -5.65 8.95 -8.76
N TYR A 44 -4.65 8.29 -8.18
CA TYR A 44 -4.66 8.05 -6.74
C TYR A 44 -4.54 9.37 -5.99
N SER A 45 -3.68 10.26 -6.47
CA SER A 45 -3.53 11.57 -5.86
C SER A 45 -4.83 12.35 -6.02
N GLN A 46 -5.41 12.28 -7.20
CA GLN A 46 -6.70 12.91 -7.48
C GLN A 46 -7.78 12.36 -6.55
N ALA A 47 -7.71 11.08 -6.24
CA ALA A 47 -8.65 10.45 -5.32
C ALA A 47 -8.51 11.03 -3.91
N ILE A 48 -7.31 11.47 -3.59
CA ILE A 48 -7.02 12.09 -2.30
C ILE A 48 -7.39 13.57 -2.32
N GLU A 49 -7.67 14.06 -3.49
CA GLU A 49 -8.18 15.40 -3.64
C GLU A 49 -9.70 15.38 -3.53
N LEU A 50 -10.28 14.21 -3.78
CA LEU A 50 -11.72 14.03 -3.69
C LEU A 50 -12.11 13.52 -2.30
N ASN A 51 -11.51 12.41 -1.87
CA ASN A 51 -11.66 11.99 -0.48
C ASN A 51 -10.35 12.35 0.22
N PRO A 52 -10.25 12.30 1.55
CA PRO A 52 -8.97 12.46 2.23
C PRO A 52 -8.40 11.19 2.88
N SER A 53 -9.09 10.68 3.89
CA SER A 53 -8.52 9.73 4.82
C SER A 53 -8.62 8.28 4.38
N ASN A 54 -8.76 8.04 3.08
CA ASN A 54 -8.80 6.68 2.59
C ASN A 54 -7.38 6.13 2.41
N ALA A 55 -6.94 5.40 3.43
CA ALA A 55 -5.63 4.75 3.42
C ALA A 55 -5.53 3.77 2.27
N ILE A 56 -6.69 3.29 1.80
CA ILE A 56 -6.76 2.45 0.62
C ILE A 56 -6.08 3.13 -0.57
N TYR A 57 -6.45 4.37 -0.82
CA TYR A 57 -5.90 5.14 -1.93
C TYR A 57 -4.40 5.33 -1.74
N TYR A 58 -4.03 5.72 -0.52
CA TYR A 58 -2.63 5.92 -0.19
C TYR A 58 -1.83 4.64 -0.38
N GLY A 59 -2.40 3.52 0.06
CA GLY A 59 -1.75 2.24 -0.10
C GLY A 59 -1.63 1.84 -1.56
N ASN A 60 -2.65 2.16 -2.34
CA ASN A 60 -2.64 1.89 -3.76
C ASN A 60 -1.57 2.72 -4.46
N ARG A 61 -1.45 3.99 -4.06
CA ARG A 61 -0.45 4.87 -4.65
C ARG A 61 0.94 4.45 -4.18
N SER A 62 1.03 4.04 -2.92
CA SER A 62 2.27 3.48 -2.38
C SER A 62 2.72 2.31 -3.25
N LEU A 63 1.77 1.44 -3.60
CA LEU A 63 2.03 0.29 -4.45
C LEU A 63 2.50 0.75 -5.84
N ALA A 64 1.96 1.85 -6.32
CA ALA A 64 2.36 2.40 -7.61
C ALA A 64 3.79 2.91 -7.55
N TYR A 65 4.10 3.65 -6.47
CA TYR A 65 5.48 4.07 -6.21
C TYR A 65 6.38 2.85 -6.03
N LEU A 66 5.80 1.77 -5.52
CA LEU A 66 6.50 0.50 -5.32
C LEU A 66 6.72 -0.23 -6.65
N ARG A 67 5.95 0.12 -7.65
CA ARG A 67 6.12 -0.48 -8.97
C ARG A 67 7.24 0.22 -9.73
N THR A 68 7.33 1.52 -9.56
CA THR A 68 8.27 2.32 -10.32
C THR A 68 9.68 2.28 -9.72
N GLU A 69 9.92 3.14 -8.74
CA GLU A 69 11.23 3.26 -8.10
C GLU A 69 11.16 4.28 -6.95
N CYS A 70 9.95 4.51 -6.48
CA CYS A 70 9.68 5.64 -5.60
C CYS A 70 9.46 5.18 -4.18
N TYR A 71 10.22 4.18 -3.78
CA TYR A 71 10.03 3.51 -2.50
C TYR A 71 10.14 4.49 -1.34
N GLY A 72 10.82 5.61 -1.55
CA GLY A 72 10.79 6.69 -0.59
C GLY A 72 9.38 7.20 -0.36
N TYR A 73 8.69 7.49 -1.45
CA TYR A 73 7.29 7.90 -1.41
C TYR A 73 6.40 6.74 -0.98
N ALA A 74 6.77 5.54 -1.41
CA ALA A 74 6.01 4.35 -1.07
C ALA A 74 5.97 4.14 0.44
N LEU A 75 7.15 4.20 1.05
CA LEU A 75 7.28 4.06 2.50
C LEU A 75 6.59 5.25 3.18
N ASN A 76 6.72 6.43 2.56
CA ASN A 76 6.07 7.65 3.04
C ASN A 76 4.55 7.49 3.09
N ASP A 77 3.95 7.16 1.95
CA ASP A 77 2.51 6.99 1.84
C ASP A 77 2.02 5.89 2.77
N ALA A 78 2.81 4.82 2.89
CA ALA A 78 2.48 3.73 3.78
C ALA A 78 2.33 4.24 5.21
N THR A 79 3.27 5.07 5.64
CA THR A 79 3.24 5.65 6.99
C THR A 79 2.00 6.51 7.16
N ARG A 80 1.66 7.26 6.12
CA ARG A 80 0.49 8.13 6.15
C ARG A 80 -0.78 7.29 6.23
N ALA A 81 -0.74 6.09 5.66
CA ALA A 81 -1.87 5.16 5.74
C ALA A 81 -2.13 4.75 7.18
N ILE A 82 -1.07 4.48 7.94
CA ILE A 82 -1.20 4.21 9.37
C ILE A 82 -1.97 5.35 10.05
N GLU A 83 -1.69 6.56 9.60
CA GLU A 83 -2.30 7.75 10.19
C GLU A 83 -3.77 7.87 9.81
N LEU A 84 -4.10 7.42 8.62
CA LEU A 84 -5.47 7.48 8.14
C LEU A 84 -6.29 6.32 8.70
N ASP A 85 -5.75 5.12 8.57
CA ASP A 85 -6.36 3.92 9.10
C ASP A 85 -5.33 3.23 9.96
N LYS A 86 -5.40 3.52 11.26
CA LYS A 86 -4.40 3.07 12.20
C LYS A 86 -4.28 1.55 12.17
N LYS A 87 -5.40 0.87 11.98
CA LYS A 87 -5.31 -0.53 11.64
C LYS A 87 -5.75 -0.72 10.20
N TYR A 88 -4.76 -0.86 9.35
CA TYR A 88 -4.95 -1.15 7.94
C TYR A 88 -3.92 -2.18 7.56
N ILE A 89 -4.35 -3.42 7.41
CA ILE A 89 -3.43 -4.53 7.28
C ILE A 89 -2.57 -4.42 6.03
N LYS A 90 -3.21 -4.12 4.90
CA LYS A 90 -2.48 -3.94 3.66
C LYS A 90 -1.63 -2.67 3.72
N GLY A 91 -1.95 -1.80 4.66
CA GLY A 91 -1.16 -0.59 4.88
C GLY A 91 0.15 -0.93 5.54
N TYR A 92 0.08 -1.69 6.63
CA TYR A 92 1.27 -2.22 7.26
C TYR A 92 2.10 -2.97 6.21
N TYR A 93 1.38 -3.72 5.38
CA TYR A 93 1.97 -4.57 4.36
C TYR A 93 2.81 -3.76 3.36
N ARG A 94 2.26 -2.65 2.88
CA ARG A 94 2.96 -1.82 1.89
C ARG A 94 4.23 -1.22 2.48
N ARG A 95 4.21 -0.96 3.79
CA ARG A 95 5.39 -0.43 4.48
C ARG A 95 6.51 -1.44 4.46
N ALA A 96 6.17 -2.65 4.91
CA ALA A 96 7.11 -3.74 4.91
C ALA A 96 7.75 -3.95 3.53
N ALA A 97 6.92 -3.84 2.48
CA ALA A 97 7.39 -4.00 1.12
C ALA A 97 8.36 -2.88 0.76
N SER A 98 8.00 -1.66 1.17
CA SER A 98 8.86 -0.51 1.00
C SER A 98 10.18 -0.73 1.74
N ASN A 99 10.10 -1.28 2.94
CA ASN A 99 11.30 -1.57 3.73
C ASN A 99 12.18 -2.60 3.02
N MET A 100 11.58 -3.68 2.52
CA MET A 100 12.33 -4.69 1.77
C MET A 100 13.03 -4.05 0.59
N ALA A 101 12.34 -3.10 -0.04
CA ALA A 101 12.86 -2.42 -1.22
C ALA A 101 14.07 -1.55 -0.90
N LEU A 102 14.03 -0.91 0.27
CA LEU A 102 15.13 -0.04 0.70
C LEU A 102 16.30 -0.85 1.25
N GLY A 103 15.99 -1.98 1.88
CA GLY A 103 17.04 -2.82 2.45
C GLY A 103 16.87 -3.01 3.95
N LYS A 104 15.70 -2.70 4.46
CA LYS A 104 15.41 -2.88 5.87
C LYS A 104 14.65 -4.18 6.07
N PHE A 105 15.37 -5.28 6.12
CA PHE A 105 14.75 -6.60 6.18
C PHE A 105 14.09 -6.88 7.52
N ARG A 106 14.77 -6.58 8.63
CA ARG A 106 14.18 -6.77 9.94
C ARG A 106 13.03 -5.80 10.15
N ALA A 107 13.22 -4.56 9.69
CA ALA A 107 12.18 -3.56 9.78
C ALA A 107 10.95 -4.00 9.00
N ALA A 108 11.19 -4.50 7.79
CA ALA A 108 10.12 -5.03 6.96
C ALA A 108 9.47 -6.21 7.64
N LEU A 109 10.29 -7.05 8.25
CA LEU A 109 9.80 -8.23 8.94
C LEU A 109 8.92 -7.85 10.11
N ARG A 110 9.20 -6.71 10.74
CA ARG A 110 8.37 -6.24 11.83
C ARG A 110 6.98 -5.88 11.31
N ASP A 111 6.94 -5.24 10.16
CA ASP A 111 5.69 -4.82 9.59
C ASP A 111 4.91 -6.01 9.05
N TYR A 112 5.62 -6.94 8.40
CA TYR A 112 5.02 -8.20 7.97
C TYR A 112 4.57 -9.01 9.17
N GLU A 113 5.39 -8.99 10.20
CA GLU A 113 5.12 -9.69 11.44
C GLU A 113 3.78 -9.24 12.00
N THR A 114 3.56 -7.95 11.99
CA THR A 114 2.32 -7.39 12.46
C THR A 114 1.16 -7.89 11.60
N VAL A 115 1.36 -7.89 10.29
CA VAL A 115 0.36 -8.39 9.35
C VAL A 115 0.03 -9.86 9.63
N VAL A 116 1.06 -10.67 9.84
CA VAL A 116 0.86 -12.09 10.08
C VAL A 116 0.36 -12.35 11.49
N LYS A 117 0.55 -11.38 12.38
CA LYS A 117 0.04 -11.50 13.75
C LYS A 117 -1.45 -11.18 13.79
N VAL A 118 -1.93 -10.47 12.78
CA VAL A 118 -3.35 -10.19 12.66
C VAL A 118 -4.05 -11.32 11.90
N LYS A 119 -3.45 -11.80 10.83
CA LYS A 119 -3.99 -12.93 10.09
C LYS A 119 -2.90 -13.91 9.66
N PRO A 120 -2.53 -14.83 10.56
CA PRO A 120 -1.48 -15.84 10.33
C PRO A 120 -1.97 -17.01 9.49
N HIS A 121 -3.27 -17.07 9.25
CA HIS A 121 -3.85 -18.12 8.42
C HIS A 121 -4.01 -17.62 7.00
N ASP A 122 -3.43 -16.46 6.76
CA ASP A 122 -3.55 -15.80 5.47
C ASP A 122 -2.26 -15.89 4.65
N LYS A 123 -2.38 -16.49 3.48
CA LYS A 123 -1.27 -16.62 2.53
C LYS A 123 -0.57 -15.28 2.26
N ASP A 124 -1.34 -14.20 2.20
CA ASP A 124 -0.81 -12.89 1.84
C ASP A 124 0.13 -12.40 2.92
N ALA A 125 -0.31 -12.53 4.15
CA ALA A 125 0.49 -12.17 5.31
C ALA A 125 1.72 -13.04 5.40
N LYS A 126 1.49 -14.35 5.34
CA LYS A 126 2.58 -15.32 5.46
C LYS A 126 3.61 -15.12 4.36
N MET A 127 3.18 -15.23 3.12
CA MET A 127 4.08 -15.24 1.96
C MET A 127 5.22 -14.25 2.09
N LYS A 128 4.88 -12.99 2.30
CA LYS A 128 5.88 -11.94 2.36
C LYS A 128 6.56 -11.90 3.73
N TYR A 129 5.85 -12.31 4.78
CA TYR A 129 6.46 -12.46 6.10
C TYR A 129 7.60 -13.45 6.03
N GLN A 130 7.28 -14.61 5.51
CA GLN A 130 8.21 -15.73 5.46
C GLN A 130 9.30 -15.43 4.44
N GLU A 131 8.93 -14.65 3.44
CA GLU A 131 9.87 -14.17 2.44
C GLU A 131 10.92 -13.27 3.08
N CYS A 132 10.48 -12.29 3.85
CA CYS A 132 11.42 -11.39 4.52
C CYS A 132 12.13 -12.15 5.64
N ASN A 133 11.41 -13.04 6.28
CA ASN A 133 11.94 -13.85 7.37
C ASN A 133 13.12 -14.68 6.88
N LYS A 134 12.92 -15.40 5.78
CA LYS A 134 13.99 -16.22 5.22
C LYS A 134 15.16 -15.35 4.77
N ILE A 135 14.85 -14.17 4.24
CA ILE A 135 15.89 -13.24 3.79
C ILE A 135 16.74 -12.77 4.97
N VAL A 136 16.11 -12.57 6.11
CA VAL A 136 16.84 -12.30 7.33
C VAL A 136 17.82 -13.43 7.63
N LYS A 137 17.40 -14.66 7.35
CA LYS A 137 18.23 -15.83 7.57
C LYS A 137 19.29 -15.96 6.48
N GLN A 138 19.00 -15.42 5.29
CA GLN A 138 19.97 -15.39 4.20
C GLN A 138 21.19 -14.60 4.63
N LYS A 139 20.92 -13.58 5.44
CA LYS A 139 21.95 -12.70 5.95
C LYS A 139 22.79 -13.38 7.02
N ALA A 140 22.27 -14.45 7.62
CA ALA A 140 22.95 -15.13 8.70
C ALA A 140 23.67 -16.37 8.19
N MET B 2 -9.03 -11.13 -7.79
CA MET B 2 -8.15 -11.49 -6.66
C MET B 2 -7.02 -10.49 -6.45
N GLU B 3 -7.35 -9.44 -5.70
CA GLU B 3 -6.40 -8.39 -5.34
C GLU B 3 -5.87 -7.67 -6.58
N GLU B 4 -6.58 -6.63 -7.00
CA GLU B 4 -6.19 -5.84 -8.15
C GLU B 4 -4.94 -5.02 -7.85
N VAL B 5 -5.13 -3.90 -7.18
CA VAL B 5 -4.02 -3.06 -6.74
C VAL B 5 -3.98 -3.00 -5.23
N ASP B 6 -5.17 -3.17 -4.65
CA ASP B 6 -5.36 -3.15 -3.21
C ASP B 6 -4.55 -4.27 -2.57
N THR A 10 -16.89 19.24 7.84
CA THR A 10 -18.13 18.54 7.56
C THR A 10 -17.93 17.04 7.69
N ASP A 11 -18.96 16.28 7.34
CA ASP A 11 -18.88 14.82 7.29
C ASP A 11 -17.98 14.42 6.14
N PRO A 12 -17.79 13.12 5.87
CA PRO A 12 -17.18 12.67 4.63
C PRO A 12 -17.80 13.42 3.46
N PRO A 13 -16.98 13.82 2.48
CA PRO A 13 -17.49 14.46 1.28
C PRO A 13 -18.61 13.63 0.68
N ALA A 14 -19.47 14.27 -0.07
CA ALA A 14 -20.67 13.62 -0.53
C ALA A 14 -20.39 12.55 -1.59
N ASP A 15 -21.47 11.92 -1.99
CA ASP A 15 -21.54 10.91 -3.05
C ASP A 15 -20.62 11.25 -4.22
N GLY A 16 -21.19 11.79 -5.31
CA GLY A 16 -20.42 12.19 -6.50
C GLY A 16 -18.94 12.46 -6.25
N ALA A 17 -18.62 13.25 -5.22
CA ALA A 17 -17.22 13.50 -4.84
C ALA A 17 -16.51 12.20 -4.42
N LEU A 18 -17.08 11.53 -3.43
CA LEU A 18 -16.51 10.28 -2.92
C LEU A 18 -16.44 9.21 -3.99
N LYS A 19 -17.55 9.02 -4.71
CA LYS A 19 -17.61 7.99 -5.72
C LYS A 19 -16.67 8.32 -6.87
N ARG A 20 -16.35 9.59 -7.03
CA ARG A 20 -15.40 10.01 -8.04
C ARG A 20 -13.99 9.70 -7.57
N ALA A 21 -13.76 9.84 -6.28
CA ALA A 21 -12.50 9.43 -5.71
C ALA A 21 -12.36 7.93 -5.87
N GLU A 22 -13.49 7.24 -5.77
CA GLU A 22 -13.57 5.81 -6.00
C GLU A 22 -13.35 5.54 -7.49
N GLU A 23 -13.83 6.44 -8.33
CA GLU A 23 -13.67 6.34 -9.76
C GLU A 23 -12.22 6.44 -10.13
N LEU A 24 -11.55 7.40 -9.53
CA LEU A 24 -10.15 7.63 -9.81
C LEU A 24 -9.30 6.47 -9.33
N LYS A 25 -9.72 5.85 -8.23
CA LYS A 25 -9.10 4.62 -7.77
C LYS A 25 -9.29 3.55 -8.84
N THR A 26 -10.51 3.43 -9.32
CA THR A 26 -10.87 2.45 -10.33
C THR A 26 -10.10 2.71 -11.62
N GLN A 27 -10.13 3.96 -12.07
CA GLN A 27 -9.35 4.40 -13.21
C GLN A 27 -7.87 4.05 -13.04
N ALA A 28 -7.34 4.30 -11.86
CA ALA A 28 -5.94 4.05 -11.58
C ALA A 28 -5.65 2.55 -11.57
N ASN A 29 -6.57 1.75 -11.04
CA ASN A 29 -6.45 0.31 -11.11
C ASN A 29 -6.47 -0.13 -12.56
N ASP A 30 -7.23 0.59 -13.37
CA ASP A 30 -7.32 0.34 -14.80
C ASP A 30 -6.03 0.75 -15.49
N TYR A 31 -5.41 1.82 -15.03
CA TYR A 31 -4.12 2.27 -15.56
C TYR A 31 -2.99 1.37 -15.07
N PHE A 32 -3.14 0.80 -13.89
CA PHE A 32 -2.20 -0.18 -13.38
C PHE A 32 -2.24 -1.38 -14.32
N LYS A 33 -3.45 -1.72 -14.69
CA LYS A 33 -3.74 -2.79 -15.62
C LYS A 33 -3.34 -2.38 -17.05
N ALA A 34 -3.33 -1.07 -17.29
CA ALA A 34 -2.95 -0.52 -18.59
C ALA A 34 -1.45 -0.32 -18.69
N LYS A 35 -0.76 -0.66 -17.60
CA LYS A 35 0.70 -0.66 -17.53
C LYS A 35 1.24 0.74 -17.27
N ASP A 36 0.37 1.67 -16.86
CA ASP A 36 0.81 3.02 -16.56
C ASP A 36 0.63 3.33 -15.09
N TYR A 37 1.71 3.20 -14.34
CA TYR A 37 1.65 3.36 -12.91
C TYR A 37 1.65 4.83 -12.50
N GLU A 38 2.11 5.70 -13.39
CA GLU A 38 2.14 7.13 -13.08
C GLU A 38 0.79 7.73 -13.17
N ASN A 39 0.08 7.40 -14.24
CA ASN A 39 -1.26 7.90 -14.38
C ASN A 39 -2.10 7.37 -13.24
N ALA A 40 -1.80 6.13 -12.84
CA ALA A 40 -2.39 5.54 -11.66
C ALA A 40 -2.09 6.42 -10.44
N ILE A 41 -0.82 6.72 -10.21
CA ILE A 41 -0.38 7.63 -9.14
C ILE A 41 -1.20 8.93 -9.17
N LYS A 42 -1.32 9.49 -10.37
CA LYS A 42 -2.06 10.71 -10.60
C LYS A 42 -3.50 10.60 -10.14
N PHE A 43 -4.19 9.55 -10.56
CA PHE A 43 -5.59 9.37 -10.23
C PHE A 43 -5.77 9.00 -8.76
N TYR A 44 -4.78 8.33 -8.17
CA TYR A 44 -4.81 8.08 -6.74
C TYR A 44 -4.72 9.40 -5.98
N SER A 45 -3.86 10.29 -6.46
CA SER A 45 -3.67 11.58 -5.84
C SER A 45 -4.92 12.42 -5.97
N GLN A 46 -5.51 12.40 -7.15
CA GLN A 46 -6.76 13.10 -7.41
C GLN A 46 -7.86 12.58 -6.47
N ALA A 47 -7.82 11.28 -6.17
CA ALA A 47 -8.76 10.67 -5.24
C ALA A 47 -8.56 11.23 -3.83
N ILE A 48 -7.32 11.60 -3.52
CA ILE A 48 -6.98 12.19 -2.22
C ILE A 48 -7.35 13.67 -2.21
N GLU A 49 -7.65 14.19 -3.38
CA GLU A 49 -8.13 15.55 -3.51
C GLU A 49 -9.64 15.59 -3.34
N LEU A 50 -10.27 14.44 -3.55
CA LEU A 50 -11.71 14.33 -3.43
C LEU A 50 -12.10 13.85 -2.03
N ASN A 51 -11.51 12.76 -1.57
CA ASN A 51 -11.65 12.39 -0.16
C ASN A 51 -10.24 12.48 0.44
N PRO A 52 -10.08 12.39 1.76
CA PRO A 52 -8.75 12.33 2.35
C PRO A 52 -8.36 10.95 2.93
N SER A 53 -9.02 10.55 4.00
CA SER A 53 -8.57 9.41 4.81
C SER A 53 -8.95 8.07 4.18
N ASN A 54 -8.23 7.69 3.13
CA ASN A 54 -8.32 6.34 2.60
C ASN A 54 -6.93 5.72 2.51
N ALA A 55 -6.65 4.78 3.39
CA ALA A 55 -5.39 4.06 3.37
C ALA A 55 -5.21 3.32 2.04
N ILE A 56 -6.33 3.03 1.39
CA ILE A 56 -6.31 2.36 0.10
C ILE A 56 -5.70 3.28 -0.97
N TYR A 57 -6.06 4.57 -0.93
CA TYR A 57 -5.57 5.52 -1.91
C TYR A 57 -4.06 5.72 -1.77
N TYR A 58 -3.62 5.94 -0.54
CA TYR A 58 -2.19 6.11 -0.27
C TYR A 58 -1.43 4.78 -0.44
N GLY A 59 -2.03 3.71 0.05
CA GLY A 59 -1.38 2.41 -0.01
C GLY A 59 -1.22 1.89 -1.41
N ASN A 60 -2.22 2.14 -2.25
CA ASN A 60 -2.15 1.69 -3.64
C ASN A 60 -1.28 2.65 -4.45
N ARG A 61 -1.24 3.92 -4.06
CA ARG A 61 -0.31 4.85 -4.69
C ARG A 61 1.12 4.51 -4.29
N SER A 62 1.28 4.08 -3.05
CA SER A 62 2.55 3.53 -2.59
C SER A 62 2.94 2.35 -3.47
N LEU A 63 1.97 1.48 -3.73
CA LEU A 63 2.15 0.34 -4.62
C LEU A 63 2.53 0.80 -6.02
N ALA A 64 1.96 1.93 -6.46
CA ALA A 64 2.29 2.50 -7.75
C ALA A 64 3.75 2.96 -7.76
N TYR A 65 4.15 3.67 -6.71
CA TYR A 65 5.54 4.05 -6.51
C TYR A 65 6.42 2.81 -6.44
N LEU A 66 5.88 1.76 -5.83
CA LEU A 66 6.58 0.49 -5.71
C LEU A 66 6.80 -0.16 -7.06
N ARG A 67 5.98 0.21 -8.03
CA ARG A 67 6.14 -0.28 -9.40
C ARG A 67 7.14 0.58 -10.16
N THR A 68 7.11 1.87 -9.89
CA THR A 68 7.94 2.83 -10.61
C THR A 68 9.33 2.97 -9.98
N GLU A 69 9.61 2.10 -9.00
CA GLU A 69 10.89 2.11 -8.28
C GLU A 69 11.07 3.41 -7.51
N CYS A 70 9.95 3.92 -7.02
CA CYS A 70 9.92 5.13 -6.23
C CYS A 70 9.72 4.80 -4.75
N TYR A 71 10.32 3.69 -4.34
CA TYR A 71 10.14 3.14 -3.00
C TYR A 71 10.24 4.19 -1.88
N GLY A 72 11.04 5.24 -2.10
CA GLY A 72 11.12 6.32 -1.12
C GLY A 72 9.76 6.94 -0.85
N TYR A 73 9.07 7.33 -1.92
CA TYR A 73 7.73 7.89 -1.80
C TYR A 73 6.76 6.82 -1.31
N ALA A 74 7.01 5.59 -1.75
CA ALA A 74 6.18 4.46 -1.36
C ALA A 74 6.19 4.25 0.15
N LEU A 75 7.39 4.31 0.73
CA LEU A 75 7.57 4.10 2.15
C LEU A 75 6.81 5.17 2.95
N ASN A 76 6.92 6.41 2.50
CA ASN A 76 6.26 7.52 3.19
C ASN A 76 4.74 7.49 2.97
N ASP A 77 4.33 7.16 1.75
CA ASP A 77 2.91 7.11 1.40
C ASP A 77 2.20 5.99 2.14
N ALA A 78 2.83 4.82 2.19
CA ALA A 78 2.27 3.68 2.89
C ALA A 78 2.11 3.99 4.38
N THR A 79 3.10 4.69 4.93
CA THR A 79 3.05 5.12 6.31
C THR A 79 1.90 6.09 6.56
N ARG A 80 1.66 6.96 5.59
CA ARG A 80 0.57 7.92 5.68
C ARG A 80 -0.78 7.21 5.70
N ALA A 81 -0.88 6.11 4.96
CA ALA A 81 -2.09 5.31 4.94
C ALA A 81 -2.33 4.69 6.31
N ILE A 82 -1.26 4.19 6.91
CA ILE A 82 -1.34 3.62 8.25
C ILE A 82 -1.81 4.66 9.26
N GLU A 83 -1.53 5.92 8.99
CA GLU A 83 -2.00 7.01 9.83
C GLU A 83 -3.50 7.24 9.60
N LEU A 84 -3.95 7.00 8.38
CA LEU A 84 -5.35 7.16 8.01
C LEU A 84 -6.19 6.00 8.55
N ASP A 85 -5.77 4.79 8.21
CA ASP A 85 -6.40 3.60 8.73
C ASP A 85 -5.39 2.90 9.59
N LYS A 86 -5.39 3.29 10.86
CA LYS A 86 -4.33 2.93 11.78
C LYS A 86 -4.18 1.42 11.90
N LYS A 87 -5.28 0.71 11.78
CA LYS A 87 -5.18 -0.72 11.55
C LYS A 87 -5.66 -1.03 10.15
N TYR A 88 -4.71 -1.22 9.27
CA TYR A 88 -4.97 -1.71 7.94
C TYR A 88 -3.88 -2.70 7.60
N ILE A 89 -4.19 -3.97 7.72
CA ILE A 89 -3.19 -5.03 7.56
C ILE A 89 -2.55 -4.96 6.18
N LYS A 90 -3.38 -4.73 5.19
CA LYS A 90 -2.93 -4.58 3.83
C LYS A 90 -2.05 -3.32 3.70
N GLY A 91 -2.32 -2.35 4.56
CA GLY A 91 -1.56 -1.12 4.55
C GLY A 91 -0.19 -1.30 5.18
N TYR A 92 -0.13 -2.04 6.28
CA TYR A 92 1.15 -2.39 6.89
C TYR A 92 2.01 -3.11 5.87
N TYR A 93 1.37 -4.02 5.15
CA TYR A 93 2.03 -4.82 4.12
C TYR A 93 2.69 -3.92 3.08
N ARG A 94 2.03 -2.83 2.72
CA ARG A 94 2.57 -1.88 1.74
C ARG A 94 3.85 -1.23 2.27
N ARG A 95 3.84 -0.81 3.54
CA ARG A 95 5.03 -0.23 4.15
C ARG A 95 6.13 -1.27 4.27
N ALA A 96 5.73 -2.48 4.65
CA ALA A 96 6.66 -3.60 4.78
C ALA A 96 7.40 -3.84 3.46
N ALA A 97 6.67 -3.79 2.35
CA ALA A 97 7.27 -3.98 1.03
C ALA A 97 8.23 -2.85 0.71
N SER A 98 7.87 -1.64 1.12
CA SER A 98 8.72 -0.47 0.94
C SER A 98 10.05 -0.67 1.68
N ASN A 99 9.97 -1.08 2.94
CA ASN A 99 11.16 -1.33 3.75
C ASN A 99 11.98 -2.48 3.16
N MET A 100 11.28 -3.54 2.78
CA MET A 100 11.91 -4.74 2.24
C MET A 100 12.70 -4.39 0.99
N ALA A 101 12.12 -3.55 0.16
CA ALA A 101 12.73 -3.15 -1.11
C ALA A 101 13.87 -2.17 -0.90
N LEU A 102 13.82 -1.39 0.18
CA LEU A 102 14.88 -0.43 0.49
C LEU A 102 16.11 -1.14 1.06
N GLY A 103 15.88 -2.12 1.92
CA GLY A 103 16.98 -2.83 2.54
C GLY A 103 16.77 -3.03 4.03
N LYS A 104 15.70 -2.43 4.54
CA LYS A 104 15.34 -2.58 5.95
C LYS A 104 14.54 -3.85 6.17
N PHE A 105 15.23 -4.99 6.03
CA PHE A 105 14.59 -6.29 6.16
C PHE A 105 14.03 -6.51 7.56
N ARG A 106 14.66 -5.94 8.58
CA ARG A 106 14.16 -6.11 9.94
C ARG A 106 12.88 -5.30 10.13
N ALA A 107 12.87 -4.09 9.57
CA ALA A 107 11.72 -3.21 9.63
C ALA A 107 10.57 -3.80 8.81
N ALA A 108 10.93 -4.41 7.69
CA ALA A 108 9.95 -5.06 6.84
C ALA A 108 9.41 -6.29 7.53
N LEU A 109 10.30 -6.97 8.24
CA LEU A 109 9.92 -8.16 8.97
C LEU A 109 8.87 -7.85 10.02
N ARG A 110 9.13 -6.86 10.84
CA ARG A 110 8.23 -6.55 11.95
C ARG A 110 6.91 -5.98 11.45
N ASP A 111 6.93 -5.40 10.25
CA ASP A 111 5.70 -4.94 9.61
C ASP A 111 4.92 -6.11 9.02
N TYR A 112 5.61 -6.97 8.27
CA TYR A 112 5.00 -8.20 7.76
C TYR A 112 4.57 -9.10 8.92
N GLU A 113 5.34 -9.03 9.99
CA GLU A 113 5.09 -9.80 11.19
C GLU A 113 3.72 -9.49 11.75
N THR A 114 3.44 -8.20 11.88
CA THR A 114 2.14 -7.77 12.36
C THR A 114 1.04 -8.23 11.39
N VAL A 115 1.34 -8.15 10.09
CA VAL A 115 0.42 -8.63 9.07
C VAL A 115 0.07 -10.10 9.27
N VAL A 116 1.10 -10.91 9.49
CA VAL A 116 0.91 -12.35 9.64
C VAL A 116 0.36 -12.70 11.02
N LYS A 117 0.51 -11.79 11.99
CA LYS A 117 0.00 -12.04 13.33
C LYS A 117 -1.48 -11.70 13.42
N VAL A 118 -1.98 -10.97 12.44
CA VAL A 118 -3.41 -10.68 12.36
C VAL A 118 -4.09 -11.64 11.40
N LYS A 119 -3.48 -11.89 10.25
CA LYS A 119 -3.99 -12.87 9.30
C LYS A 119 -2.93 -13.91 8.93
N PRO A 120 -2.71 -14.88 9.81
CA PRO A 120 -1.73 -15.96 9.59
C PRO A 120 -2.26 -17.03 8.65
N HIS A 121 -3.56 -16.98 8.41
CA HIS A 121 -4.20 -17.90 7.48
C HIS A 121 -4.00 -17.42 6.04
N ASP A 122 -3.36 -16.27 5.90
CA ASP A 122 -3.17 -15.70 4.58
C ASP A 122 -1.77 -16.01 4.05
N LYS A 123 -1.75 -16.84 3.01
CA LYS A 123 -0.52 -17.24 2.32
C LYS A 123 0.44 -16.09 2.05
N ASP A 124 -0.08 -14.93 1.67
CA ASP A 124 0.78 -13.84 1.23
C ASP A 124 1.36 -13.10 2.43
N ALA A 125 0.57 -12.97 3.49
CA ALA A 125 1.07 -12.48 4.76
C ALA A 125 2.19 -13.38 5.25
N LYS A 126 1.92 -14.68 5.25
CA LYS A 126 2.93 -15.67 5.59
C LYS A 126 4.15 -15.50 4.69
N MET A 127 3.93 -15.75 3.41
CA MET A 127 4.99 -15.80 2.40
C MET A 127 6.07 -14.75 2.62
N LYS A 128 5.65 -13.50 2.62
CA LYS A 128 6.58 -12.38 2.70
C LYS A 128 7.16 -12.22 4.10
N TYR A 129 6.37 -12.61 5.11
CA TYR A 129 6.85 -12.62 6.49
C TYR A 129 8.01 -13.60 6.65
N GLN A 130 7.77 -14.84 6.22
CA GLN A 130 8.73 -15.92 6.42
C GLN A 130 9.96 -15.68 5.57
N GLU A 131 9.72 -15.16 4.38
CA GLU A 131 10.76 -14.80 3.46
C GLU A 131 11.68 -13.75 4.06
N CYS A 132 11.08 -12.68 4.59
CA CYS A 132 11.85 -11.61 5.21
C CYS A 132 12.50 -12.13 6.50
N ASN A 133 11.73 -12.93 7.24
CA ASN A 133 12.20 -13.52 8.49
C ASN A 133 13.48 -14.28 8.25
N LYS A 134 13.45 -15.21 7.31
CA LYS A 134 14.62 -16.02 7.03
C LYS A 134 15.76 -15.18 6.52
N ILE A 135 15.46 -14.16 5.71
CA ILE A 135 16.50 -13.30 5.16
C ILE A 135 17.21 -12.50 6.24
N VAL A 136 16.46 -12.08 7.25
CA VAL A 136 17.06 -11.45 8.40
C VAL A 136 18.05 -12.40 9.08
N LYS A 137 17.67 -13.67 9.15
CA LYS A 137 18.50 -14.68 9.78
C LYS A 137 19.60 -15.13 8.85
N GLN A 138 19.47 -14.83 7.56
CA GLN A 138 20.56 -15.01 6.63
C GLN A 138 21.70 -14.10 7.04
N LYS A 139 21.32 -12.90 7.40
CA LYS A 139 22.27 -11.86 7.78
C LYS A 139 22.84 -12.09 9.18
N ALA A 140 21.97 -12.15 10.17
CA ALA A 140 22.41 -12.29 11.55
C ALA A 140 21.42 -13.13 12.35
N MET B 2 -0.53 -12.93 -3.70
CA MET B 2 -1.64 -12.08 -4.14
C MET B 2 -2.48 -11.57 -2.98
N GLU B 3 -2.64 -10.26 -2.93
CA GLU B 3 -3.51 -9.61 -1.96
C GLU B 3 -4.35 -8.55 -2.67
N GLU B 4 -4.46 -8.73 -4.00
CA GLU B 4 -5.17 -7.79 -4.88
C GLU B 4 -4.41 -6.47 -4.99
N VAL B 5 -4.99 -5.51 -5.71
CA VAL B 5 -4.38 -4.21 -5.87
C VAL B 5 -4.66 -3.32 -4.66
N ASP B 6 -5.92 -3.22 -4.27
CA ASP B 6 -6.29 -2.46 -3.10
C ASP B 6 -6.18 -3.37 -1.88
N THR A 10 -15.49 19.84 6.71
CA THR A 10 -16.84 19.29 6.75
C THR A 10 -16.78 17.79 7.03
N ASP A 11 -17.95 17.13 6.96
CA ASP A 11 -18.03 15.68 7.05
C ASP A 11 -17.26 15.04 5.90
N PRO A 12 -17.20 13.71 5.80
CA PRO A 12 -16.66 13.06 4.62
C PRO A 12 -17.30 13.63 3.38
N PRO A 13 -16.52 13.86 2.31
CA PRO A 13 -17.09 14.28 1.04
C PRO A 13 -18.20 13.32 0.64
N ALA A 14 -19.13 13.80 -0.14
CA ALA A 14 -20.32 13.06 -0.42
C ALA A 14 -20.04 11.85 -1.29
N ASP A 15 -21.11 11.10 -1.55
CA ASP A 15 -21.14 9.94 -2.44
C ASP A 15 -20.31 10.16 -3.69
N GLY A 16 -20.97 10.48 -4.80
CA GLY A 16 -20.28 10.77 -6.07
C GLY A 16 -18.81 11.19 -5.94
N ALA A 17 -18.50 12.09 -5.01
CA ALA A 17 -17.11 12.49 -4.74
C ALA A 17 -16.29 11.31 -4.20
N LEU A 18 -16.75 10.76 -3.08
CA LEU A 18 -16.10 9.60 -2.45
C LEU A 18 -16.02 8.43 -3.41
N LYS A 19 -17.13 8.18 -4.09
CA LYS A 19 -17.21 7.09 -5.04
C LYS A 19 -16.26 7.36 -6.19
N ARG A 20 -16.04 8.63 -6.51
CA ARG A 20 -15.15 9.00 -7.60
C ARG A 20 -13.71 8.79 -7.19
N ALA A 21 -13.42 9.03 -5.92
CA ALA A 21 -12.12 8.70 -5.36
C ALA A 21 -11.87 7.20 -5.55
N GLU A 22 -12.93 6.44 -5.34
CA GLU A 22 -12.90 5.00 -5.53
C GLU A 22 -12.84 4.66 -7.03
N GLU A 23 -13.48 5.50 -7.84
CA GLU A 23 -13.49 5.33 -9.30
C GLU A 23 -12.10 5.52 -9.85
N LEU A 24 -11.36 6.41 -9.24
CA LEU A 24 -10.01 6.69 -9.68
C LEU A 24 -9.08 5.57 -9.24
N LYS A 25 -9.38 4.94 -8.12
CA LYS A 25 -8.67 3.73 -7.71
C LYS A 25 -9.01 2.61 -8.70
N THR A 26 -10.25 2.62 -9.17
CA THR A 26 -10.74 1.67 -10.14
C THR A 26 -10.07 1.91 -11.51
N GLN A 27 -10.12 3.16 -11.95
CA GLN A 27 -9.40 3.59 -13.15
C GLN A 27 -7.93 3.22 -13.07
N ALA A 28 -7.32 3.52 -11.93
CA ALA A 28 -5.91 3.26 -11.73
C ALA A 28 -5.64 1.76 -11.61
N ASN A 29 -6.67 1.01 -11.23
CA ASN A 29 -6.59 -0.45 -11.24
C ASN A 29 -6.48 -0.93 -12.68
N ASP A 30 -7.22 -0.25 -13.55
CA ASP A 30 -7.19 -0.53 -14.98
C ASP A 30 -5.87 -0.08 -15.58
N TYR A 31 -5.38 1.07 -15.13
CA TYR A 31 -4.11 1.58 -15.62
C TYR A 31 -2.94 0.79 -15.06
N PHE A 32 -3.15 0.15 -13.92
CA PHE A 32 -2.17 -0.79 -13.38
C PHE A 32 -2.03 -1.96 -14.34
N LYS A 33 -3.17 -2.51 -14.74
CA LYS A 33 -3.20 -3.62 -15.69
C LYS A 33 -2.75 -3.13 -17.07
N ALA A 34 -2.98 -1.84 -17.33
CA ALA A 34 -2.58 -1.21 -18.58
C ALA A 34 -1.08 -0.91 -18.56
N LYS A 35 -0.49 -1.03 -17.38
CA LYS A 35 0.95 -0.85 -17.17
C LYS A 35 1.34 0.62 -17.20
N ASP A 36 0.39 1.49 -16.91
CA ASP A 36 0.68 2.91 -16.75
C ASP A 36 0.54 3.29 -15.29
N TYR A 37 1.62 3.06 -14.56
CA TYR A 37 1.62 3.24 -13.12
C TYR A 37 1.58 4.72 -12.73
N GLU A 38 2.01 5.61 -13.61
CA GLU A 38 2.13 7.03 -13.28
C GLU A 38 0.85 7.80 -13.56
N ASN A 39 0.09 7.41 -14.58
CA ASN A 39 -1.25 7.97 -14.74
C ASN A 39 -2.14 7.44 -13.65
N ALA A 40 -1.82 6.22 -13.21
CA ALA A 40 -2.45 5.67 -12.02
C ALA A 40 -2.06 6.50 -10.80
N ILE A 41 -0.77 6.84 -10.72
CA ILE A 41 -0.25 7.78 -9.73
C ILE A 41 -1.14 9.02 -9.66
N LYS A 42 -1.38 9.59 -10.84
CA LYS A 42 -2.25 10.74 -11.00
C LYS A 42 -3.63 10.49 -10.40
N PHE A 43 -4.23 9.34 -10.74
CA PHE A 43 -5.57 9.01 -10.27
C PHE A 43 -5.61 8.88 -8.76
N TYR A 44 -4.57 8.30 -8.17
CA TYR A 44 -4.52 8.14 -6.72
C TYR A 44 -4.47 9.50 -6.05
N SER A 45 -3.66 10.39 -6.59
CA SER A 45 -3.54 11.74 -6.06
C SER A 45 -4.88 12.45 -6.18
N GLN A 46 -5.50 12.30 -7.33
CA GLN A 46 -6.81 12.90 -7.60
C GLN A 46 -7.87 12.35 -6.64
N ALA A 47 -7.70 11.10 -6.21
CA ALA A 47 -8.61 10.50 -5.25
C ALA A 47 -8.43 11.13 -3.87
N ILE A 48 -7.21 11.60 -3.62
CA ILE A 48 -6.87 12.27 -2.35
C ILE A 48 -7.28 13.74 -2.42
N GLU A 49 -7.65 14.16 -3.61
CA GLU A 49 -8.23 15.47 -3.80
C GLU A 49 -9.74 15.39 -3.57
N LEU A 50 -10.29 14.19 -3.81
CA LEU A 50 -11.71 13.96 -3.62
C LEU A 50 -12.02 13.63 -2.16
N ASN A 51 -11.36 12.62 -1.62
CA ASN A 51 -11.43 12.36 -0.19
C ASN A 51 -10.04 12.67 0.36
N PRO A 52 -9.81 12.68 1.68
CA PRO A 52 -8.46 12.82 2.22
C PRO A 52 -7.89 11.55 2.84
N SER A 53 -8.26 11.30 4.10
CA SER A 53 -7.61 10.31 4.92
C SER A 53 -8.12 8.89 4.67
N ASN A 54 -7.70 8.31 3.56
CA ASN A 54 -7.95 6.89 3.31
C ASN A 54 -6.66 6.17 2.97
N ALA A 55 -6.37 5.14 3.76
CA ALA A 55 -5.17 4.33 3.52
C ALA A 55 -5.26 3.63 2.17
N ILE A 56 -6.48 3.47 1.69
CA ILE A 56 -6.75 2.89 0.37
C ILE A 56 -5.91 3.59 -0.70
N TYR A 57 -5.95 4.91 -0.69
CA TYR A 57 -5.35 5.69 -1.75
C TYR A 57 -3.86 5.90 -1.48
N TYR A 58 -3.52 6.11 -0.21
CA TYR A 58 -2.12 6.29 0.16
C TYR A 58 -1.34 4.99 0.03
N GLY A 59 -1.95 3.88 0.41
CA GLY A 59 -1.30 2.59 0.30
C GLY A 59 -1.09 2.20 -1.14
N ASN A 60 -2.08 2.49 -1.97
CA ASN A 60 -1.96 2.23 -3.40
C ASN A 60 -1.02 3.24 -4.04
N ARG A 61 -0.95 4.42 -3.43
CA ARG A 61 0.05 5.42 -3.80
C ARG A 61 1.44 4.85 -3.59
N SER A 62 1.64 4.24 -2.42
CA SER A 62 2.87 3.54 -2.12
C SER A 62 3.15 2.49 -3.18
N LEU A 63 2.13 1.73 -3.56
CA LEU A 63 2.28 0.73 -4.59
C LEU A 63 2.74 1.34 -5.91
N ALA A 64 2.07 2.40 -6.36
CA ALA A 64 2.49 3.11 -7.57
C ALA A 64 3.94 3.56 -7.47
N TYR A 65 4.31 4.03 -6.30
CA TYR A 65 5.71 4.35 -6.01
C TYR A 65 6.57 3.08 -6.09
N LEU A 66 6.01 1.97 -5.63
CA LEU A 66 6.64 0.66 -5.68
C LEU A 66 6.71 0.13 -7.12
N ARG A 67 5.77 0.56 -7.93
CA ARG A 67 5.68 0.13 -9.33
C ARG A 67 6.67 0.89 -10.19
N THR A 68 7.06 2.06 -9.73
CA THR A 68 8.01 2.89 -10.45
C THR A 68 9.43 2.64 -9.96
N GLU A 69 9.80 3.31 -8.87
CA GLU A 69 11.11 3.14 -8.24
C GLU A 69 11.24 4.11 -7.06
N CYS A 70 10.11 4.41 -6.45
CA CYS A 70 10.03 5.47 -5.47
C CYS A 70 9.77 4.91 -4.08
N TYR A 71 10.37 3.76 -3.80
CA TYR A 71 10.17 3.05 -2.54
C TYR A 71 10.37 3.95 -1.33
N GLY A 72 11.20 4.98 -1.46
CA GLY A 72 11.34 5.96 -0.40
C GLY A 72 10.04 6.71 -0.17
N TYR A 73 9.44 7.20 -1.25
CA TYR A 73 8.13 7.82 -1.20
C TYR A 73 7.08 6.80 -0.74
N ALA A 74 7.21 5.59 -1.26
CA ALA A 74 6.28 4.51 -0.93
C ALA A 74 6.20 4.28 0.57
N LEU A 75 7.36 4.19 1.20
CA LEU A 75 7.44 3.98 2.64
C LEU A 75 6.80 5.16 3.38
N ASN A 76 7.02 6.36 2.83
CA ASN A 76 6.45 7.58 3.38
C ASN A 76 4.92 7.53 3.38
N ASP A 77 4.35 7.33 2.20
CA ASP A 77 2.90 7.33 2.05
C ASP A 77 2.26 6.13 2.72
N ALA A 78 2.99 5.01 2.77
CA ALA A 78 2.49 3.80 3.40
C ALA A 78 2.34 3.98 4.89
N THR A 79 3.34 4.61 5.50
CA THR A 79 3.28 4.93 6.92
C THR A 79 2.12 5.90 7.18
N ARG A 80 1.94 6.82 6.25
CA ARG A 80 0.87 7.80 6.38
C ARG A 80 -0.49 7.12 6.23
N ALA A 81 -0.54 6.02 5.50
CA ALA A 81 -1.77 5.25 5.38
C ALA A 81 -2.18 4.68 6.72
N ILE A 82 -1.22 4.11 7.44
CA ILE A 82 -1.48 3.61 8.79
C ILE A 82 -1.88 4.76 9.72
N GLU A 83 -1.54 5.97 9.34
CA GLU A 83 -1.98 7.16 10.07
C GLU A 83 -3.43 7.50 9.72
N LEU A 84 -3.80 7.29 8.47
CA LEU A 84 -5.15 7.56 8.00
C LEU A 84 -6.11 6.49 8.47
N ASP A 85 -5.79 5.27 8.09
CA ASP A 85 -6.58 4.12 8.45
C ASP A 85 -5.69 3.20 9.25
N LYS A 86 -5.66 3.43 10.55
CA LYS A 86 -4.73 2.77 11.43
C LYS A 86 -4.81 1.27 11.24
N LYS A 87 -6.00 0.71 11.17
CA LYS A 87 -6.09 -0.67 10.78
C LYS A 87 -6.51 -0.75 9.33
N TYR A 88 -5.51 -0.90 8.49
CA TYR A 88 -5.67 -1.34 7.13
C TYR A 88 -4.47 -2.21 6.81
N ILE A 89 -4.67 -3.51 6.84
CA ILE A 89 -3.56 -4.45 6.74
C ILE A 89 -2.73 -4.25 5.47
N LYS A 90 -3.39 -3.85 4.38
CA LYS A 90 -2.66 -3.53 3.15
C LYS A 90 -1.68 -2.38 3.38
N GLY A 91 -2.06 -1.44 4.24
CA GLY A 91 -1.22 -0.29 4.51
C GLY A 91 0.08 -0.70 5.16
N TYR A 92 -0.02 -1.63 6.10
CA TYR A 92 1.14 -2.22 6.73
C TYR A 92 1.97 -2.98 5.70
N TYR A 93 1.26 -3.72 4.85
CA TYR A 93 1.87 -4.54 3.81
C TYR A 93 2.66 -3.67 2.83
N ARG A 94 2.11 -2.50 2.50
CA ARG A 94 2.80 -1.56 1.61
C ARG A 94 4.07 -1.04 2.29
N ARG A 95 3.92 -0.67 3.55
CA ARG A 95 5.03 -0.16 4.34
C ARG A 95 6.15 -1.19 4.41
N ALA A 96 5.75 -2.42 4.74
CA ALA A 96 6.67 -3.54 4.78
C ALA A 96 7.37 -3.73 3.43
N ALA A 97 6.60 -3.59 2.36
CA ALA A 97 7.13 -3.82 1.01
C ALA A 97 8.12 -2.74 0.63
N SER A 98 7.95 -1.56 1.19
CA SER A 98 8.84 -0.45 0.92
C SER A 98 10.16 -0.65 1.65
N ASN A 99 10.06 -1.05 2.92
CA ASN A 99 11.26 -1.35 3.72
C ASN A 99 12.01 -2.52 3.10
N MET A 100 11.27 -3.51 2.65
CA MET A 100 11.83 -4.70 2.02
C MET A 100 12.58 -4.31 0.74
N ALA A 101 11.99 -3.39 0.00
CA ALA A 101 12.59 -2.91 -1.25
C ALA A 101 13.81 -2.04 -0.95
N LEU A 102 13.72 -1.26 0.13
CA LEU A 102 14.83 -0.40 0.53
C LEU A 102 16.04 -1.22 0.98
N GLY A 103 15.77 -2.29 1.73
CA GLY A 103 16.85 -3.15 2.19
C GLY A 103 16.80 -3.41 3.68
N LYS A 104 15.91 -2.68 4.36
CA LYS A 104 15.73 -2.85 5.79
C LYS A 104 14.71 -3.97 6.05
N PHE A 105 15.20 -5.20 6.00
CA PHE A 105 14.35 -6.38 6.06
C PHE A 105 13.74 -6.59 7.44
N ARG A 106 14.46 -6.23 8.48
CA ARG A 106 13.93 -6.39 9.84
C ARG A 106 12.79 -5.42 10.10
N ALA A 107 12.93 -4.20 9.58
CA ALA A 107 11.87 -3.22 9.68
C ALA A 107 10.65 -3.68 8.90
N ALA A 108 10.90 -4.19 7.70
CA ALA A 108 9.86 -4.74 6.84
C ALA A 108 9.21 -5.92 7.53
N LEU A 109 10.03 -6.70 8.22
CA LEU A 109 9.56 -7.88 8.91
C LEU A 109 8.64 -7.50 10.06
N ARG A 110 8.87 -6.34 10.66
CA ARG A 110 8.01 -5.87 11.74
C ARG A 110 6.60 -5.65 11.21
N ASP A 111 6.53 -5.04 10.04
CA ASP A 111 5.25 -4.75 9.41
C ASP A 111 4.61 -6.02 8.84
N TYR A 112 5.43 -6.85 8.19
CA TYR A 112 4.94 -8.14 7.68
C TYR A 112 4.48 -9.04 8.83
N GLU A 113 5.23 -9.00 9.93
CA GLU A 113 4.91 -9.78 11.11
C GLU A 113 3.54 -9.39 11.63
N THR A 114 3.33 -8.10 11.75
CA THR A 114 2.05 -7.59 12.23
C THR A 114 0.91 -8.04 11.32
N VAL A 115 1.15 -7.99 10.01
CA VAL A 115 0.18 -8.47 9.03
C VAL A 115 -0.20 -9.93 9.30
N VAL A 116 0.82 -10.77 9.46
CA VAL A 116 0.60 -12.19 9.64
C VAL A 116 0.11 -12.50 11.05
N LYS A 117 0.18 -11.52 11.94
CA LYS A 117 -0.33 -11.70 13.30
C LYS A 117 -1.80 -11.31 13.38
N VAL A 118 -2.26 -10.57 12.37
CA VAL A 118 -3.66 -10.20 12.27
C VAL A 118 -4.41 -11.24 11.45
N LYS A 119 -3.82 -11.63 10.32
CA LYS A 119 -4.40 -12.67 9.47
C LYS A 119 -3.35 -13.74 9.16
N PRO A 120 -3.11 -14.64 10.12
CA PRO A 120 -2.07 -15.68 10.02
C PRO A 120 -2.45 -16.84 9.11
N HIS A 121 -3.74 -16.95 8.82
CA HIS A 121 -4.22 -18.03 7.96
C HIS A 121 -4.15 -17.59 6.51
N ASP A 122 -3.79 -16.33 6.31
CA ASP A 122 -3.73 -15.75 4.98
C ASP A 122 -2.37 -15.96 4.33
N LYS A 123 -2.37 -16.78 3.28
CA LYS A 123 -1.22 -17.01 2.41
C LYS A 123 -0.42 -15.74 2.11
N ASP A 124 -1.09 -14.62 1.90
CA ASP A 124 -0.42 -13.39 1.49
C ASP A 124 0.40 -12.82 2.64
N ALA A 125 -0.22 -12.77 3.82
CA ALA A 125 0.48 -12.36 5.03
C ALA A 125 1.65 -13.29 5.30
N LYS A 126 1.40 -14.59 5.19
CA LYS A 126 2.45 -15.58 5.38
C LYS A 126 3.58 -15.36 4.39
N MET A 127 3.25 -15.51 3.11
CA MET A 127 4.23 -15.51 2.03
C MET A 127 5.34 -14.48 2.22
N LYS A 128 4.95 -13.22 2.33
CA LYS A 128 5.91 -12.14 2.41
C LYS A 128 6.53 -12.02 3.81
N TYR A 129 5.80 -12.49 4.83
CA TYR A 129 6.35 -12.55 6.17
C TYR A 129 7.54 -13.51 6.21
N GLN A 130 7.31 -14.72 5.71
CA GLN A 130 8.31 -15.77 5.76
C GLN A 130 9.46 -15.42 4.85
N GLU A 131 9.12 -14.82 3.72
CA GLU A 131 10.10 -14.33 2.76
C GLU A 131 11.02 -13.31 3.41
N CYS A 132 10.45 -12.34 4.11
CA CYS A 132 11.25 -11.33 4.79
C CYS A 132 12.02 -11.97 5.94
N ASN A 133 11.34 -12.84 6.68
CA ASN A 133 11.92 -13.52 7.84
C ASN A 133 13.15 -14.32 7.44
N LYS A 134 13.00 -15.18 6.43
CA LYS A 134 14.10 -16.02 5.98
C LYS A 134 15.26 -15.17 5.48
N ILE A 135 14.95 -14.04 4.86
CA ILE A 135 15.98 -13.17 4.33
C ILE A 135 16.75 -12.47 5.45
N VAL A 136 16.05 -12.17 6.53
CA VAL A 136 16.71 -11.66 7.72
C VAL A 136 17.70 -12.71 8.24
N LYS A 137 17.33 -13.97 8.11
CA LYS A 137 18.19 -15.06 8.56
C LYS A 137 19.31 -15.32 7.55
N GLN A 138 19.10 -14.89 6.30
CA GLN A 138 20.16 -14.94 5.32
C GLN A 138 21.31 -14.09 5.82
N LYS A 139 20.93 -13.03 6.50
CA LYS A 139 21.88 -12.16 7.15
C LYS A 139 22.28 -12.73 8.51
N ALA A 140 21.29 -13.10 9.32
CA ALA A 140 21.53 -13.68 10.62
C ALA A 140 20.37 -14.58 11.04
N MET B 2 -4.31 -10.70 -4.45
CA MET B 2 -5.73 -10.57 -4.78
C MET B 2 -5.93 -10.01 -6.19
N GLU B 3 -7.19 -9.75 -6.54
CA GLU B 3 -7.53 -9.28 -7.88
C GLU B 3 -7.43 -7.75 -7.97
N GLU B 4 -7.83 -7.08 -6.91
CA GLU B 4 -7.74 -5.62 -6.86
C GLU B 4 -6.32 -5.20 -6.57
N VAL B 5 -5.91 -4.08 -7.16
CA VAL B 5 -4.62 -3.50 -6.87
C VAL B 5 -4.54 -3.06 -5.41
N ASP B 6 -5.71 -2.79 -4.83
CA ASP B 6 -5.83 -2.48 -3.41
C ASP B 6 -7.30 -2.56 -3.01
N THR A 10 -15.27 20.13 7.95
CA THR A 10 -16.16 19.44 7.04
C THR A 10 -16.19 17.94 7.36
N ASP A 11 -17.36 17.34 7.21
CA ASP A 11 -17.51 15.89 7.30
C ASP A 11 -16.83 15.25 6.09
N PRO A 12 -16.86 13.91 5.94
CA PRO A 12 -16.48 13.29 4.69
C PRO A 12 -17.22 13.95 3.54
N PRO A 13 -16.51 14.27 2.45
CA PRO A 13 -17.15 14.77 1.26
C PRO A 13 -18.28 13.86 0.85
N ALA A 14 -19.21 14.40 0.11
CA ALA A 14 -20.42 13.67 -0.19
C ALA A 14 -20.20 12.56 -1.22
N ASP A 15 -21.28 11.89 -1.54
CA ASP A 15 -21.38 10.83 -2.55
C ASP A 15 -20.54 11.15 -3.78
N GLY A 16 -21.18 11.63 -4.86
CA GLY A 16 -20.48 11.98 -6.10
C GLY A 16 -19.00 12.30 -5.94
N ALA A 17 -18.65 13.16 -4.99
CA ALA A 17 -17.24 13.45 -4.69
C ALA A 17 -16.48 12.19 -4.29
N LEU A 18 -16.98 11.51 -3.26
CA LEU A 18 -16.36 10.29 -2.74
C LEU A 18 -16.31 9.18 -3.79
N LYS A 19 -17.42 8.96 -4.48
CA LYS A 19 -17.50 7.91 -5.48
C LYS A 19 -16.60 8.26 -6.65
N ARG A 20 -16.36 9.55 -6.85
CA ARG A 20 -15.49 9.99 -7.92
C ARG A 20 -14.05 9.68 -7.56
N ALA A 21 -13.75 9.74 -6.27
CA ALA A 21 -12.46 9.32 -5.80
C ALA A 21 -12.27 7.84 -6.12
N GLU A 22 -13.34 7.09 -5.90
CA GLU A 22 -13.43 5.70 -6.32
C GLU A 22 -13.28 5.56 -7.82
N GLU A 23 -13.83 6.52 -8.56
CA GLU A 23 -13.78 6.51 -10.02
C GLU A 23 -12.37 6.73 -10.50
N LEU A 24 -11.63 7.54 -9.79
CA LEU A 24 -10.26 7.82 -10.14
C LEU A 24 -9.38 6.66 -9.74
N LYS A 25 -9.80 5.94 -8.71
CA LYS A 25 -9.16 4.69 -8.35
C LYS A 25 -9.44 3.66 -9.44
N THR A 26 -10.64 3.72 -9.98
CA THR A 26 -11.06 2.87 -11.07
C THR A 26 -10.31 3.22 -12.34
N GLN A 27 -10.28 4.51 -12.66
CA GLN A 27 -9.49 5.01 -13.78
C GLN A 27 -8.03 4.62 -13.65
N ALA A 28 -7.47 4.85 -12.48
CA ALA A 28 -6.08 4.54 -12.24
C ALA A 28 -5.82 3.04 -12.27
N ASN A 29 -6.87 2.26 -12.02
CA ASN A 29 -6.79 0.80 -12.19
C ASN A 29 -6.58 0.48 -13.67
N ASP A 30 -7.24 1.25 -14.52
CA ASP A 30 -7.12 1.08 -15.97
C ASP A 30 -5.71 1.42 -16.41
N TYR A 31 -5.14 2.44 -15.79
CA TYR A 31 -3.78 2.84 -16.09
C TYR A 31 -2.78 1.90 -15.44
N PHE A 32 -3.10 1.39 -14.26
CA PHE A 32 -2.27 0.41 -13.58
C PHE A 32 -2.13 -0.84 -14.44
N LYS A 33 -3.26 -1.35 -14.92
CA LYS A 33 -3.27 -2.53 -15.77
C LYS A 33 -2.72 -2.19 -17.15
N ALA A 34 -2.68 -0.90 -17.47
CA ALA A 34 -2.05 -0.42 -18.69
C ALA A 34 -0.54 -0.29 -18.48
N LYS A 35 -0.13 -0.36 -17.22
CA LYS A 35 1.27 -0.23 -16.81
C LYS A 35 1.74 1.23 -16.86
N ASP A 36 0.78 2.14 -16.89
CA ASP A 36 1.08 3.56 -16.78
C ASP A 36 0.82 4.01 -15.36
N TYR A 37 1.83 3.88 -14.52
CA TYR A 37 1.69 4.15 -13.10
C TYR A 37 1.75 5.64 -12.81
N GLU A 38 2.09 6.42 -13.81
CA GLU A 38 2.18 7.87 -13.64
C GLU A 38 0.82 8.48 -13.61
N ASN A 39 0.03 8.18 -14.63
CA ASN A 39 -1.30 8.69 -14.69
C ASN A 39 -2.12 8.04 -13.58
N ALA A 40 -1.81 6.79 -13.28
CA ALA A 40 -2.42 6.10 -12.15
C ALA A 40 -2.15 6.88 -10.86
N ILE A 41 -0.88 7.17 -10.61
CA ILE A 41 -0.48 8.00 -9.46
C ILE A 41 -1.27 9.32 -9.43
N LYS A 42 -1.40 9.92 -10.60
CA LYS A 42 -2.14 11.17 -10.74
C LYS A 42 -3.58 11.01 -10.28
N PHE A 43 -4.27 10.00 -10.79
CA PHE A 43 -5.68 9.80 -10.46
C PHE A 43 -5.86 9.37 -9.01
N TYR A 44 -4.93 8.56 -8.50
CA TYR A 44 -4.99 8.18 -7.08
C TYR A 44 -4.82 9.41 -6.20
N SER A 45 -3.90 10.29 -6.57
CA SER A 45 -3.71 11.54 -5.85
C SER A 45 -4.96 12.39 -5.93
N GLN A 46 -5.57 12.42 -7.10
CA GLN A 46 -6.80 13.17 -7.32
C GLN A 46 -7.94 12.62 -6.47
N ALA A 47 -7.92 11.32 -6.20
CA ALA A 47 -8.88 10.70 -5.30
C ALA A 47 -8.68 11.23 -3.88
N ILE A 48 -7.44 11.56 -3.57
CA ILE A 48 -7.06 12.12 -2.26
C ILE A 48 -7.35 13.62 -2.24
N GLU A 49 -7.64 14.17 -3.40
CA GLU A 49 -8.09 15.54 -3.51
C GLU A 49 -9.59 15.60 -3.29
N LEU A 50 -10.25 14.48 -3.55
CA LEU A 50 -11.69 14.37 -3.36
C LEU A 50 -12.01 13.96 -1.93
N ASN A 51 -11.48 12.83 -1.48
CA ASN A 51 -11.58 12.49 -0.07
C ASN A 51 -10.16 12.58 0.49
N PRO A 52 -9.96 12.52 1.80
CA PRO A 52 -8.64 12.45 2.38
C PRO A 52 -8.26 11.07 2.95
N SER A 53 -8.95 10.68 4.00
CA SER A 53 -8.55 9.54 4.81
C SER A 53 -8.99 8.20 4.21
N ASN A 54 -8.30 7.78 3.15
CA ASN A 54 -8.48 6.44 2.61
C ASN A 54 -7.16 5.72 2.54
N ALA A 55 -6.98 4.74 3.41
CA ALA A 55 -5.76 3.94 3.43
C ALA A 55 -5.60 3.19 2.10
N ILE A 56 -6.72 3.06 1.40
CA ILE A 56 -6.73 2.45 0.08
C ILE A 56 -6.00 3.33 -0.93
N TYR A 57 -6.36 4.60 -0.99
CA TYR A 57 -5.83 5.49 -2.02
C TYR A 57 -4.34 5.73 -1.84
N TYR A 58 -3.90 5.90 -0.61
CA TYR A 58 -2.48 6.04 -0.33
C TYR A 58 -1.76 4.71 -0.56
N GLY A 59 -2.49 3.62 -0.38
CA GLY A 59 -1.94 2.31 -0.68
C GLY A 59 -1.78 2.12 -2.17
N ASN A 60 -2.78 2.57 -2.91
CA ASN A 60 -2.74 2.55 -4.36
C ASN A 60 -1.55 3.36 -4.86
N ARG A 61 -1.34 4.52 -4.27
CA ARG A 61 -0.20 5.37 -4.63
C ARG A 61 1.12 4.68 -4.32
N SER A 62 1.29 4.24 -3.08
CA SER A 62 2.52 3.58 -2.67
C SER A 62 2.82 2.37 -3.56
N LEU A 63 1.79 1.62 -3.92
CA LEU A 63 1.93 0.50 -4.83
C LEU A 63 2.37 0.98 -6.22
N ALA A 64 1.83 2.11 -6.65
CA ALA A 64 2.20 2.70 -7.93
C ALA A 64 3.65 3.19 -7.89
N TYR A 65 4.01 3.84 -6.79
CA TYR A 65 5.38 4.27 -6.55
C TYR A 65 6.30 3.04 -6.45
N LEU A 66 5.74 1.96 -5.93
CA LEU A 66 6.44 0.68 -5.84
C LEU A 66 6.76 0.13 -7.22
N ARG A 67 5.93 0.49 -8.20
CA ARG A 67 6.16 0.07 -9.58
C ARG A 67 7.17 1.00 -10.25
N THR A 68 7.16 2.26 -9.84
CA THR A 68 8.00 3.27 -10.47
C THR A 68 9.35 3.40 -9.77
N GLU A 69 9.68 2.40 -8.95
CA GLU A 69 10.99 2.33 -8.28
C GLU A 69 11.13 3.47 -7.27
N CYS A 70 10.01 4.03 -6.88
CA CYS A 70 9.94 5.17 -5.97
C CYS A 70 9.74 4.70 -4.53
N TYR A 71 10.35 3.58 -4.19
CA TYR A 71 10.15 2.93 -2.89
C TYR A 71 10.22 3.93 -1.71
N GLY A 72 11.06 4.96 -1.83
CA GLY A 72 11.09 5.99 -0.80
C GLY A 72 9.72 6.62 -0.60
N TYR A 73 9.10 7.03 -1.69
CA TYR A 73 7.73 7.54 -1.68
C TYR A 73 6.79 6.45 -1.19
N ALA A 74 6.95 5.26 -1.73
CA ALA A 74 6.10 4.12 -1.43
C ALA A 74 6.05 3.83 0.06
N LEU A 75 7.21 3.76 0.68
CA LEU A 75 7.32 3.44 2.10
C LEU A 75 6.62 4.52 2.94
N ASN A 76 6.79 5.78 2.55
CA ASN A 76 6.21 6.88 3.30
C ASN A 76 4.71 6.98 3.08
N ASP A 77 4.29 6.75 1.85
CA ASP A 77 2.89 6.88 1.50
C ASP A 77 2.08 5.68 2.01
N ALA A 78 2.72 4.51 2.05
CA ALA A 78 2.11 3.32 2.63
C ALA A 78 1.93 3.48 4.12
N THR A 79 2.92 4.10 4.76
CA THR A 79 2.83 4.44 6.17
C THR A 79 1.67 5.41 6.40
N ARG A 80 1.44 6.27 5.42
CA ARG A 80 0.37 7.25 5.50
C ARG A 80 -0.99 6.55 5.59
N ALA A 81 -1.13 5.45 4.85
CA ALA A 81 -2.34 4.64 4.92
C ALA A 81 -2.53 4.08 6.32
N ILE A 82 -1.46 3.57 6.91
CA ILE A 82 -1.50 3.05 8.27
C ILE A 82 -1.87 4.18 9.27
N GLU A 83 -1.69 5.42 8.85
CA GLU A 83 -2.09 6.55 9.67
C GLU A 83 -3.56 6.91 9.45
N LEU A 84 -4.08 6.57 8.27
CA LEU A 84 -5.47 6.83 7.94
C LEU A 84 -6.35 5.68 8.41
N ASP A 85 -5.80 4.48 8.36
CA ASP A 85 -6.45 3.31 8.86
C ASP A 85 -5.44 2.56 9.69
N LYS A 86 -5.43 2.88 10.98
CA LYS A 86 -4.36 2.48 11.87
C LYS A 86 -4.10 0.99 11.79
N LYS A 87 -5.14 0.18 11.92
CA LYS A 87 -4.96 -1.21 11.58
C LYS A 87 -5.60 -1.49 10.24
N TYR A 88 -4.77 -1.51 9.23
CA TYR A 88 -5.11 -2.01 7.92
C TYR A 88 -3.96 -2.88 7.46
N ILE A 89 -4.11 -4.16 7.66
CA ILE A 89 -3.02 -5.11 7.50
C ILE A 89 -2.48 -5.12 6.07
N LYS A 90 -3.35 -4.96 5.08
CA LYS A 90 -2.90 -4.82 3.70
C LYS A 90 -1.99 -3.60 3.55
N GLY A 91 -2.26 -2.58 4.35
CA GLY A 91 -1.44 -1.37 4.33
C GLY A 91 -0.08 -1.63 4.94
N TYR A 92 -0.06 -2.36 6.05
CA TYR A 92 1.19 -2.79 6.68
C TYR A 92 2.01 -3.62 5.70
N TYR A 93 1.33 -4.51 4.99
CA TYR A 93 1.95 -5.40 4.02
C TYR A 93 2.67 -4.59 2.93
N ARG A 94 2.07 -3.47 2.52
CA ARG A 94 2.68 -2.58 1.55
C ARG A 94 3.95 -1.97 2.11
N ARG A 95 3.86 -1.50 3.35
CA ARG A 95 4.98 -0.85 4.03
C ARG A 95 6.17 -1.82 4.13
N ALA A 96 5.86 -3.05 4.52
CA ALA A 96 6.88 -4.08 4.64
C ALA A 96 7.56 -4.32 3.30
N ALA A 97 6.77 -4.36 2.23
CA ALA A 97 7.30 -4.59 0.89
C ALA A 97 8.25 -3.47 0.49
N SER A 98 7.87 -2.23 0.80
CA SER A 98 8.70 -1.09 0.49
C SER A 98 10.00 -1.14 1.30
N ASN A 99 9.89 -1.59 2.55
CA ASN A 99 11.06 -1.75 3.40
C ASN A 99 11.99 -2.83 2.85
N MET A 100 11.41 -3.95 2.43
CA MET A 100 12.19 -5.02 1.80
C MET A 100 12.87 -4.52 0.53
N ALA A 101 12.15 -3.70 -0.22
CA ALA A 101 12.66 -3.14 -1.46
C ALA A 101 13.80 -2.16 -1.20
N LEU A 102 13.65 -1.33 -0.17
CA LEU A 102 14.67 -0.37 0.20
C LEU A 102 15.92 -1.06 0.75
N GLY A 103 15.70 -2.06 1.61
CA GLY A 103 16.80 -2.75 2.23
C GLY A 103 16.64 -2.85 3.73
N LYS A 104 15.59 -2.23 4.24
CA LYS A 104 15.29 -2.26 5.66
C LYS A 104 14.57 -3.56 6.01
N PHE A 105 15.29 -4.67 5.89
CA PHE A 105 14.72 -6.00 6.16
C PHE A 105 14.21 -6.08 7.59
N ARG A 106 14.97 -5.54 8.54
CA ARG A 106 14.58 -5.57 9.94
C ARG A 106 13.27 -4.82 10.14
N ALA A 107 13.16 -3.66 9.51
CA ALA A 107 11.96 -2.85 9.60
C ALA A 107 10.78 -3.58 8.97
N ALA A 108 11.02 -4.18 7.81
CA ALA A 108 10.00 -4.91 7.09
C ALA A 108 9.55 -6.12 7.89
N LEU A 109 10.49 -6.71 8.60
CA LEU A 109 10.21 -7.84 9.46
C LEU A 109 9.19 -7.45 10.51
N ARG A 110 9.34 -6.26 11.07
CA ARG A 110 8.44 -5.78 12.10
C ARG A 110 7.05 -5.56 11.51
N ASP A 111 7.02 -5.18 10.25
CA ASP A 111 5.76 -4.96 9.55
C ASP A 111 5.09 -6.30 9.28
N TYR A 112 5.83 -7.22 8.65
CA TYR A 112 5.33 -8.55 8.37
C TYR A 112 4.93 -9.27 9.65
N GLU A 113 5.74 -9.08 10.69
CA GLU A 113 5.50 -9.70 11.97
C GLU A 113 4.18 -9.23 12.53
N THR A 114 3.95 -7.93 12.47
CA THR A 114 2.69 -7.36 12.93
C THR A 114 1.52 -7.94 12.13
N VAL A 115 1.72 -8.08 10.83
CA VAL A 115 0.72 -8.69 9.96
C VAL A 115 0.40 -10.12 10.42
N VAL A 116 1.44 -10.88 10.72
CA VAL A 116 1.27 -12.27 11.10
C VAL A 116 0.84 -12.41 12.58
N LYS A 117 0.96 -11.32 13.33
CA LYS A 117 0.43 -11.28 14.69
C LYS A 117 -1.09 -11.20 14.64
N VAL A 118 -1.58 -10.48 13.64
CA VAL A 118 -3.01 -10.24 13.48
C VAL A 118 -3.70 -11.47 12.87
N LYS A 119 -3.09 -12.04 11.84
CA LYS A 119 -3.66 -13.21 11.19
C LYS A 119 -2.59 -14.27 10.91
N PRO A 120 -2.20 -15.01 11.96
CA PRO A 120 -1.20 -16.09 11.86
C PRO A 120 -1.71 -17.27 11.04
N HIS A 121 -3.02 -17.45 11.01
CA HIS A 121 -3.63 -18.52 10.22
C HIS A 121 -3.55 -18.20 8.73
N ASP A 122 -3.32 -16.94 8.42
CA ASP A 122 -3.35 -16.48 7.03
C ASP A 122 -2.00 -16.67 6.35
N LYS A 123 -2.00 -17.49 5.31
CA LYS A 123 -0.77 -17.85 4.60
C LYS A 123 -0.10 -16.66 3.92
N ASP A 124 -0.83 -15.57 3.76
CA ASP A 124 -0.29 -14.38 3.13
C ASP A 124 0.62 -13.65 4.12
N ALA A 125 0.15 -13.56 5.35
CA ALA A 125 0.92 -12.98 6.43
C ALA A 125 2.14 -13.82 6.73
N LYS A 126 1.92 -15.13 6.87
CA LYS A 126 2.99 -16.06 7.19
C LYS A 126 4.09 -15.95 6.16
N MET A 127 3.74 -16.22 4.91
CA MET A 127 4.70 -16.36 3.83
C MET A 127 5.76 -15.27 3.83
N LYS A 128 5.32 -14.02 3.76
CA LYS A 128 6.25 -12.90 3.67
C LYS A 128 6.98 -12.67 4.99
N TYR A 129 6.35 -13.04 6.10
CA TYR A 129 7.03 -12.99 7.38
C TYR A 129 8.14 -14.04 7.41
N GLN A 130 7.84 -15.22 6.90
CA GLN A 130 8.82 -16.31 6.85
C GLN A 130 9.95 -15.91 5.91
N GLU A 131 9.56 -15.24 4.84
CA GLU A 131 10.49 -14.70 3.86
C GLU A 131 11.44 -13.69 4.50
N CYS A 132 10.88 -12.71 5.20
CA CYS A 132 11.71 -11.69 5.83
C CYS A 132 12.51 -12.32 6.98
N ASN A 133 11.85 -13.16 7.75
CA ASN A 133 12.47 -13.81 8.91
C ASN A 133 13.73 -14.56 8.49
N LYS A 134 13.60 -15.40 7.46
CA LYS A 134 14.73 -16.17 6.98
C LYS A 134 15.82 -15.24 6.44
N ILE A 135 15.42 -14.17 5.77
CA ILE A 135 16.37 -13.24 5.18
C ILE A 135 17.15 -12.48 6.25
N VAL A 136 16.49 -12.15 7.34
CA VAL A 136 17.18 -11.57 8.48
C VAL A 136 18.27 -12.52 8.96
N LYS A 137 17.98 -13.80 8.92
CA LYS A 137 18.94 -14.82 9.34
C LYS A 137 20.01 -15.02 8.28
N GLN A 138 19.67 -14.74 7.03
CA GLN A 138 20.66 -14.78 5.96
C GLN A 138 21.75 -13.77 6.28
N LYS A 139 21.32 -12.70 6.92
CA LYS A 139 22.18 -11.57 7.22
C LYS A 139 22.93 -11.76 8.54
N ALA A 140 22.17 -11.85 9.63
CA ALA A 140 22.70 -11.83 10.98
C ALA A 140 23.24 -10.44 11.31
N MET B 2 -10.07 -9.88 -8.21
CA MET B 2 -10.16 -10.32 -6.82
C MET B 2 -9.49 -9.32 -5.88
N GLU B 3 -9.23 -8.12 -6.39
CA GLU B 3 -8.58 -7.04 -5.64
C GLU B 3 -8.22 -5.92 -6.60
N GLU B 4 -7.91 -6.32 -7.84
CA GLU B 4 -7.60 -5.38 -8.94
C GLU B 4 -6.25 -4.71 -8.72
N VAL B 5 -6.21 -3.74 -7.84
CA VAL B 5 -4.97 -3.06 -7.49
C VAL B 5 -4.75 -3.16 -6.00
N ASP B 6 -5.61 -2.48 -5.26
CA ASP B 6 -5.58 -2.49 -3.82
C ASP B 6 -6.86 -1.86 -3.30
N THR A 10 -17.46 20.68 6.79
CA THR A 10 -17.86 19.65 5.84
C THR A 10 -17.65 18.25 6.41
N ASP A 11 -18.67 17.42 6.27
CA ASP A 11 -18.59 16.01 6.65
C ASP A 11 -17.73 15.27 5.64
N PRO A 12 -17.53 13.94 5.76
CA PRO A 12 -16.93 13.17 4.70
C PRO A 12 -17.62 13.47 3.38
N PRO A 13 -16.85 13.69 2.31
CA PRO A 13 -17.41 13.99 1.00
C PRO A 13 -18.49 12.99 0.63
N ALA A 14 -19.42 13.40 -0.19
CA ALA A 14 -20.57 12.59 -0.47
C ALA A 14 -20.24 11.33 -1.24
N ASP A 15 -21.24 10.49 -1.34
CA ASP A 15 -21.28 9.27 -2.13
C ASP A 15 -20.58 9.45 -3.47
N GLY A 16 -21.34 9.66 -4.54
CA GLY A 16 -20.79 9.92 -5.87
C GLY A 16 -19.35 10.46 -5.90
N ALA A 17 -18.99 11.40 -5.01
CA ALA A 17 -17.61 11.90 -4.92
C ALA A 17 -16.67 10.85 -4.32
N LEU A 18 -17.08 10.26 -3.21
CA LEU A 18 -16.31 9.20 -2.55
C LEU A 18 -16.20 7.97 -3.45
N LYS A 19 -17.28 7.61 -4.10
CA LYS A 19 -17.27 6.48 -5.01
C LYS A 19 -16.47 6.86 -6.25
N ARG A 20 -16.33 8.17 -6.47
CA ARG A 20 -15.50 8.67 -7.56
C ARG A 20 -14.04 8.58 -7.17
N ALA A 21 -13.76 8.68 -5.88
CA ALA A 21 -12.43 8.39 -5.37
C ALA A 21 -12.11 6.93 -5.67
N GLU A 22 -13.08 6.08 -5.38
CA GLU A 22 -13.05 4.68 -5.78
C GLU A 22 -12.98 4.53 -7.30
N GLU A 23 -13.61 5.45 -8.02
CA GLU A 23 -13.62 5.42 -9.46
C GLU A 23 -12.24 5.71 -10.00
N LEU A 24 -11.63 6.75 -9.49
CA LEU A 24 -10.30 7.14 -9.89
C LEU A 24 -9.31 6.05 -9.54
N LYS A 25 -9.59 5.35 -8.45
CA LYS A 25 -8.81 4.18 -8.06
C LYS A 25 -8.93 3.12 -9.15
N THR A 26 -10.12 3.01 -9.70
CA THR A 26 -10.41 2.05 -10.75
C THR A 26 -9.84 2.52 -12.09
N GLN A 27 -9.99 3.81 -12.38
CA GLN A 27 -9.36 4.43 -13.55
C GLN A 27 -7.85 4.29 -13.50
N ALA A 28 -7.29 4.50 -12.32
CA ALA A 28 -5.86 4.36 -12.14
C ALA A 28 -5.44 2.90 -12.23
N ASN A 29 -6.37 2.00 -11.91
CA ASN A 29 -6.15 0.57 -12.12
C ASN A 29 -6.09 0.29 -13.62
N ASP A 30 -6.88 1.07 -14.37
CA ASP A 30 -6.89 0.99 -15.83
C ASP A 30 -5.56 1.47 -16.38
N TYR A 31 -5.07 2.58 -15.85
CA TYR A 31 -3.76 3.10 -16.21
C TYR A 31 -2.66 2.17 -15.74
N PHE A 32 -2.86 1.58 -14.57
CA PHE A 32 -1.96 0.60 -14.00
C PHE A 32 -1.72 -0.54 -14.98
N LYS A 33 -2.81 -1.12 -15.49
CA LYS A 33 -2.72 -2.21 -16.45
C LYS A 33 -2.37 -1.68 -17.83
N ALA A 34 -2.61 -0.39 -18.06
CA ALA A 34 -2.25 0.25 -19.32
C ALA A 34 -0.76 0.61 -19.31
N LYS A 35 -0.11 0.34 -18.18
CA LYS A 35 1.34 0.50 -18.02
C LYS A 35 1.73 1.97 -17.84
N ASP A 36 0.77 2.77 -17.42
CA ASP A 36 1.05 4.15 -17.08
C ASP A 36 0.85 4.35 -15.59
N TYR A 37 1.82 3.91 -14.81
CA TYR A 37 1.72 3.97 -13.36
C TYR A 37 1.82 5.40 -12.87
N GLU A 38 2.30 6.28 -13.73
CA GLU A 38 2.46 7.68 -13.39
C GLU A 38 1.14 8.40 -13.40
N ASN A 39 0.38 8.18 -14.45
CA ASN A 39 -0.92 8.80 -14.51
C ASN A 39 -1.80 8.17 -13.43
N ALA A 40 -1.54 6.90 -13.15
CA ALA A 40 -2.19 6.21 -12.05
C ALA A 40 -1.88 6.93 -10.74
N ILE A 41 -0.59 7.26 -10.54
CA ILE A 41 -0.16 8.06 -9.39
C ILE A 41 -1.02 9.31 -9.25
N LYS A 42 -1.29 9.96 -10.37
CA LYS A 42 -2.13 11.15 -10.40
C LYS A 42 -3.58 10.82 -9.99
N PHE A 43 -4.18 9.84 -10.65
CA PHE A 43 -5.58 9.48 -10.38
C PHE A 43 -5.76 9.03 -8.94
N TYR A 44 -4.73 8.40 -8.39
CA TYR A 44 -4.75 8.02 -6.98
C TYR A 44 -4.75 9.27 -6.10
N SER A 45 -3.94 10.24 -6.49
CA SER A 45 -3.85 11.50 -5.77
C SER A 45 -5.19 12.21 -5.84
N GLN A 46 -5.84 12.12 -7.00
CA GLN A 46 -7.13 12.72 -7.23
C GLN A 46 -8.19 12.10 -6.32
N ALA A 47 -8.03 10.84 -6.00
CA ALA A 47 -8.93 10.17 -5.06
C ALA A 47 -8.74 10.75 -3.66
N ILE A 48 -7.52 11.22 -3.40
CA ILE A 48 -7.17 11.86 -2.14
C ILE A 48 -7.54 13.35 -2.19
N GLU A 49 -7.96 13.79 -3.36
CA GLU A 49 -8.52 15.12 -3.52
C GLU A 49 -10.02 15.07 -3.26
N LEU A 50 -10.59 13.89 -3.48
CA LEU A 50 -12.00 13.66 -3.26
C LEU A 50 -12.26 13.30 -1.80
N ASN A 51 -11.61 12.27 -1.31
CA ASN A 51 -11.66 12.00 0.12
C ASN A 51 -10.26 12.28 0.65
N PRO A 52 -10.04 12.31 1.96
CA PRO A 52 -8.71 12.46 2.52
C PRO A 52 -8.12 11.19 3.14
N SER A 53 -8.48 10.92 4.39
CA SER A 53 -7.84 9.90 5.19
C SER A 53 -8.28 8.50 4.82
N ASN A 54 -7.80 8.01 3.70
CA ASN A 54 -7.96 6.61 3.33
C ASN A 54 -6.61 5.99 3.03
N ALA A 55 -6.18 5.10 3.93
CA ALA A 55 -4.93 4.39 3.75
C ALA A 55 -4.93 3.63 2.43
N ILE A 56 -6.12 3.31 1.96
CA ILE A 56 -6.33 2.69 0.66
C ILE A 56 -5.60 3.44 -0.44
N TYR A 57 -5.92 4.72 -0.59
CA TYR A 57 -5.42 5.51 -1.72
C TYR A 57 -3.96 5.86 -1.53
N TYR A 58 -3.53 6.00 -0.29
CA TYR A 58 -2.12 6.19 0.00
C TYR A 58 -1.35 4.91 -0.33
N GLY A 59 -1.92 3.77 0.03
CA GLY A 59 -1.34 2.50 -0.35
C GLY A 59 -1.34 2.31 -1.85
N ASN A 60 -2.43 2.75 -2.49
CA ASN A 60 -2.54 2.73 -3.95
C ASN A 60 -1.37 3.47 -4.58
N ARG A 61 -1.10 4.67 -4.11
CA ARG A 61 -0.05 5.49 -4.69
C ARG A 61 1.31 4.99 -4.25
N SER A 62 1.41 4.47 -3.03
CA SER A 62 2.62 3.82 -2.57
C SER A 62 2.97 2.67 -3.50
N LEU A 63 1.96 1.87 -3.84
CA LEU A 63 2.09 0.76 -4.78
C LEU A 63 2.46 1.28 -6.17
N ALA A 64 1.94 2.46 -6.52
CA ALA A 64 2.29 3.10 -7.78
C ALA A 64 3.76 3.50 -7.78
N TYR A 65 4.19 4.11 -6.68
CA TYR A 65 5.60 4.41 -6.47
C TYR A 65 6.44 3.14 -6.45
N LEU A 66 5.86 2.07 -5.92
CA LEU A 66 6.50 0.77 -5.87
C LEU A 66 6.69 0.20 -7.27
N ARG A 67 5.88 0.66 -8.22
CA ARG A 67 6.04 0.27 -9.61
C ARG A 67 7.05 1.18 -10.31
N THR A 68 7.17 2.40 -9.82
CA THR A 68 8.00 3.41 -10.46
C THR A 68 9.34 3.60 -9.76
N GLU A 69 9.74 2.59 -8.98
CA GLU A 69 11.03 2.59 -8.28
C GLU A 69 11.15 3.75 -7.29
N CYS A 70 10.02 4.32 -6.93
CA CYS A 70 9.95 5.48 -6.06
C CYS A 70 9.77 5.06 -4.61
N TYR A 71 10.40 3.96 -4.25
CA TYR A 71 10.25 3.35 -2.93
C TYR A 71 10.45 4.34 -1.80
N GLY A 72 11.24 5.40 -2.04
CA GLY A 72 11.37 6.45 -1.06
C GLY A 72 10.03 7.07 -0.72
N TYR A 73 9.32 7.52 -1.74
CA TYR A 73 7.96 8.04 -1.58
C TYR A 73 7.04 6.92 -1.10
N ALA A 74 7.19 5.75 -1.69
CA ALA A 74 6.34 4.60 -1.38
C ALA A 74 6.35 4.28 0.10
N LEU A 75 7.54 4.07 0.65
CA LEU A 75 7.71 3.72 2.05
C LEU A 75 7.18 4.82 2.95
N ASN A 76 7.45 6.07 2.58
CA ASN A 76 7.02 7.22 3.37
C ASN A 76 5.50 7.34 3.36
N ASP A 77 4.93 7.35 2.16
CA ASP A 77 3.49 7.52 1.98
C ASP A 77 2.72 6.37 2.61
N ALA A 78 3.30 5.17 2.57
CA ALA A 78 2.71 4.00 3.19
C ALA A 78 2.62 4.19 4.71
N THR A 79 3.66 4.76 5.29
CA THR A 79 3.67 5.06 6.72
C THR A 79 2.55 6.06 7.03
N ARG A 80 2.31 6.95 6.09
CA ARG A 80 1.23 7.92 6.21
C ARG A 80 -0.12 7.22 6.16
N ALA A 81 -0.16 6.06 5.49
CA ALA A 81 -1.39 5.27 5.46
C ALA A 81 -1.75 4.80 6.85
N ILE A 82 -0.78 4.27 7.61
CA ILE A 82 -1.02 3.91 9.00
C ILE A 82 -1.49 5.12 9.82
N GLU A 83 -1.05 6.30 9.42
CA GLU A 83 -1.46 7.53 10.10
C GLU A 83 -2.93 7.81 9.85
N LEU A 84 -3.42 7.36 8.71
CA LEU A 84 -4.82 7.51 8.34
C LEU A 84 -5.65 6.36 8.90
N ASP A 85 -5.18 5.16 8.61
CA ASP A 85 -5.83 3.94 9.01
C ASP A 85 -4.80 3.10 9.72
N LYS A 86 -4.74 3.27 11.02
CA LYS A 86 -3.73 2.65 11.84
C LYS A 86 -3.78 1.15 11.63
N LYS A 87 -4.98 0.59 11.53
CA LYS A 87 -5.10 -0.79 11.11
C LYS A 87 -5.61 -0.86 9.67
N TYR A 88 -4.67 -1.12 8.78
CA TYR A 88 -4.95 -1.47 7.41
C TYR A 88 -3.99 -2.59 7.04
N ILE A 89 -4.50 -3.81 6.95
CA ILE A 89 -3.66 -4.98 6.84
C ILE A 89 -2.84 -4.97 5.56
N LYS A 90 -3.48 -4.72 4.43
CA LYS A 90 -2.75 -4.64 3.17
C LYS A 90 -1.91 -3.35 3.14
N GLY A 91 -2.21 -2.45 4.07
CA GLY A 91 -1.43 -1.23 4.20
C GLY A 91 -0.06 -1.52 4.76
N TYR A 92 -0.04 -2.28 5.85
CA TYR A 92 1.21 -2.77 6.40
C TYR A 92 1.99 -3.52 5.33
N TYR A 93 1.24 -4.34 4.62
CA TYR A 93 1.76 -5.27 3.62
C TYR A 93 2.53 -4.53 2.52
N ARG A 94 1.96 -3.44 2.02
CA ARG A 94 2.60 -2.64 0.97
C ARG A 94 3.89 -2.00 1.47
N ARG A 95 3.83 -1.44 2.68
CA ARG A 95 4.96 -0.75 3.27
C ARG A 95 6.08 -1.72 3.60
N ALA A 96 5.69 -2.90 4.08
CA ALA A 96 6.65 -3.95 4.37
C ALA A 96 7.45 -4.28 3.10
N ALA A 97 6.75 -4.28 1.95
CA ALA A 97 7.40 -4.54 0.67
C ALA A 97 8.33 -3.40 0.29
N SER A 98 7.92 -2.17 0.61
CA SER A 98 8.77 -1.00 0.43
C SER A 98 10.07 -1.16 1.20
N ASN A 99 9.97 -1.65 2.44
CA ASN A 99 11.15 -1.88 3.27
C ASN A 99 11.99 -3.02 2.71
N MET A 100 11.34 -4.10 2.29
CA MET A 100 12.03 -5.24 1.68
C MET A 100 12.83 -4.78 0.46
N ALA A 101 12.22 -3.88 -0.31
CA ALA A 101 12.84 -3.37 -1.53
C ALA A 101 14.02 -2.44 -1.21
N LEU A 102 13.89 -1.67 -0.14
CA LEU A 102 14.93 -0.74 0.27
C LEU A 102 16.13 -1.48 0.85
N GLY A 103 15.86 -2.50 1.64
CA GLY A 103 16.93 -3.22 2.31
C GLY A 103 16.69 -3.31 3.80
N LYS A 104 15.66 -2.60 4.26
CA LYS A 104 15.29 -2.61 5.67
C LYS A 104 14.42 -3.81 5.97
N PHE A 105 15.04 -4.98 5.97
CA PHE A 105 14.32 -6.23 6.18
C PHE A 105 13.66 -6.28 7.55
N ARG A 106 14.35 -5.81 8.59
CA ARG A 106 13.78 -5.86 9.93
C ARG A 106 12.61 -4.90 10.03
N ALA A 107 12.69 -3.78 9.32
CA ALA A 107 11.59 -2.83 9.28
C ALA A 107 10.38 -3.46 8.59
N ALA A 108 10.66 -4.18 7.51
CA ALA A 108 9.64 -4.87 6.77
C ALA A 108 9.03 -5.97 7.62
N LEU A 109 9.89 -6.65 8.35
CA LEU A 109 9.47 -7.71 9.24
C LEU A 109 8.54 -7.18 10.30
N ARG A 110 8.75 -5.93 10.72
CA ARG A 110 7.86 -5.30 11.69
C ARG A 110 6.45 -5.20 11.13
N ASP A 111 6.37 -4.77 9.87
CA ASP A 111 5.09 -4.58 9.24
C ASP A 111 4.44 -5.91 8.89
N TYR A 112 5.23 -6.85 8.38
CA TYR A 112 4.74 -8.18 8.09
C TYR A 112 4.35 -8.92 9.38
N GLU A 113 5.13 -8.71 10.43
CA GLU A 113 4.85 -9.31 11.73
C GLU A 113 3.49 -8.85 12.21
N THR A 114 3.22 -7.56 12.08
CA THR A 114 1.96 -7.01 12.48
C THR A 114 0.80 -7.64 11.68
N VAL A 115 0.99 -7.77 10.37
CA VAL A 115 -0.01 -8.41 9.52
C VAL A 115 -0.33 -9.82 10.02
N VAL A 116 0.72 -10.57 10.31
CA VAL A 116 0.58 -11.97 10.71
C VAL A 116 0.16 -12.09 12.17
N LYS A 117 0.16 -10.98 12.90
CA LYS A 117 -0.34 -10.96 14.26
C LYS A 117 -1.84 -10.64 14.28
N VAL A 118 -2.32 -10.05 13.19
CA VAL A 118 -3.73 -9.77 13.05
C VAL A 118 -4.45 -10.98 12.47
N LYS A 119 -3.88 -11.57 11.43
CA LYS A 119 -4.44 -12.78 10.84
C LYS A 119 -3.34 -13.81 10.55
N PRO A 120 -2.97 -14.58 11.58
CA PRO A 120 -1.93 -15.61 11.47
C PRO A 120 -2.41 -16.87 10.75
N HIS A 121 -3.72 -16.99 10.59
CA HIS A 121 -4.30 -18.14 9.90
C HIS A 121 -4.44 -17.82 8.42
N ASP A 122 -4.02 -16.62 8.05
CA ASP A 122 -4.08 -16.17 6.68
C ASP A 122 -2.74 -16.38 5.98
N LYS A 123 -2.76 -17.17 4.92
CA LYS A 123 -1.56 -17.56 4.19
C LYS A 123 -0.81 -16.34 3.66
N ASP A 124 -1.54 -15.30 3.28
CA ASP A 124 -0.93 -14.09 2.70
C ASP A 124 -0.08 -13.39 3.74
N ALA A 125 -0.59 -13.35 4.96
CA ALA A 125 0.13 -12.77 6.08
C ALA A 125 1.35 -13.61 6.41
N LYS A 126 1.13 -14.91 6.58
CA LYS A 126 2.20 -15.84 6.90
C LYS A 126 3.31 -15.73 5.87
N MET A 127 2.96 -15.98 4.61
CA MET A 127 3.93 -16.14 3.53
C MET A 127 5.00 -15.07 3.54
N LYS A 128 4.61 -13.81 3.45
CA LYS A 128 5.57 -12.73 3.38
C LYS A 128 6.28 -12.50 4.71
N TYR A 129 5.61 -12.82 5.80
CA TYR A 129 6.26 -12.80 7.10
C TYR A 129 7.38 -13.83 7.14
N GLN A 130 7.09 -15.02 6.61
CA GLN A 130 8.06 -16.11 6.58
C GLN A 130 9.19 -15.75 5.64
N GLU A 131 8.83 -15.10 4.53
CA GLU A 131 9.77 -14.62 3.53
C GLU A 131 10.72 -13.60 4.13
N CYS A 132 10.18 -12.62 4.84
CA CYS A 132 11.00 -11.61 5.47
C CYS A 132 11.82 -12.22 6.60
N ASN A 133 11.15 -13.07 7.40
CA ASN A 133 11.79 -13.71 8.55
C ASN A 133 13.02 -14.49 8.13
N LYS A 134 12.85 -15.37 7.14
CA LYS A 134 13.95 -16.19 6.65
C LYS A 134 15.09 -15.30 6.16
N ILE A 135 14.75 -14.20 5.49
CA ILE A 135 15.76 -13.31 4.92
C ILE A 135 16.55 -12.60 6.01
N VAL A 136 15.91 -12.29 7.11
CA VAL A 136 16.61 -11.73 8.25
C VAL A 136 17.66 -12.72 8.74
N LYS A 137 17.33 -14.01 8.67
CA LYS A 137 18.23 -15.08 9.07
C LYS A 137 19.34 -15.25 8.04
N GLN A 138 19.04 -14.94 6.78
CA GLN A 138 20.04 -15.00 5.73
C GLN A 138 21.18 -14.08 6.08
N LYS A 139 20.80 -12.98 6.71
CA LYS A 139 21.75 -11.98 7.15
C LYS A 139 22.53 -12.49 8.35
N ALA A 140 21.85 -12.55 9.49
CA ALA A 140 22.46 -12.89 10.75
C ALA A 140 21.39 -13.13 11.81
N MET B 2 0.12 -7.79 -10.36
CA MET B 2 0.29 -9.02 -9.60
C MET B 2 -0.10 -8.81 -8.15
N GLU B 3 -0.16 -7.54 -7.75
CA GLU B 3 -0.55 -7.16 -6.41
C GLU B 3 -2.04 -6.86 -6.36
N GLU B 4 -2.66 -6.76 -7.55
CA GLU B 4 -4.10 -6.54 -7.69
C GLU B 4 -4.53 -5.19 -7.15
N VAL B 5 -3.57 -4.29 -6.94
CA VAL B 5 -3.84 -2.95 -6.40
C VAL B 5 -4.44 -3.07 -5.00
N ASP B 6 -4.88 -1.96 -4.42
CA ASP B 6 -5.45 -1.99 -3.08
C ASP B 6 -6.95 -1.77 -3.13
N THR A 10 -16.00 21.18 6.65
CA THR A 10 -16.77 20.38 5.71
C THR A 10 -16.87 18.93 6.20
N ASP A 11 -18.03 18.31 5.97
CA ASP A 11 -18.19 16.88 6.19
C ASP A 11 -17.42 16.14 5.11
N PRO A 12 -17.35 14.79 5.15
CA PRO A 12 -16.78 14.03 4.04
C PRO A 12 -17.38 14.50 2.72
N PRO A 13 -16.56 14.64 1.68
CA PRO A 13 -17.07 15.01 0.36
C PRO A 13 -18.23 14.11 -0.03
N ALA A 14 -19.13 14.62 -0.83
CA ALA A 14 -20.35 13.91 -1.12
C ALA A 14 -20.11 12.66 -1.94
N ASP A 15 -21.20 11.92 -2.15
CA ASP A 15 -21.28 10.74 -3.02
C ASP A 15 -20.46 10.93 -4.30
N GLY A 16 -21.12 11.26 -5.40
CA GLY A 16 -20.44 11.50 -6.69
C GLY A 16 -18.96 11.89 -6.57
N ALA A 17 -18.62 12.79 -5.64
CA ALA A 17 -17.22 13.14 -5.39
C ALA A 17 -16.43 11.94 -4.84
N LEU A 18 -16.91 11.39 -3.72
CA LEU A 18 -16.29 10.23 -3.08
C LEU A 18 -16.25 9.02 -3.99
N LYS A 19 -17.37 8.74 -4.65
CA LYS A 19 -17.47 7.58 -5.52
C LYS A 19 -16.54 7.77 -6.72
N ARG A 20 -16.26 9.02 -7.05
CA ARG A 20 -15.35 9.33 -8.13
C ARG A 20 -13.92 9.10 -7.68
N ALA A 21 -13.64 9.37 -6.42
CA ALA A 21 -12.34 9.06 -5.85
C ALA A 21 -12.15 7.56 -5.87
N GLU A 22 -13.25 6.85 -5.67
CA GLU A 22 -13.26 5.40 -5.73
C GLU A 22 -13.14 4.95 -7.18
N GLU A 23 -13.67 5.77 -8.10
CA GLU A 23 -13.55 5.51 -9.51
C GLU A 23 -12.12 5.65 -9.95
N LEU A 24 -11.50 6.74 -9.53
CA LEU A 24 -10.12 7.02 -9.90
C LEU A 24 -9.19 5.94 -9.40
N LYS A 25 -9.54 5.32 -8.28
CA LYS A 25 -8.79 4.18 -7.77
C LYS A 25 -8.95 3.02 -8.74
N THR A 26 -10.16 2.87 -9.27
CA THR A 26 -10.46 1.83 -10.24
C THR A 26 -9.74 2.12 -11.55
N GLN A 27 -9.90 3.35 -12.05
CA GLN A 27 -9.18 3.81 -13.24
C GLN A 27 -7.68 3.57 -13.10
N ALA A 28 -7.14 3.91 -11.94
CA ALA A 28 -5.70 3.75 -11.69
C ALA A 28 -5.30 2.28 -11.66
N ASN A 29 -6.20 1.42 -11.24
CA ASN A 29 -5.97 -0.02 -11.28
C ASN A 29 -6.05 -0.51 -12.71
N ASP A 30 -6.77 0.23 -13.54
CA ASP A 30 -6.85 -0.04 -14.97
C ASP A 30 -5.58 0.45 -15.64
N TYR A 31 -4.95 1.46 -15.05
CA TYR A 31 -3.64 1.90 -15.50
C TYR A 31 -2.56 0.94 -14.97
N PHE A 32 -2.89 0.23 -13.90
CA PHE A 32 -2.04 -0.86 -13.44
C PHE A 32 -2.09 -2.00 -14.46
N LYS A 33 -3.31 -2.29 -14.93
CA LYS A 33 -3.51 -3.23 -16.01
C LYS A 33 -2.85 -2.73 -17.28
N ALA A 34 -2.97 -1.43 -17.52
CA ALA A 34 -2.38 -0.79 -18.69
C ALA A 34 -0.86 -0.68 -18.54
N LYS A 35 -0.37 -0.94 -17.33
CA LYS A 35 1.05 -0.93 -17.01
C LYS A 35 1.64 0.47 -17.06
N ASP A 36 0.78 1.46 -16.88
CA ASP A 36 1.19 2.84 -16.73
C ASP A 36 1.02 3.23 -15.26
N TYR A 37 2.04 2.96 -14.47
CA TYR A 37 1.98 3.18 -13.05
C TYR A 37 2.09 4.66 -12.70
N GLU A 38 2.56 5.45 -13.65
CA GLU A 38 2.75 6.88 -13.42
C GLU A 38 1.45 7.63 -13.53
N ASN A 39 0.73 7.39 -14.61
CA ASN A 39 -0.55 8.02 -14.75
C ASN A 39 -1.48 7.51 -13.67
N ALA A 40 -1.29 6.26 -13.28
CA ALA A 40 -2.03 5.69 -12.16
C ALA A 40 -1.74 6.46 -10.88
N ILE A 41 -0.45 6.75 -10.64
CA ILE A 41 -0.01 7.61 -9.54
C ILE A 41 -0.86 8.87 -9.48
N LYS A 42 -1.03 9.47 -10.65
CA LYS A 42 -1.80 10.69 -10.80
C LYS A 42 -3.25 10.49 -10.38
N PHE A 43 -3.87 9.42 -10.84
CA PHE A 43 -5.28 9.16 -10.54
C PHE A 43 -5.49 8.83 -9.06
N TYR A 44 -4.49 8.24 -8.43
CA TYR A 44 -4.54 8.01 -6.99
C TYR A 44 -4.55 9.33 -6.25
N SER A 45 -3.64 10.22 -6.64
CA SER A 45 -3.54 11.54 -6.03
C SER A 45 -4.84 12.31 -6.26
N GLN A 46 -5.38 12.16 -7.46
CA GLN A 46 -6.64 12.80 -7.82
C GLN A 46 -7.79 12.32 -6.92
N ALA A 47 -7.72 11.07 -6.50
CA ALA A 47 -8.71 10.52 -5.58
C ALA A 47 -8.59 11.20 -4.21
N ILE A 48 -7.38 11.60 -3.87
CA ILE A 48 -7.09 12.28 -2.61
C ILE A 48 -7.33 13.78 -2.77
N GLU A 49 -7.66 14.18 -3.97
CA GLU A 49 -8.11 15.53 -4.23
C GLU A 49 -9.61 15.59 -4.01
N LEU A 50 -10.26 14.46 -4.27
CA LEU A 50 -11.69 14.34 -4.09
C LEU A 50 -12.02 14.07 -2.62
N ASN A 51 -11.49 12.98 -2.08
CA ASN A 51 -11.61 12.72 -0.65
C ASN A 51 -10.25 13.05 -0.05
N PRO A 52 -10.08 13.07 1.27
CA PRO A 52 -8.76 13.19 1.86
C PRO A 52 -8.22 11.92 2.51
N SER A 53 -8.62 11.67 3.75
CA SER A 53 -8.04 10.60 4.54
C SER A 53 -8.60 9.23 4.17
N ASN A 54 -8.02 8.64 3.14
CA ASN A 54 -8.35 7.28 2.74
C ASN A 54 -7.11 6.42 2.71
N ALA A 55 -6.99 5.52 3.68
CA ALA A 55 -5.85 4.61 3.81
C ALA A 55 -5.56 3.90 2.50
N ILE A 56 -6.61 3.51 1.81
CA ILE A 56 -6.50 2.76 0.58
C ILE A 56 -5.86 3.57 -0.55
N TYR A 57 -6.26 4.83 -0.67
CA TYR A 57 -5.75 5.66 -1.76
C TYR A 57 -4.28 5.98 -1.53
N TYR A 58 -3.92 6.16 -0.27
CA TYR A 58 -2.53 6.38 0.11
C TYR A 58 -1.71 5.12 -0.10
N GLY A 59 -2.24 3.98 0.34
CA GLY A 59 -1.58 2.71 0.14
C GLY A 59 -1.46 2.35 -1.33
N ASN A 60 -2.45 2.79 -2.12
CA ASN A 60 -2.42 2.57 -3.56
C ASN A 60 -1.37 3.44 -4.21
N ARG A 61 -1.21 4.67 -3.73
CA ARG A 61 -0.11 5.52 -4.18
C ARG A 61 1.21 4.85 -3.86
N SER A 62 1.35 4.39 -2.62
CA SER A 62 2.54 3.66 -2.19
C SER A 62 2.86 2.52 -3.16
N LEU A 63 1.85 1.72 -3.47
CA LEU A 63 2.00 0.61 -4.41
C LEU A 63 2.49 1.11 -5.75
N ALA A 64 1.91 2.19 -6.26
CA ALA A 64 2.34 2.79 -7.51
C ALA A 64 3.81 3.17 -7.47
N TYR A 65 4.20 3.76 -6.36
CA TYR A 65 5.59 4.12 -6.15
C TYR A 65 6.45 2.87 -6.01
N LEU A 66 5.85 1.82 -5.49
CA LEU A 66 6.46 0.51 -5.39
C LEU A 66 6.53 -0.17 -6.76
N ARG A 67 5.71 0.32 -7.67
CA ARG A 67 5.68 -0.17 -9.04
C ARG A 67 6.78 0.50 -9.86
N THR A 68 7.02 1.76 -9.59
CA THR A 68 7.97 2.55 -10.38
C THR A 68 9.38 2.43 -9.81
N GLU A 69 9.69 3.25 -8.81
CA GLU A 69 11.03 3.30 -8.23
C GLU A 69 11.05 4.23 -7.02
N CYS A 70 9.90 4.42 -6.41
CA CYS A 70 9.73 5.44 -5.40
C CYS A 70 9.37 4.83 -4.06
N TYR A 71 9.93 3.65 -3.81
CA TYR A 71 9.66 2.89 -2.60
C TYR A 71 9.81 3.74 -1.33
N GLY A 72 10.72 4.70 -1.36
CA GLY A 72 10.89 5.61 -0.23
C GLY A 72 9.66 6.49 -0.05
N TYR A 73 9.20 7.10 -1.13
CA TYR A 73 8.00 7.91 -1.11
C TYR A 73 6.81 7.03 -0.77
N ALA A 74 6.87 5.79 -1.24
CA ALA A 74 5.84 4.80 -0.95
C ALA A 74 5.69 4.60 0.54
N LEU A 75 6.80 4.29 1.21
CA LEU A 75 6.78 4.08 2.65
C LEU A 75 6.39 5.37 3.36
N ASN A 76 6.83 6.50 2.83
CA ASN A 76 6.47 7.80 3.37
C ASN A 76 4.94 7.97 3.42
N ASP A 77 4.29 7.76 2.29
CA ASP A 77 2.85 7.92 2.21
C ASP A 77 2.13 6.71 2.78
N ALA A 78 2.84 5.59 2.88
CA ALA A 78 2.29 4.41 3.52
C ALA A 78 2.30 4.57 5.03
N THR A 79 3.27 5.34 5.53
CA THR A 79 3.29 5.73 6.93
C THR A 79 2.10 6.64 7.20
N ARG A 80 1.77 7.47 6.22
CA ARG A 80 0.59 8.30 6.29
C ARG A 80 -0.64 7.43 6.31
N ALA A 81 -0.61 6.39 5.49
CA ALA A 81 -1.64 5.39 5.50
C ALA A 81 -1.83 4.85 6.92
N ILE A 82 -0.75 4.46 7.62
CA ILE A 82 -0.87 4.04 9.03
C ILE A 82 -1.65 5.07 9.87
N GLU A 83 -1.46 6.34 9.57
CA GLU A 83 -2.14 7.40 10.31
C GLU A 83 -3.64 7.39 9.99
N LEU A 84 -3.96 6.82 8.84
CA LEU A 84 -5.35 6.70 8.39
C LEU A 84 -5.93 5.33 8.78
N ASP A 85 -5.08 4.31 8.71
CA ASP A 85 -5.41 2.96 9.10
C ASP A 85 -4.45 2.54 10.19
N LYS A 86 -4.84 2.76 11.42
CA LYS A 86 -3.96 2.48 12.51
C LYS A 86 -3.70 0.98 12.57
N LYS A 87 -4.75 0.17 12.47
CA LYS A 87 -4.58 -1.25 12.22
C LYS A 87 -5.27 -1.65 10.92
N TYR A 88 -4.48 -1.82 9.89
CA TYR A 88 -4.94 -2.40 8.64
C TYR A 88 -3.88 -3.36 8.14
N ILE A 89 -4.17 -4.65 8.16
CA ILE A 89 -3.19 -5.67 7.77
C ILE A 89 -2.69 -5.43 6.35
N LYS A 90 -3.60 -5.28 5.41
CA LYS A 90 -3.24 -5.03 4.01
C LYS A 90 -2.54 -3.68 3.88
N GLY A 91 -2.74 -2.82 4.88
CA GLY A 91 -2.08 -1.54 4.91
C GLY A 91 -0.62 -1.71 5.30
N TYR A 92 -0.39 -2.20 6.52
CA TYR A 92 0.96 -2.54 6.97
C TYR A 92 1.68 -3.34 5.89
N TYR A 93 0.92 -4.22 5.27
CA TYR A 93 1.43 -5.16 4.27
C TYR A 93 2.14 -4.42 3.14
N ARG A 94 1.48 -3.44 2.56
CA ARG A 94 2.04 -2.70 1.44
C ARG A 94 3.23 -1.85 1.86
N ARG A 95 3.19 -1.32 3.08
CA ARG A 95 4.28 -0.48 3.56
C ARG A 95 5.46 -1.32 4.02
N ALA A 96 5.17 -2.53 4.49
CA ALA A 96 6.20 -3.50 4.79
C ALA A 96 7.00 -3.80 3.53
N ALA A 97 6.29 -3.82 2.41
CA ALA A 97 6.91 -4.06 1.11
C ALA A 97 7.77 -2.87 0.72
N SER A 98 7.36 -1.68 1.12
CA SER A 98 8.13 -0.48 0.85
C SER A 98 9.46 -0.53 1.58
N ASN A 99 9.43 -0.90 2.85
CA ASN A 99 10.65 -1.07 3.63
C ASN A 99 11.49 -2.21 3.06
N MET A 100 10.80 -3.29 2.70
CA MET A 100 11.44 -4.47 2.13
C MET A 100 12.20 -4.11 0.85
N ALA A 101 11.55 -3.31 0.00
CA ALA A 101 12.12 -2.89 -1.27
C ALA A 101 13.30 -1.94 -1.06
N LEU A 102 13.22 -1.10 -0.03
CA LEU A 102 14.27 -0.14 0.27
C LEU A 102 15.53 -0.84 0.76
N GLY A 103 15.36 -2.01 1.36
CA GLY A 103 16.49 -2.73 1.91
C GLY A 103 16.36 -2.92 3.40
N LYS A 104 15.34 -2.29 3.97
CA LYS A 104 15.07 -2.40 5.40
C LYS A 104 14.32 -3.70 5.69
N PHE A 105 15.02 -4.82 5.56
CA PHE A 105 14.41 -6.12 5.79
C PHE A 105 14.00 -6.28 7.24
N ARG A 106 14.75 -5.68 8.15
CA ARG A 106 14.40 -5.77 9.57
C ARG A 106 13.08 -5.03 9.81
N ALA A 107 12.96 -3.84 9.22
CA ALA A 107 11.76 -3.03 9.35
C ALA A 107 10.57 -3.73 8.69
N ALA A 108 10.81 -4.24 7.49
CA ALA A 108 9.79 -4.97 6.75
C ALA A 108 9.32 -6.16 7.55
N LEU A 109 10.28 -6.82 8.18
CA LEU A 109 9.99 -8.00 8.99
C LEU A 109 9.04 -7.66 10.13
N ARG A 110 9.22 -6.50 10.73
CA ARG A 110 8.40 -6.09 11.87
C ARG A 110 6.97 -5.82 11.44
N ASP A 111 6.81 -5.28 10.24
CA ASP A 111 5.49 -5.02 9.70
C ASP A 111 4.83 -6.30 9.23
N TYR A 112 5.59 -7.13 8.49
CA TYR A 112 5.11 -8.44 8.07
C TYR A 112 4.81 -9.32 9.28
N GLU A 113 5.63 -9.20 10.31
CA GLU A 113 5.45 -9.95 11.52
C GLU A 113 4.10 -9.64 12.13
N THR A 114 3.79 -8.36 12.22
CA THR A 114 2.51 -7.94 12.75
C THR A 114 1.36 -8.51 11.92
N VAL A 115 1.49 -8.39 10.61
CA VAL A 115 0.50 -8.93 9.68
C VAL A 115 0.28 -10.43 9.92
N VAL A 116 1.38 -11.15 10.10
CA VAL A 116 1.32 -12.59 10.29
C VAL A 116 0.98 -12.96 11.73
N LYS A 117 0.90 -11.97 12.60
CA LYS A 117 0.47 -12.20 13.98
C LYS A 117 -1.03 -11.96 14.13
N VAL A 118 -1.60 -11.29 13.14
CA VAL A 118 -3.04 -11.05 13.12
C VAL A 118 -3.75 -12.15 12.32
N LYS A 119 -3.16 -12.55 11.20
CA LYS A 119 -3.63 -13.72 10.48
C LYS A 119 -2.45 -14.65 10.15
N PRO A 120 -2.06 -15.47 11.15
CA PRO A 120 -0.84 -16.29 11.08
C PRO A 120 -0.94 -17.46 10.12
N HIS A 121 -2.14 -17.90 9.82
CA HIS A 121 -2.33 -19.05 8.96
C HIS A 121 -2.79 -18.60 7.59
N ASP A 122 -2.69 -17.30 7.37
CA ASP A 122 -3.07 -16.70 6.10
C ASP A 122 -1.85 -16.54 5.20
N LYS A 123 -1.88 -17.23 4.07
CA LYS A 123 -0.75 -17.26 3.12
C LYS A 123 -0.30 -15.86 2.70
N ASP A 124 -1.23 -14.92 2.66
CA ASP A 124 -0.92 -13.54 2.27
C ASP A 124 0.10 -12.96 3.24
N ALA A 125 -0.13 -13.18 4.52
CA ALA A 125 0.82 -12.74 5.54
C ALA A 125 2.09 -13.56 5.48
N LYS A 126 1.90 -14.88 5.53
CA LYS A 126 3.02 -15.81 5.58
C LYS A 126 3.98 -15.56 4.44
N MET A 127 3.47 -15.58 3.21
CA MET A 127 4.31 -15.51 2.01
C MET A 127 5.40 -14.45 2.12
N LYS A 128 5.00 -13.24 2.46
CA LYS A 128 5.94 -12.13 2.55
C LYS A 128 6.67 -12.13 3.90
N TYR A 129 5.99 -12.61 4.94
CA TYR A 129 6.62 -12.74 6.25
C TYR A 129 7.83 -13.65 6.17
N GLN A 130 7.63 -14.82 5.61
CA GLN A 130 8.67 -15.84 5.53
C GLN A 130 9.70 -15.45 4.49
N GLU A 131 9.24 -14.69 3.50
CA GLU A 131 10.12 -14.14 2.49
C GLU A 131 11.13 -13.20 3.13
N CYS A 132 10.62 -12.32 3.97
CA CYS A 132 11.47 -11.39 4.70
C CYS A 132 12.25 -12.14 5.77
N ASN A 133 11.57 -13.05 6.45
CA ASN A 133 12.15 -13.85 7.52
C ASN A 133 13.40 -14.57 7.04
N LYS A 134 13.27 -15.30 5.93
CA LYS A 134 14.41 -16.02 5.38
C LYS A 134 15.50 -15.05 4.96
N ILE A 135 15.11 -13.93 4.35
CA ILE A 135 16.08 -12.94 3.88
C ILE A 135 16.84 -12.31 5.02
N VAL A 136 16.16 -12.12 6.14
CA VAL A 136 16.82 -11.65 7.35
C VAL A 136 17.87 -12.67 7.79
N LYS A 137 17.60 -13.94 7.56
CA LYS A 137 18.54 -15.01 7.92
C LYS A 137 19.64 -15.12 6.90
N GLN A 138 19.36 -14.70 5.67
CA GLN A 138 20.38 -14.64 4.64
C GLN A 138 21.48 -13.73 5.13
N LYS A 139 21.06 -12.69 5.81
CA LYS A 139 21.96 -11.71 6.40
C LYS A 139 22.47 -12.19 7.74
N ALA A 140 21.56 -12.60 8.60
CA ALA A 140 21.86 -13.06 9.96
C ALA A 140 22.40 -11.91 10.80
N MET B 2 -3.42 -12.90 -8.90
CA MET B 2 -2.08 -12.36 -9.21
C MET B 2 -1.64 -11.26 -8.24
N GLU B 3 -2.39 -11.11 -7.14
CA GLU B 3 -2.13 -10.07 -6.13
C GLU B 3 -2.26 -8.68 -6.74
N GLU B 4 -3.45 -8.09 -6.59
CA GLU B 4 -3.75 -6.80 -7.19
C GLU B 4 -3.23 -5.64 -6.35
N VAL B 5 -3.60 -4.43 -6.75
CA VAL B 5 -3.13 -3.20 -6.12
C VAL B 5 -3.52 -3.14 -4.65
N ASP B 6 -4.81 -3.25 -4.38
CA ASP B 6 -5.32 -3.21 -3.03
C ASP B 6 -5.94 -4.55 -2.66
N THR A 10 -15.16 19.13 7.35
CA THR A 10 -16.51 18.61 7.25
C THR A 10 -16.50 17.09 7.45
N ASP A 11 -17.65 16.47 7.24
CA ASP A 11 -17.78 15.01 7.26
C ASP A 11 -16.98 14.43 6.11
N PRO A 12 -16.98 13.10 5.92
CA PRO A 12 -16.50 12.52 4.68
C PRO A 12 -17.15 13.23 3.51
N PRO A 13 -16.38 13.57 2.48
CA PRO A 13 -16.93 14.16 1.27
C PRO A 13 -18.09 13.33 0.77
N ALA A 14 -18.96 13.95 0.02
CA ALA A 14 -20.21 13.33 -0.35
C ALA A 14 -20.00 12.15 -1.29
N ASP A 15 -21.12 11.51 -1.59
CA ASP A 15 -21.24 10.38 -2.53
C ASP A 15 -20.34 10.56 -3.75
N GLY A 16 -20.92 10.99 -4.88
CA GLY A 16 -20.16 11.25 -6.09
C GLY A 16 -18.68 11.53 -5.89
N ALA A 17 -18.33 12.42 -4.97
CA ALA A 17 -16.92 12.69 -4.64
C ALA A 17 -16.21 11.43 -4.14
N LEU A 18 -16.75 10.83 -3.08
CA LEU A 18 -16.20 9.63 -2.47
C LEU A 18 -16.07 8.49 -3.47
N LYS A 19 -17.15 8.20 -4.16
CA LYS A 19 -17.19 7.07 -5.08
C LYS A 19 -16.31 7.37 -6.29
N ARG A 20 -16.15 8.65 -6.63
CA ARG A 20 -15.30 9.04 -7.74
C ARG A 20 -13.86 8.79 -7.38
N ALA A 21 -13.53 9.00 -6.12
CA ALA A 21 -12.21 8.70 -5.63
C ALA A 21 -11.95 7.20 -5.77
N GLU A 22 -13.01 6.43 -5.56
CA GLU A 22 -12.96 4.99 -5.75
C GLU A 22 -12.88 4.65 -7.23
N GLU A 23 -13.50 5.51 -8.05
CA GLU A 23 -13.49 5.33 -9.50
C GLU A 23 -12.11 5.61 -10.07
N LEU A 24 -11.51 6.68 -9.60
CA LEU A 24 -10.19 7.06 -10.04
C LEU A 24 -9.19 5.98 -9.66
N LYS A 25 -9.43 5.33 -8.54
CA LYS A 25 -8.65 4.16 -8.14
C LYS A 25 -8.83 3.06 -9.18
N THR A 26 -10.06 2.93 -9.66
CA THR A 26 -10.43 1.91 -10.62
C THR A 26 -9.83 2.24 -12.00
N GLN A 27 -9.99 3.49 -12.42
CA GLN A 27 -9.32 3.98 -13.63
C GLN A 27 -7.81 3.84 -13.51
N ALA A 28 -7.29 4.05 -12.32
CA ALA A 28 -5.87 3.91 -12.09
C ALA A 28 -5.46 2.44 -12.16
N ASN A 29 -6.39 1.54 -11.87
CA ASN A 29 -6.16 0.11 -12.08
C ASN A 29 -6.04 -0.15 -13.57
N ASP A 30 -6.80 0.61 -14.35
CA ASP A 30 -6.74 0.53 -15.81
C ASP A 30 -5.37 0.97 -16.30
N TYR A 31 -4.84 2.01 -15.69
CA TYR A 31 -3.51 2.49 -16.00
C TYR A 31 -2.45 1.52 -15.46
N PHE A 32 -2.73 0.94 -14.30
CA PHE A 32 -1.86 -0.05 -13.69
C PHE A 32 -1.60 -1.20 -14.66
N LYS A 33 -2.68 -1.77 -15.17
CA LYS A 33 -2.58 -2.87 -16.12
C LYS A 33 -2.17 -2.36 -17.49
N ALA A 34 -2.28 -1.04 -17.69
CA ALA A 34 -1.83 -0.42 -18.94
C ALA A 34 -0.32 -0.17 -18.89
N LYS A 35 0.25 -0.44 -17.71
CA LYS A 35 1.71 -0.33 -17.47
C LYS A 35 2.10 1.11 -17.19
N ASP A 36 1.10 1.96 -17.02
CA ASP A 36 1.34 3.36 -16.74
C ASP A 36 1.07 3.63 -15.26
N TYR A 37 2.04 3.28 -14.43
CA TYR A 37 1.89 3.41 -12.99
C TYR A 37 1.99 4.87 -12.57
N GLU A 38 2.55 5.70 -13.43
CA GLU A 38 2.71 7.11 -13.12
C GLU A 38 1.41 7.84 -13.23
N ASN A 39 0.67 7.55 -14.28
CA ASN A 39 -0.61 8.18 -14.40
C ASN A 39 -1.56 7.58 -13.38
N ALA A 40 -1.33 6.31 -13.05
CA ALA A 40 -2.05 5.68 -11.96
C ALA A 40 -1.82 6.44 -10.67
N ILE A 41 -0.55 6.78 -10.41
CA ILE A 41 -0.16 7.63 -9.28
C ILE A 41 -1.02 8.90 -9.25
N LYS A 42 -1.17 9.51 -10.41
CA LYS A 42 -2.00 10.70 -10.55
C LYS A 42 -3.45 10.43 -10.15
N PHE A 43 -4.06 9.43 -10.75
CA PHE A 43 -5.47 9.13 -10.49
C PHE A 43 -5.68 8.75 -9.03
N TYR A 44 -4.65 8.19 -8.43
CA TYR A 44 -4.69 7.87 -7.01
C TYR A 44 -4.63 9.15 -6.17
N SER A 45 -3.77 10.08 -6.57
CA SER A 45 -3.68 11.35 -5.86
C SER A 45 -4.99 12.11 -6.01
N GLN A 46 -5.61 11.96 -7.17
CA GLN A 46 -6.88 12.60 -7.46
C GLN A 46 -7.97 12.07 -6.53
N ALA A 47 -7.85 10.80 -6.17
CA ALA A 47 -8.76 10.20 -5.19
C ALA A 47 -8.57 10.87 -3.83
N ILE A 48 -7.33 11.27 -3.56
CA ILE A 48 -6.98 11.95 -2.33
C ILE A 48 -7.28 13.44 -2.45
N GLU A 49 -7.52 13.89 -3.66
CA GLU A 49 -8.03 15.23 -3.89
C GLU A 49 -9.54 15.27 -3.60
N LEU A 50 -10.20 14.14 -3.83
CA LEU A 50 -11.64 14.04 -3.61
C LEU A 50 -11.93 13.72 -2.15
N ASN A 51 -11.43 12.59 -1.67
CA ASN A 51 -11.51 12.28 -0.26
C ASN A 51 -10.14 12.64 0.32
N PRO A 52 -9.95 12.71 1.62
CA PRO A 52 -8.64 12.88 2.20
C PRO A 52 -8.09 11.64 2.90
N SER A 53 -8.54 11.42 4.13
CA SER A 53 -8.00 10.41 5.00
C SER A 53 -8.49 9.01 4.63
N ASN A 54 -7.99 8.49 3.51
CA ASN A 54 -8.32 7.14 3.11
C ASN A 54 -7.04 6.34 2.92
N ALA A 55 -6.81 5.42 3.84
CA ALA A 55 -5.64 4.56 3.81
C ALA A 55 -5.54 3.81 2.49
N ILE A 56 -6.69 3.47 1.92
CA ILE A 56 -6.74 2.77 0.65
C ILE A 56 -5.99 3.54 -0.43
N TYR A 57 -6.29 4.82 -0.56
CA TYR A 57 -5.76 5.62 -1.66
C TYR A 57 -4.28 5.90 -1.47
N TYR A 58 -3.84 5.97 -0.22
CA TYR A 58 -2.42 6.13 0.05
C TYR A 58 -1.68 4.81 -0.17
N GLY A 59 -2.34 3.70 0.14
CA GLY A 59 -1.79 2.40 -0.19
C GLY A 59 -1.69 2.22 -1.69
N ASN A 60 -2.73 2.68 -2.39
CA ASN A 60 -2.74 2.71 -3.85
C ASN A 60 -1.49 3.38 -4.38
N ARG A 61 -1.21 4.59 -3.89
CA ARG A 61 -0.03 5.32 -4.32
C ARG A 61 1.23 4.57 -3.93
N SER A 62 1.28 4.06 -2.71
CA SER A 62 2.42 3.29 -2.24
C SER A 62 2.79 2.20 -3.24
N LEU A 63 1.79 1.43 -3.65
CA LEU A 63 1.98 0.34 -4.61
C LEU A 63 2.40 0.89 -5.98
N ALA A 64 1.86 2.03 -6.37
CA ALA A 64 2.20 2.65 -7.64
C ALA A 64 3.64 3.15 -7.61
N TYR A 65 4.03 3.72 -6.48
CA TYR A 65 5.41 4.12 -6.26
C TYR A 65 6.31 2.89 -6.20
N LEU A 66 5.79 1.83 -5.60
CA LEU A 66 6.50 0.56 -5.51
C LEU A 66 6.78 -0.03 -6.89
N ARG A 67 5.85 0.17 -7.82
CA ARG A 67 6.03 -0.27 -9.20
C ARG A 67 7.07 0.59 -9.91
N THR A 68 7.09 1.87 -9.57
CA THR A 68 7.92 2.84 -10.24
C THR A 68 9.27 3.03 -9.53
N GLU A 69 9.52 2.19 -8.52
CA GLU A 69 10.78 2.23 -7.77
C GLU A 69 10.93 3.56 -7.02
N CYS A 70 9.80 4.09 -6.62
CA CYS A 70 9.71 5.35 -5.90
C CYS A 70 9.52 5.09 -4.41
N TYR A 71 10.16 4.03 -3.95
CA TYR A 71 9.99 3.51 -2.59
C TYR A 71 10.04 4.61 -1.51
N GLY A 72 10.76 5.68 -1.75
CA GLY A 72 10.79 6.79 -0.82
C GLY A 72 9.39 7.32 -0.53
N TYR A 73 8.65 7.61 -1.60
CA TYR A 73 7.27 8.08 -1.48
C TYR A 73 6.38 6.94 -1.00
N ALA A 74 6.67 5.74 -1.47
CA ALA A 74 5.90 4.55 -1.13
C ALA A 74 5.91 4.32 0.38
N LEU A 75 7.10 4.40 0.96
CA LEU A 75 7.27 4.21 2.39
C LEU A 75 6.53 5.30 3.16
N ASN A 76 6.55 6.52 2.63
CA ASN A 76 5.83 7.63 3.26
C ASN A 76 4.32 7.39 3.24
N ASP A 77 3.77 7.21 2.05
CA ASP A 77 2.32 7.05 1.88
C ASP A 77 1.79 5.84 2.66
N ALA A 78 2.56 4.77 2.67
CA ALA A 78 2.16 3.57 3.39
C ALA A 78 2.07 3.83 4.89
N THR A 79 3.07 4.51 5.44
CA THR A 79 3.07 4.87 6.84
C THR A 79 1.93 5.85 7.12
N ARG A 80 1.73 6.77 6.18
CA ARG A 80 0.65 7.75 6.27
C ARG A 80 -0.71 7.05 6.30
N ALA A 81 -0.85 5.94 5.59
CA ALA A 81 -2.09 5.18 5.61
C ALA A 81 -2.35 4.62 7.00
N ILE A 82 -1.30 4.12 7.64
CA ILE A 82 -1.41 3.65 9.02
C ILE A 82 -1.84 4.79 9.94
N GLU A 83 -1.52 6.01 9.56
CA GLU A 83 -1.93 7.19 10.31
C GLU A 83 -3.37 7.59 10.00
N LEU A 84 -3.86 7.13 8.85
CA LEU A 84 -5.22 7.41 8.43
C LEU A 84 -6.15 6.33 8.93
N ASP A 85 -5.63 5.10 8.97
CA ASP A 85 -6.36 3.97 9.45
C ASP A 85 -5.38 3.09 10.20
N LYS A 86 -5.41 3.19 11.51
CA LYS A 86 -4.42 2.55 12.35
C LYS A 86 -4.47 1.04 12.16
N LYS A 87 -5.63 0.51 11.78
CA LYS A 87 -5.65 -0.84 11.27
C LYS A 87 -5.93 -0.79 9.78
N TYR A 88 -4.85 -0.88 9.03
CA TYR A 88 -4.89 -1.07 7.60
C TYR A 88 -3.79 -2.06 7.26
N ILE A 89 -4.05 -3.32 7.56
CA ILE A 89 -3.06 -4.36 7.42
C ILE A 89 -2.54 -4.45 5.99
N LYS A 90 -3.44 -4.22 5.05
CA LYS A 90 -3.07 -4.12 3.64
C LYS A 90 -1.96 -3.08 3.46
N GLY A 91 -2.06 -1.99 4.23
CA GLY A 91 -1.09 -0.90 4.14
C GLY A 91 0.19 -1.21 4.89
N TYR A 92 0.06 -1.88 6.03
CA TYR A 92 1.24 -2.37 6.74
C TYR A 92 2.07 -3.24 5.80
N TYR A 93 1.37 -4.08 5.05
CA TYR A 93 1.97 -4.96 4.07
C TYR A 93 2.65 -4.15 2.95
N ARG A 94 2.04 -3.03 2.58
CA ARG A 94 2.62 -2.13 1.58
C ARG A 94 3.87 -1.44 2.15
N ARG A 95 3.78 -1.02 3.41
CA ARG A 95 4.89 -0.37 4.09
C ARG A 95 6.07 -1.33 4.21
N ALA A 96 5.75 -2.59 4.49
CA ALA A 96 6.74 -3.63 4.58
C ALA A 96 7.45 -3.82 3.25
N ALA A 97 6.69 -3.78 2.16
CA ALA A 97 7.26 -3.90 0.82
C ALA A 97 8.20 -2.73 0.53
N SER A 98 7.80 -1.55 1.00
CA SER A 98 8.63 -0.34 0.88
C SER A 98 9.96 -0.55 1.60
N ASN A 99 9.90 -0.99 2.85
CA ASN A 99 11.10 -1.27 3.63
C ASN A 99 11.92 -2.40 3.00
N MET A 100 11.22 -3.44 2.57
CA MET A 100 11.85 -4.60 1.94
C MET A 100 12.64 -4.19 0.70
N ALA A 101 12.01 -3.35 -0.11
CA ALA A 101 12.62 -2.87 -1.35
C ALA A 101 13.78 -1.92 -1.07
N LEU A 102 13.78 -1.31 0.11
CA LEU A 102 14.85 -0.40 0.51
C LEU A 102 16.01 -1.15 1.17
N GLY A 103 15.89 -2.48 1.24
CA GLY A 103 16.94 -3.28 1.85
C GLY A 103 16.78 -3.39 3.37
N LYS A 104 15.67 -2.88 3.86
CA LYS A 104 15.37 -2.92 5.29
C LYS A 104 14.55 -4.15 5.60
N PHE A 105 15.18 -5.32 5.53
CA PHE A 105 14.48 -6.59 5.70
C PHE A 105 13.95 -6.75 7.13
N ARG A 106 14.71 -6.30 8.11
CA ARG A 106 14.24 -6.36 9.50
C ARG A 106 13.12 -5.36 9.74
N ALA A 107 13.24 -4.20 9.11
CA ALA A 107 12.17 -3.21 9.16
C ALA A 107 10.91 -3.78 8.54
N ALA A 108 11.06 -4.31 7.33
CA ALA A 108 9.96 -4.97 6.64
C ALA A 108 9.40 -6.10 7.47
N LEU A 109 10.27 -6.74 8.24
CA LEU A 109 9.86 -7.85 9.07
C LEU A 109 8.87 -7.40 10.14
N ARG A 110 9.10 -6.23 10.73
CA ARG A 110 8.21 -5.74 11.79
C ARG A 110 6.83 -5.51 11.20
N ASP A 111 6.83 -4.91 10.02
CA ASP A 111 5.60 -4.56 9.34
C ASP A 111 4.85 -5.82 8.91
N TYR A 112 5.55 -6.71 8.23
CA TYR A 112 4.97 -8.00 7.81
C TYR A 112 4.56 -8.82 9.03
N GLU A 113 5.35 -8.75 10.08
CA GLU A 113 5.08 -9.46 11.31
C GLU A 113 3.72 -9.05 11.84
N THR A 114 3.51 -7.75 11.93
CA THR A 114 2.26 -7.22 12.42
C THR A 114 1.10 -7.66 11.52
N VAL A 115 1.36 -7.67 10.22
CA VAL A 115 0.39 -8.17 9.24
C VAL A 115 -0.03 -9.59 9.56
N VAL A 116 0.96 -10.45 9.76
CA VAL A 116 0.73 -11.88 9.96
C VAL A 116 0.25 -12.17 11.39
N LYS A 117 0.41 -11.20 12.28
CA LYS A 117 -0.06 -11.34 13.65
C LYS A 117 -1.53 -10.97 13.76
N VAL A 118 -2.00 -10.19 12.79
CA VAL A 118 -3.41 -9.83 12.73
C VAL A 118 -4.20 -10.87 11.95
N LYS A 119 -3.69 -11.25 10.77
CA LYS A 119 -4.30 -12.32 10.00
C LYS A 119 -3.30 -13.44 9.73
N PRO A 120 -3.13 -14.35 10.71
CA PRO A 120 -2.21 -15.48 10.61
C PRO A 120 -2.72 -16.60 9.69
N HIS A 121 -4.00 -16.57 9.38
CA HIS A 121 -4.58 -17.57 8.47
C HIS A 121 -4.46 -17.08 7.04
N ASP A 122 -3.88 -15.91 6.89
CA ASP A 122 -3.68 -15.31 5.58
C ASP A 122 -2.33 -15.72 5.01
N LYS A 123 -2.35 -16.54 3.98
CA LYS A 123 -1.14 -17.06 3.37
C LYS A 123 -0.33 -15.97 2.70
N ASP A 124 -0.97 -14.89 2.29
CA ASP A 124 -0.28 -13.77 1.67
C ASP A 124 0.56 -13.04 2.70
N ALA A 125 -0.03 -12.80 3.86
CA ALA A 125 0.67 -12.24 4.99
C ALA A 125 1.83 -13.15 5.37
N LYS A 126 1.52 -14.42 5.59
CA LYS A 126 2.53 -15.40 5.95
C LYS A 126 3.64 -15.41 4.92
N MET A 127 3.30 -15.78 3.68
CA MET A 127 4.28 -15.93 2.61
C MET A 127 5.36 -14.87 2.64
N LYS A 128 4.92 -13.62 2.59
CA LYS A 128 5.83 -12.49 2.50
C LYS A 128 6.52 -12.22 3.83
N TYR A 129 5.85 -12.58 4.93
CA TYR A 129 6.45 -12.51 6.26
C TYR A 129 7.61 -13.49 6.37
N GLN A 130 7.31 -14.76 6.09
CA GLN A 130 8.25 -15.84 6.29
C GLN A 130 9.41 -15.70 5.31
N GLU A 131 9.10 -15.09 4.19
CA GLU A 131 10.07 -14.85 3.14
C GLU A 131 11.11 -13.85 3.63
N CYS A 132 10.64 -12.76 4.22
CA CYS A 132 11.53 -11.76 4.75
C CYS A 132 12.18 -12.24 6.04
N ASN A 133 11.42 -13.03 6.80
CA ASN A 133 11.92 -13.63 8.03
C ASN A 133 13.16 -14.46 7.75
N LYS A 134 13.03 -15.41 6.83
CA LYS A 134 14.14 -16.25 6.45
C LYS A 134 15.28 -15.41 5.87
N ILE A 135 14.93 -14.35 5.15
CA ILE A 135 15.93 -13.49 4.52
C ILE A 135 16.79 -12.77 5.55
N VAL A 136 16.18 -12.38 6.67
CA VAL A 136 16.95 -11.84 7.77
C VAL A 136 17.94 -12.87 8.29
N LYS A 137 17.50 -14.13 8.30
CA LYS A 137 18.33 -15.23 8.76
C LYS A 137 19.34 -15.63 7.69
N GLN A 138 19.08 -15.21 6.45
CA GLN A 138 20.07 -15.40 5.39
C GLN A 138 21.27 -14.52 5.67
N LYS A 139 20.98 -13.34 6.19
CA LYS A 139 22.02 -12.39 6.55
C LYS A 139 22.74 -12.83 7.80
N ALA A 140 21.99 -13.06 8.88
CA ALA A 140 22.57 -13.46 10.14
C ALA A 140 21.62 -14.38 10.90
N MET B 2 -9.56 -9.73 -2.01
CA MET B 2 -9.65 -8.76 -3.10
C MET B 2 -8.47 -7.79 -3.10
N GLU B 3 -7.39 -8.20 -3.76
CA GLU B 3 -6.24 -7.32 -3.93
C GLU B 3 -6.33 -6.63 -5.28
N GLU B 4 -7.26 -5.69 -5.39
CA GLU B 4 -7.42 -4.86 -6.58
C GLU B 4 -6.40 -3.72 -6.53
N VAL B 5 -5.13 -4.10 -6.53
CA VAL B 5 -4.05 -3.19 -6.18
C VAL B 5 -4.10 -2.92 -4.68
N ASP B 6 -5.10 -2.17 -4.25
CA ASP B 6 -5.37 -1.98 -2.84
C ASP B 6 -6.88 -1.91 -2.63
N THR A 10 -14.04 18.68 8.59
CA THR A 10 -15.01 18.15 7.65
C THR A 10 -15.17 16.65 7.81
N ASP A 11 -16.40 16.17 7.71
CA ASP A 11 -16.68 14.74 7.65
C ASP A 11 -16.07 14.19 6.37
N PRO A 12 -16.14 12.87 6.12
CA PRO A 12 -15.84 12.35 4.80
C PRO A 12 -16.61 13.13 3.76
N PRO A 13 -15.94 13.57 2.69
CA PRO A 13 -16.60 14.25 1.59
C PRO A 13 -17.79 13.45 1.12
N ALA A 14 -18.67 14.08 0.43
CA ALA A 14 -19.92 13.48 0.11
C ALA A 14 -19.79 12.41 -0.98
N ASP A 15 -20.95 11.85 -1.32
CA ASP A 15 -21.15 10.81 -2.34
C ASP A 15 -20.26 11.04 -3.58
N GLY A 16 -20.85 11.55 -4.66
CA GLY A 16 -20.13 11.84 -5.90
C GLY A 16 -18.63 12.05 -5.73
N ALA A 17 -18.23 12.89 -4.77
CA ALA A 17 -16.81 13.13 -4.48
C ALA A 17 -16.11 11.84 -4.05
N LEU A 18 -16.63 11.20 -3.02
CA LEU A 18 -16.09 9.96 -2.48
C LEU A 18 -15.99 8.87 -3.54
N LYS A 19 -17.10 8.62 -4.20
CA LYS A 19 -17.16 7.53 -5.17
C LYS A 19 -16.34 7.88 -6.41
N ARG A 20 -16.19 9.17 -6.69
CA ARG A 20 -15.37 9.59 -7.81
C ARG A 20 -13.91 9.32 -7.50
N ALA A 21 -13.56 9.49 -6.23
CA ALA A 21 -12.24 9.15 -5.79
C ALA A 21 -12.02 7.66 -5.97
N GLU A 22 -13.09 6.91 -5.78
CA GLU A 22 -13.09 5.48 -5.98
C GLU A 22 -13.04 5.17 -7.48
N GLU A 23 -13.62 6.06 -8.27
CA GLU A 23 -13.60 5.92 -9.72
C GLU A 23 -12.21 6.17 -10.24
N LEU A 24 -11.54 7.14 -9.65
CA LEU A 24 -10.16 7.42 -10.02
C LEU A 24 -9.26 6.26 -9.64
N LYS A 25 -9.62 5.57 -8.56
CA LYS A 25 -8.92 4.35 -8.18
C LYS A 25 -9.20 3.26 -9.21
N THR A 26 -10.42 3.29 -9.74
CA THR A 26 -10.84 2.33 -10.75
C THR A 26 -10.16 2.65 -12.09
N GLN A 27 -10.18 3.92 -12.46
CA GLN A 27 -9.46 4.38 -13.65
C GLN A 27 -7.97 4.12 -13.52
N ALA A 28 -7.42 4.36 -12.34
CA ALA A 28 -6.03 4.11 -12.09
C ALA A 28 -5.72 2.62 -12.09
N ASN A 29 -6.73 1.81 -11.74
CA ASN A 29 -6.64 0.36 -11.89
C ASN A 29 -6.55 0.02 -13.37
N ASP A 30 -7.26 0.80 -14.18
CA ASP A 30 -7.22 0.66 -15.62
C ASP A 30 -5.83 0.96 -16.12
N TYR A 31 -5.22 1.99 -15.54
CA TYR A 31 -3.85 2.35 -15.87
C TYR A 31 -2.87 1.33 -15.31
N PHE A 32 -3.17 0.79 -14.15
CA PHE A 32 -2.35 -0.24 -13.54
C PHE A 32 -2.25 -1.45 -14.47
N LYS A 33 -3.39 -1.90 -14.98
CA LYS A 33 -3.42 -3.01 -15.91
C LYS A 33 -3.02 -2.57 -17.31
N ALA A 34 -2.96 -1.25 -17.51
CA ALA A 34 -2.47 -0.69 -18.77
C ALA A 34 -0.96 -0.49 -18.71
N LYS A 35 -0.39 -0.79 -17.54
CA LYS A 35 1.06 -0.72 -17.31
C LYS A 35 1.52 0.73 -17.19
N ASP A 36 0.58 1.62 -16.93
CA ASP A 36 0.90 3.04 -16.73
C ASP A 36 0.70 3.40 -15.27
N TYR A 37 1.74 3.21 -14.48
CA TYR A 37 1.66 3.39 -13.05
C TYR A 37 1.84 4.85 -12.67
N GLU A 38 2.22 5.67 -13.64
CA GLU A 38 2.41 7.08 -13.40
C GLU A 38 1.11 7.82 -13.42
N ASN A 39 0.31 7.58 -14.44
CA ASN A 39 -0.97 8.18 -14.49
C ASN A 39 -1.82 7.61 -13.37
N ALA A 40 -1.58 6.34 -13.05
CA ALA A 40 -2.20 5.70 -11.89
C ALA A 40 -1.87 6.50 -10.62
N ILE A 41 -0.58 6.75 -10.41
CA ILE A 41 -0.11 7.57 -9.28
C ILE A 41 -0.90 8.88 -9.21
N LYS A 42 -1.04 9.52 -10.34
CA LYS A 42 -1.79 10.76 -10.45
C LYS A 42 -3.25 10.56 -10.04
N PHE A 43 -3.91 9.60 -10.67
CA PHE A 43 -5.33 9.37 -10.43
C PHE A 43 -5.59 8.94 -8.99
N TYR A 44 -4.61 8.27 -8.36
CA TYR A 44 -4.71 7.97 -6.95
C TYR A 44 -4.61 9.27 -6.13
N SER A 45 -3.69 10.13 -6.55
CA SER A 45 -3.50 11.41 -5.89
C SER A 45 -4.75 12.26 -6.03
N GLN A 46 -5.32 12.25 -7.22
CA GLN A 46 -6.53 12.99 -7.51
C GLN A 46 -7.71 12.46 -6.70
N ALA A 47 -7.67 11.17 -6.36
CA ALA A 47 -8.66 10.57 -5.48
C ALA A 47 -8.52 11.14 -4.07
N ILE A 48 -7.30 11.53 -3.72
CA ILE A 48 -7.01 12.14 -2.42
C ILE A 48 -7.32 13.64 -2.46
N GLU A 49 -7.53 14.14 -3.65
CA GLU A 49 -8.01 15.49 -3.83
C GLU A 49 -9.52 15.52 -3.64
N LEU A 50 -10.13 14.36 -3.83
CA LEU A 50 -11.57 14.19 -3.63
C LEU A 50 -11.87 13.77 -2.20
N ASN A 51 -11.30 12.65 -1.75
CA ASN A 51 -11.42 12.29 -0.33
C ASN A 51 -10.04 12.47 0.29
N PRO A 52 -9.90 12.50 1.62
CA PRO A 52 -8.59 12.46 2.25
C PRO A 52 -8.26 11.14 2.97
N SER A 53 -9.06 10.83 3.98
CA SER A 53 -8.76 9.80 4.95
C SER A 53 -9.16 8.42 4.45
N ASN A 54 -8.50 7.98 3.39
CA ASN A 54 -8.65 6.62 2.92
C ASN A 54 -7.30 5.96 2.78
N ALA A 55 -6.97 5.09 3.73
CA ALA A 55 -5.76 4.31 3.66
C ALA A 55 -5.75 3.50 2.38
N ILE A 56 -6.94 3.23 1.88
CA ILE A 56 -7.15 2.59 0.59
C ILE A 56 -6.34 3.30 -0.50
N TYR A 57 -6.55 4.60 -0.64
CA TYR A 57 -5.93 5.37 -1.72
C TYR A 57 -4.43 5.52 -1.49
N TYR A 58 -4.02 5.55 -0.24
CA TYR A 58 -2.59 5.64 0.08
C TYR A 58 -1.93 4.26 -0.01
N GLY A 59 -2.73 3.21 0.03
CA GLY A 59 -2.22 1.87 -0.10
C GLY A 59 -1.90 1.54 -1.54
N ASN A 60 -2.81 1.89 -2.43
CA ASN A 60 -2.60 1.61 -3.85
C ASN A 60 -1.68 2.63 -4.52
N ARG A 61 -1.52 3.81 -3.92
CA ARG A 61 -0.61 4.80 -4.50
C ARG A 61 0.83 4.45 -4.14
N SER A 62 1.06 4.06 -2.88
CA SER A 62 2.36 3.57 -2.49
C SER A 62 2.74 2.35 -3.32
N LEU A 63 1.74 1.53 -3.62
CA LEU A 63 1.90 0.40 -4.53
C LEU A 63 2.32 0.88 -5.92
N ALA A 64 1.76 1.98 -6.36
CA ALA A 64 2.12 2.56 -7.66
C ALA A 64 3.55 3.08 -7.62
N TYR A 65 3.91 3.72 -6.51
CA TYR A 65 5.29 4.15 -6.29
C TYR A 65 6.21 2.92 -6.20
N LEU A 66 5.69 1.84 -5.64
CA LEU A 66 6.40 0.59 -5.56
C LEU A 66 6.69 0.01 -6.95
N ARG A 67 5.73 0.17 -7.85
CA ARG A 67 5.91 -0.27 -9.24
C ARG A 67 6.97 0.59 -9.94
N THR A 68 7.04 1.85 -9.53
CA THR A 68 7.89 2.82 -10.18
C THR A 68 9.19 3.03 -9.40
N GLU A 69 9.59 2.00 -8.63
CA GLU A 69 10.82 1.99 -7.81
C GLU A 69 10.98 3.26 -6.95
N CYS A 70 9.85 3.85 -6.63
CA CYS A 70 9.79 5.05 -5.82
C CYS A 70 9.55 4.70 -4.36
N TYR A 71 10.15 3.59 -3.95
CA TYR A 71 9.94 3.01 -2.61
C TYR A 71 10.04 4.04 -1.49
N GLY A 72 10.83 5.09 -1.69
CA GLY A 72 10.90 6.16 -0.70
C GLY A 72 9.54 6.79 -0.48
N TYR A 73 8.90 7.18 -1.57
CA TYR A 73 7.53 7.68 -1.53
C TYR A 73 6.59 6.61 -1.04
N ALA A 74 6.80 5.39 -1.51
CA ALA A 74 5.95 4.26 -1.15
C ALA A 74 5.91 4.05 0.35
N LEU A 75 7.08 4.03 0.98
CA LEU A 75 7.19 3.84 2.42
C LEU A 75 6.44 4.95 3.15
N ASN A 76 6.63 6.18 2.70
CA ASN A 76 5.99 7.34 3.33
C ASN A 76 4.48 7.31 3.11
N ASP A 77 4.09 6.97 1.89
CA ASP A 77 2.68 6.98 1.49
C ASP A 77 1.89 5.92 2.26
N ALA A 78 2.47 4.73 2.36
CA ALA A 78 1.83 3.63 3.08
C ALA A 78 1.77 3.91 4.57
N THR A 79 2.73 4.67 5.09
CA THR A 79 2.72 5.06 6.48
C THR A 79 1.61 6.08 6.73
N ARG A 80 1.34 6.89 5.72
CA ARG A 80 0.23 7.83 5.79
C ARG A 80 -1.10 7.08 5.85
N ALA A 81 -1.14 5.90 5.21
CA ALA A 81 -2.31 5.04 5.28
C ALA A 81 -2.54 4.59 6.72
N ILE A 82 -1.46 4.16 7.38
CA ILE A 82 -1.52 3.78 8.79
C ILE A 82 -2.07 4.93 9.63
N GLU A 83 -1.82 6.15 9.19
CA GLU A 83 -2.29 7.33 9.89
C GLU A 83 -3.76 7.59 9.63
N LEU A 84 -4.26 7.14 8.50
CA LEU A 84 -5.66 7.30 8.15
C LEU A 84 -6.48 6.14 8.69
N ASP A 85 -5.85 4.97 8.69
CA ASP A 85 -6.45 3.75 9.20
C ASP A 85 -5.38 3.03 9.97
N LYS A 86 -5.40 3.22 11.28
CA LYS A 86 -4.34 2.75 12.16
C LYS A 86 -4.13 1.26 11.99
N LYS A 87 -5.20 0.53 11.73
CA LYS A 87 -4.99 -0.82 11.25
C LYS A 87 -5.55 -0.94 9.84
N TYR A 88 -4.64 -0.91 8.90
CA TYR A 88 -4.90 -1.18 7.51
C TYR A 88 -3.78 -2.07 7.03
N ILE A 89 -3.98 -3.36 7.22
CA ILE A 89 -2.94 -4.36 7.07
C ILE A 89 -2.34 -4.38 5.68
N LYS A 90 -3.16 -4.11 4.68
CA LYS A 90 -2.68 -4.05 3.31
C LYS A 90 -1.65 -2.93 3.17
N GLY A 91 -1.85 -1.87 3.96
CA GLY A 91 -0.94 -0.74 3.94
C GLY A 91 0.31 -1.02 4.74
N TYR A 92 0.13 -1.71 5.87
CA TYR A 92 1.28 -2.23 6.62
C TYR A 92 2.16 -3.04 5.69
N TYR A 93 1.51 -3.90 4.93
CA TYR A 93 2.17 -4.76 3.96
C TYR A 93 2.89 -3.93 2.89
N ARG A 94 2.28 -2.82 2.50
CA ARG A 94 2.88 -1.93 1.51
C ARG A 94 4.15 -1.28 2.05
N ARG A 95 4.09 -0.72 3.26
CA ARG A 95 5.26 -0.09 3.85
C ARG A 95 6.30 -1.14 4.22
N ALA A 96 5.83 -2.33 4.61
CA ALA A 96 6.73 -3.45 4.84
C ALA A 96 7.55 -3.75 3.59
N ALA A 97 6.86 -3.77 2.45
CA ALA A 97 7.49 -4.07 1.17
C ALA A 97 8.41 -2.93 0.77
N SER A 98 8.03 -1.72 1.15
CA SER A 98 8.85 -0.55 0.86
C SER A 98 10.16 -0.65 1.64
N ASN A 99 10.09 -1.05 2.91
CA ASN A 99 11.28 -1.22 3.74
C ASN A 99 12.11 -2.37 3.22
N MET A 100 11.45 -3.44 2.84
CA MET A 100 12.11 -4.61 2.30
C MET A 100 12.89 -4.23 1.03
N ALA A 101 12.23 -3.48 0.15
CA ALA A 101 12.85 -3.05 -1.10
C ALA A 101 13.95 -2.03 -0.86
N LEU A 102 13.77 -1.18 0.16
CA LEU A 102 14.77 -0.16 0.49
C LEU A 102 16.04 -0.78 1.05
N GLY A 103 15.92 -1.98 1.61
CA GLY A 103 17.10 -2.67 2.09
C GLY A 103 17.06 -2.93 3.59
N LYS A 104 16.01 -2.46 4.24
CA LYS A 104 15.87 -2.67 5.68
C LYS A 104 14.86 -3.78 5.96
N PHE A 105 15.36 -5.01 5.94
CA PHE A 105 14.52 -6.19 6.06
C PHE A 105 14.00 -6.40 7.48
N ARG A 106 14.76 -5.97 8.48
CA ARG A 106 14.31 -6.13 9.86
C ARG A 106 13.09 -5.27 10.15
N ALA A 107 13.10 -4.04 9.64
CA ALA A 107 11.96 -3.16 9.76
C ALA A 107 10.77 -3.75 9.03
N ALA A 108 11.04 -4.24 7.82
CA ALA A 108 10.02 -4.86 7.00
C ALA A 108 9.44 -6.06 7.72
N LEU A 109 10.31 -6.80 8.38
CA LEU A 109 9.91 -7.99 9.12
C LEU A 109 8.92 -7.64 10.22
N ARG A 110 9.10 -6.50 10.85
CA ARG A 110 8.22 -6.08 11.92
C ARG A 110 6.83 -5.84 11.40
N ASP A 111 6.75 -5.19 10.23
CA ASP A 111 5.47 -4.92 9.62
C ASP A 111 4.86 -6.20 9.07
N TYR A 112 5.68 -7.02 8.38
CA TYR A 112 5.22 -8.32 7.90
C TYR A 112 4.73 -9.18 9.05
N GLU A 113 5.46 -9.14 10.15
CA GLU A 113 5.10 -9.90 11.33
C GLU A 113 3.77 -9.42 11.87
N THR A 114 3.62 -8.12 11.97
CA THR A 114 2.37 -7.52 12.41
C THR A 114 1.22 -7.92 11.48
N VAL A 115 1.51 -7.95 10.18
CA VAL A 115 0.54 -8.40 9.18
C VAL A 115 0.10 -9.83 9.46
N VAL A 116 1.06 -10.69 9.80
CA VAL A 116 0.79 -12.10 10.04
C VAL A 116 0.30 -12.34 11.48
N LYS A 117 0.30 -11.29 12.29
CA LYS A 117 -0.30 -11.35 13.61
C LYS A 117 -1.80 -11.13 13.50
N VAL A 118 -2.18 -10.32 12.52
CA VAL A 118 -3.59 -9.98 12.31
C VAL A 118 -4.28 -11.04 11.45
N LYS A 119 -3.56 -11.54 10.44
CA LYS A 119 -4.09 -12.62 9.63
C LYS A 119 -3.02 -13.69 9.40
N PRO A 120 -2.76 -14.51 10.44
CA PRO A 120 -1.77 -15.58 10.41
C PRO A 120 -2.16 -16.67 9.42
N HIS A 121 -3.46 -16.80 9.20
CA HIS A 121 -3.99 -17.82 8.31
C HIS A 121 -3.87 -17.41 6.85
N ASP A 122 -3.35 -16.22 6.61
CA ASP A 122 -3.32 -15.68 5.27
C ASP A 122 -1.99 -15.90 4.58
N LYS A 123 -2.08 -16.50 3.38
CA LYS A 123 -0.93 -16.78 2.52
C LYS A 123 -0.10 -15.52 2.24
N ASP A 124 -0.79 -14.42 1.97
CA ASP A 124 -0.14 -13.17 1.60
C ASP A 124 0.71 -12.67 2.76
N ALA A 125 0.17 -12.79 3.96
CA ALA A 125 0.90 -12.43 5.17
C ALA A 125 2.07 -13.37 5.40
N LYS A 126 1.78 -14.68 5.34
CA LYS A 126 2.83 -15.68 5.53
C LYS A 126 3.97 -15.46 4.56
N MET A 127 3.66 -15.57 3.27
CA MET A 127 4.67 -15.61 2.21
C MET A 127 5.81 -14.63 2.44
N LYS A 128 5.48 -13.37 2.66
CA LYS A 128 6.50 -12.35 2.80
C LYS A 128 7.04 -12.26 4.22
N TYR A 129 6.26 -12.70 5.20
CA TYR A 129 6.75 -12.79 6.57
C TYR A 129 7.90 -13.79 6.63
N GLN A 130 7.63 -14.98 6.11
CA GLN A 130 8.61 -16.06 6.13
C GLN A 130 9.77 -15.69 5.24
N GLU A 131 9.43 -15.08 4.12
CA GLU A 131 10.41 -14.58 3.17
C GLU A 131 11.36 -13.59 3.84
N CYS A 132 10.82 -12.63 4.58
CA CYS A 132 11.65 -11.65 5.24
C CYS A 132 12.37 -12.27 6.43
N ASN A 133 11.67 -13.14 7.15
CA ASN A 133 12.23 -13.83 8.31
C ASN A 133 13.48 -14.60 7.90
N LYS A 134 13.36 -15.42 6.87
CA LYS A 134 14.51 -16.17 6.39
C LYS A 134 15.60 -15.23 5.90
N ILE A 135 15.20 -14.16 5.21
CA ILE A 135 16.16 -13.21 4.64
C ILE A 135 16.95 -12.49 5.72
N VAL A 136 16.29 -12.17 6.83
CA VAL A 136 16.98 -11.62 7.98
C VAL A 136 18.09 -12.58 8.43
N LYS A 137 17.79 -13.88 8.39
CA LYS A 137 18.76 -14.89 8.78
C LYS A 137 19.80 -15.11 7.69
N GLN A 138 19.43 -14.79 6.46
CA GLN A 138 20.39 -14.81 5.36
C GLN A 138 21.47 -13.78 5.63
N LYS A 139 21.07 -12.76 6.36
CA LYS A 139 21.96 -11.67 6.71
C LYS A 139 22.65 -11.91 8.05
N ALA A 140 21.85 -11.95 9.11
CA ALA A 140 22.38 -12.09 10.46
C ALA A 140 21.75 -13.26 11.18
N MET B 2 -11.59 -9.31 -9.74
CA MET B 2 -11.42 -9.24 -8.29
C MET B 2 -10.58 -8.03 -7.91
N GLU B 3 -11.20 -6.87 -7.97
CA GLU B 3 -10.50 -5.61 -7.81
C GLU B 3 -10.27 -5.24 -6.35
N GLU B 4 -9.07 -5.53 -5.86
CA GLU B 4 -8.60 -4.94 -4.63
C GLU B 4 -7.87 -3.66 -4.97
N VAL B 5 -6.90 -3.81 -5.88
CA VAL B 5 -6.00 -2.73 -6.29
C VAL B 5 -5.02 -2.40 -5.17
N ASP B 6 -5.54 -1.87 -4.07
CA ASP B 6 -4.73 -1.54 -2.92
C ASP B 6 -4.43 -2.79 -2.10
#